data_4I4L
#
_entry.id   4I4L
#
_cell.length_a   55.942
_cell.length_b   181.903
_cell.length_c   201.378
_cell.angle_alpha   90.000
_cell.angle_beta   90.000
_cell.angle_gamma   90.000
#
_symmetry.space_group_name_H-M   'P 21 21 21'
#
loop_
_entity.id
_entity.type
_entity.pdbx_description
1 polymer 'ATP-dependent Clp protease ATP-binding subunit ClpX'
2 non-polymer "ADENOSINE-5'-DIPHOSPHATE"
3 non-polymer 'SULFATE ION'
#
_entity_poly.entity_id   1
_entity_poly.type   'polypeptide(L)'
_entity_poly.pdbx_seq_one_letter_code
;SALPTPHEIRNHLDDYVIGQEQAKKVLAVAVYNHYKRLRNGDTSNGVELGKSNILLIGPTGSGKTLLAETLARLLDVPFT
MADATTLTEAGYVGEDVENIIQKLLQKCDYDVQKAQRGIVYIDEIDKISRKSDNPSITRDVSGEGVQQALLKLIEGTVAA
VPPQGGRKHPQQEFLQVDTSKILFICGGAFAGLDKVISHRVETGSGIGFGATVKAKSDKASEGELLAQVEPEDLIKFGLI
PEFIGRLPVVATLNELSEEALIQILKEPKNALTKQYQALFNLEGVDLEFRDEALDAIAKKAMARKTGARGLRSIVEAALL
DTMYDLPSMEDVEKVVIDESVIDGQSEPLLIYGKPEAQQASGE
;
_entity_poly.pdbx_strand_id   A,B,C,D,E,F
#
loop_
_chem_comp.id
_chem_comp.type
_chem_comp.name
_chem_comp.formula
ADP non-polymer ADENOSINE-5'-DIPHOSPHATE 'C10 H15 N5 O10 P2'
SO4 non-polymer 'SULFATE ION' 'O4 S -2'
#
# COMPACT_ATOMS: atom_id res chain seq x y z
N ALA A 2 42.62 -18.16 -15.38
CA ALA A 2 42.27 -19.58 -15.34
C ALA A 2 41.28 -19.87 -14.23
N LEU A 3 40.08 -20.30 -14.61
CA LEU A 3 39.03 -20.62 -13.64
C LEU A 3 39.40 -21.79 -12.74
N PRO A 4 39.04 -21.69 -11.45
CA PRO A 4 39.28 -22.76 -10.48
C PRO A 4 38.26 -23.89 -10.65
N THR A 5 38.75 -25.12 -10.81
CA THR A 5 37.87 -26.27 -10.91
C THR A 5 37.03 -26.41 -9.64
N PRO A 6 35.83 -26.97 -9.77
CA PRO A 6 34.92 -27.18 -8.63
C PRO A 6 35.64 -27.87 -7.48
N HIS A 7 36.61 -28.72 -7.79
CA HIS A 7 37.42 -29.38 -6.78
C HIS A 7 38.19 -28.36 -5.94
N GLU A 8 38.86 -27.42 -6.62
CA GLU A 8 39.64 -26.40 -5.94
C GLU A 8 38.73 -25.44 -5.18
N ILE A 9 37.58 -25.10 -5.75
CA ILE A 9 36.64 -24.21 -5.11
C ILE A 9 36.15 -24.78 -3.78
N ARG A 10 35.69 -26.03 -3.80
CA ARG A 10 35.23 -26.71 -2.60
C ARG A 10 36.36 -26.85 -1.60
N ASN A 11 37.58 -27.10 -2.09
CA ASN A 11 38.74 -27.26 -1.23
C ASN A 11 39.03 -26.02 -0.41
N HIS A 12 38.97 -24.85 -1.05
CA HIS A 12 39.23 -23.60 -0.36
C HIS A 12 38.07 -23.21 0.57
N LEU A 13 36.90 -23.76 0.30
CA LEU A 13 35.74 -23.53 1.16
C LEU A 13 35.86 -24.31 2.46
N ASP A 14 36.65 -25.39 2.43
CA ASP A 14 36.88 -26.20 3.61
C ASP A 14 37.75 -25.46 4.62
N ASP A 15 38.43 -24.42 4.16
CA ASP A 15 39.32 -23.64 5.01
C ASP A 15 38.56 -22.59 5.81
N TYR A 16 37.46 -22.10 5.25
CA TYR A 16 36.70 -21.03 5.88
C TYR A 16 35.42 -21.57 6.56
N VAL A 17 34.86 -22.63 6.00
CA VAL A 17 33.63 -23.21 6.53
C VAL A 17 33.79 -24.69 6.84
N ILE A 18 33.25 -25.11 7.99
CA ILE A 18 33.31 -26.51 8.39
C ILE A 18 32.01 -27.23 8.06
N GLY A 19 32.12 -28.49 7.65
CA GLY A 19 30.95 -29.28 7.31
C GLY A 19 30.26 -28.75 6.06
N GLN A 20 28.98 -29.08 5.93
CA GLN A 20 28.19 -28.63 4.78
C GLN A 20 28.84 -29.09 3.47
N GLU A 21 29.46 -30.26 3.49
CA GLU A 21 30.20 -30.76 2.33
C GLU A 21 29.34 -30.86 1.07
N GLN A 22 28.07 -31.22 1.24
CA GLN A 22 27.16 -31.32 0.10
C GLN A 22 26.78 -29.96 -0.44
N ALA A 23 26.47 -29.03 0.45
CA ALA A 23 26.10 -27.67 0.06
C ALA A 23 27.25 -27.00 -0.68
N LYS A 24 28.47 -27.25 -0.22
CA LYS A 24 29.67 -26.69 -0.84
C LYS A 24 29.96 -27.36 -2.17
N LYS A 25 29.63 -28.64 -2.28
CA LYS A 25 29.77 -29.36 -3.54
C LYS A 25 28.83 -28.78 -4.58
N VAL A 26 27.66 -28.33 -4.12
CA VAL A 26 26.66 -27.74 -4.99
C VAL A 26 27.05 -26.34 -5.42
N LEU A 27 27.52 -25.54 -4.45
CA LEU A 27 27.93 -24.18 -4.74
C LEU A 27 29.14 -24.15 -5.67
N ALA A 28 30.07 -25.09 -5.46
CA ALA A 28 31.26 -25.17 -6.29
C ALA A 28 30.90 -25.35 -7.77
N VAL A 29 29.98 -26.27 -8.04
CA VAL A 29 29.54 -26.52 -9.41
C VAL A 29 28.74 -25.34 -9.95
N ALA A 30 27.81 -24.83 -9.15
CA ALA A 30 26.97 -23.70 -9.56
C ALA A 30 27.82 -22.49 -9.92
N VAL A 31 28.76 -22.15 -9.04
CA VAL A 31 29.64 -21.02 -9.26
C VAL A 31 30.54 -21.23 -10.47
N TYR A 32 31.12 -22.42 -10.57
CA TYR A 32 32.00 -22.75 -11.69
C TYR A 32 31.26 -22.60 -13.02
N ASN A 33 30.08 -23.21 -13.11
CA ASN A 33 29.28 -23.14 -14.33
C ASN A 33 28.86 -21.71 -14.66
N HIS A 34 28.65 -20.90 -13.63
CA HIS A 34 28.25 -19.52 -13.83
C HIS A 34 29.31 -18.70 -14.55
N TYR A 35 30.55 -18.77 -14.07
CA TYR A 35 31.65 -18.03 -14.67
C TYR A 35 32.20 -18.74 -15.91
N LYS A 36 32.00 -20.06 -15.98
CA LYS A 36 32.39 -20.81 -17.16
C LYS A 36 31.48 -20.43 -18.32
N ARG A 37 30.35 -19.81 -17.98
CA ARG A 37 29.40 -19.34 -18.97
C ARG A 37 29.70 -17.91 -19.37
N LEU A 38 30.22 -17.14 -18.42
CA LEU A 38 30.53 -15.73 -18.66
C LEU A 38 31.83 -15.57 -19.45
N ARG A 39 32.83 -16.37 -19.14
CA ARG A 39 34.12 -16.29 -19.82
C ARG A 39 34.05 -16.86 -21.23
N ASN A 40 32.93 -17.49 -21.57
CA ASN A 40 32.74 -18.04 -22.91
C ASN A 40 31.56 -17.38 -23.63
N GLY A 41 31.10 -16.27 -23.07
CA GLY A 41 30.00 -15.52 -23.66
C GLY A 41 28.78 -16.37 -23.96
N ASP A 42 28.40 -17.21 -23.01
CA ASP A 42 27.26 -18.11 -23.17
C ASP A 42 27.42 -18.99 -24.39
N THR A 43 26.58 -18.77 -25.40
CA THR A 43 26.63 -19.54 -26.64
C THR A 43 26.54 -18.61 -27.85
N GLU A 48 21.28 -22.28 -25.78
CA GLU A 48 20.74 -22.08 -24.44
C GLU A 48 21.82 -22.19 -23.37
N LEU A 49 21.49 -21.77 -22.15
CA LEU A 49 22.42 -21.83 -21.03
C LEU A 49 21.70 -21.48 -19.74
N GLY A 50 21.80 -22.35 -18.74
CA GLY A 50 21.15 -22.13 -17.46
C GLY A 50 21.72 -20.93 -16.72
N LYS A 51 20.83 -20.13 -16.15
CA LYS A 51 21.23 -18.96 -15.39
C LYS A 51 22.15 -19.34 -14.25
N SER A 52 21.86 -20.48 -13.64
CA SER A 52 22.68 -21.02 -12.56
C SER A 52 22.66 -20.11 -11.33
N ASN A 53 21.46 -19.71 -10.89
CA ASN A 53 21.31 -18.95 -9.67
C ASN A 53 21.05 -19.85 -8.47
N ILE A 54 21.54 -19.44 -7.30
CA ILE A 54 21.53 -20.30 -6.13
C ILE A 54 20.53 -19.85 -5.06
N LEU A 55 19.99 -20.83 -4.34
CA LEU A 55 19.09 -20.57 -3.22
C LEU A 55 19.57 -21.32 -1.98
N LEU A 56 20.10 -20.58 -1.01
CA LEU A 56 20.60 -21.20 0.22
C LEU A 56 19.49 -21.37 1.26
N ILE A 57 19.42 -22.57 1.82
CA ILE A 57 18.42 -22.88 2.84
C ILE A 57 19.07 -23.54 4.04
N GLY A 58 19.20 -22.80 5.13
CA GLY A 58 19.82 -23.31 6.34
C GLY A 58 19.47 -22.49 7.57
N PRO A 59 19.57 -23.11 8.75
CA PRO A 59 19.28 -22.47 10.04
C PRO A 59 20.11 -21.19 10.22
N THR A 60 19.68 -20.34 11.14
CA THR A 60 20.40 -19.09 11.40
C THR A 60 21.74 -19.36 12.06
N GLY A 61 22.81 -18.94 11.40
CA GLY A 61 24.15 -19.16 11.91
C GLY A 61 24.74 -20.47 11.43
N SER A 62 24.25 -20.95 10.29
CA SER A 62 24.74 -22.19 9.70
C SER A 62 25.90 -21.91 8.75
N GLY A 63 26.03 -20.64 8.36
CA GLY A 63 27.14 -20.23 7.51
C GLY A 63 26.71 -19.82 6.11
N LYS A 64 25.44 -19.48 5.95
CA LYS A 64 24.92 -19.07 4.65
C LYS A 64 25.65 -17.83 4.14
N THR A 65 25.73 -16.80 4.98
CA THR A 65 26.39 -15.56 4.61
C THR A 65 27.89 -15.76 4.43
N LEU A 66 28.48 -16.54 5.32
CA LEU A 66 29.93 -16.80 5.26
C LEU A 66 30.33 -17.47 3.96
N LEU A 67 29.51 -18.43 3.52
CA LEU A 67 29.77 -19.13 2.26
C LEU A 67 29.74 -18.16 1.08
N ALA A 68 28.77 -17.25 1.08
CA ALA A 68 28.63 -16.29 -0.01
C ALA A 68 29.85 -15.39 -0.14
N GLU A 69 30.29 -14.83 0.99
CA GLU A 69 31.46 -13.95 1.00
C GLU A 69 32.71 -14.67 0.50
N THR A 70 32.91 -15.89 1.00
CA THR A 70 34.09 -16.68 0.64
C THR A 70 34.18 -16.93 -0.86
N LEU A 71 33.05 -17.29 -1.46
CA LEU A 71 33.02 -17.56 -2.89
C LEU A 71 33.47 -16.35 -3.70
N ALA A 72 33.25 -15.15 -3.15
CA ALA A 72 33.67 -13.92 -3.81
C ALA A 72 35.18 -13.71 -3.67
N ARG A 73 35.69 -13.90 -2.46
CA ARG A 73 37.11 -13.73 -2.20
C ARG A 73 37.96 -14.74 -2.96
N LEU A 74 37.42 -15.95 -3.11
CA LEU A 74 38.14 -17.01 -3.82
C LEU A 74 38.22 -16.74 -5.32
N LEU A 75 37.41 -15.79 -5.78
CA LEU A 75 37.38 -15.45 -7.19
C LEU A 75 37.66 -13.96 -7.41
N ASP A 76 38.26 -13.33 -6.41
CA ASP A 76 38.54 -11.89 -6.44
C ASP A 76 37.43 -11.12 -7.16
N VAL A 77 36.19 -11.42 -6.78
CA VAL A 77 35.03 -10.82 -7.40
C VAL A 77 34.26 -9.93 -6.43
N PRO A 78 33.83 -8.75 -6.89
CA PRO A 78 33.08 -7.79 -6.08
C PRO A 78 31.85 -8.43 -5.45
N PHE A 79 31.72 -8.30 -4.14
CA PHE A 79 30.60 -8.90 -3.41
C PHE A 79 29.81 -7.85 -2.66
N THR A 80 28.49 -8.04 -2.61
CA THR A 80 27.61 -7.12 -1.89
C THR A 80 26.40 -7.85 -1.31
N MET A 81 25.99 -7.46 -0.11
CA MET A 81 24.84 -8.08 0.55
C MET A 81 23.60 -7.20 0.45
N ALA A 82 22.49 -7.73 0.94
CA ALA A 82 21.22 -7.02 0.93
C ALA A 82 20.16 -7.87 1.62
N ASP A 83 19.39 -7.24 2.52
CA ASP A 83 18.35 -7.96 3.25
C ASP A 83 17.01 -7.81 2.54
N ALA A 84 16.33 -8.94 2.33
CA ALA A 84 15.04 -8.95 1.65
C ALA A 84 13.93 -8.34 2.49
N THR A 85 14.14 -8.27 3.80
CA THR A 85 13.14 -7.71 4.70
C THR A 85 13.08 -6.19 4.53
N THR A 86 14.15 -5.60 4.00
CA THR A 86 14.21 -4.15 3.84
C THR A 86 13.60 -3.75 2.50
N LEU A 87 13.09 -4.73 1.75
CA LEU A 87 12.52 -4.47 0.44
C LEU A 87 10.98 -4.46 0.49
N THR A 88 10.42 -5.27 1.37
CA THR A 88 8.97 -5.37 1.51
C THR A 88 8.35 -4.07 2.00
N ALA A 90 5.79 -2.03 -0.98
CA ALA A 90 6.52 -0.80 -1.26
C ALA A 90 6.77 -0.63 -2.76
N GLY A 91 6.45 0.55 -3.27
CA GLY A 91 6.65 0.84 -4.68
C GLY A 91 7.93 1.61 -4.92
N TYR A 92 8.28 2.48 -3.98
CA TYR A 92 9.51 3.26 -4.07
C TYR A 92 10.72 2.35 -3.89
N VAL A 93 10.49 1.16 -3.35
CA VAL A 93 11.57 0.19 -3.16
C VAL A 93 12.02 -0.38 -4.50
N GLY A 94 11.20 -0.19 -5.52
CA GLY A 94 11.57 -0.59 -6.87
C GLY A 94 12.80 0.17 -7.33
N GLU A 95 12.97 1.38 -6.81
CA GLU A 95 14.16 2.18 -7.10
C GLU A 95 15.25 1.93 -6.06
N ASP A 96 14.91 1.16 -5.03
CA ASP A 96 15.88 0.78 -4.00
C ASP A 96 16.47 -0.58 -4.36
N VAL A 97 15.80 -1.30 -5.27
CA VAL A 97 16.28 -2.57 -5.75
C VAL A 97 17.55 -2.38 -6.57
N GLU A 98 17.62 -1.25 -7.27
CA GLU A 98 18.79 -0.90 -8.06
C GLU A 98 19.92 -0.34 -7.21
N ASN A 99 19.59 0.00 -5.97
CA ASN A 99 20.61 0.46 -5.02
C ASN A 99 21.63 -0.64 -4.78
N ILE A 100 21.16 -1.88 -4.78
CA ILE A 100 22.05 -3.04 -4.61
C ILE A 100 23.11 -3.05 -5.71
N ILE A 101 22.80 -2.43 -6.84
CA ILE A 101 23.71 -2.39 -7.97
C ILE A 101 24.77 -1.30 -7.81
N GLN A 102 24.35 -0.11 -7.41
CA GLN A 102 25.28 1.00 -7.22
C GLN A 102 26.28 0.69 -6.12
N LYS A 103 25.86 -0.12 -5.15
CA LYS A 103 26.74 -0.55 -4.08
C LYS A 103 27.73 -1.60 -4.59
N LEU A 104 27.28 -2.41 -5.54
CA LEU A 104 28.13 -3.41 -6.17
C LEU A 104 29.20 -2.72 -7.00
N LEU A 105 28.85 -1.59 -7.60
CA LEU A 105 29.80 -0.79 -8.37
C LEU A 105 30.77 -0.07 -7.46
N GLN A 106 30.26 0.38 -6.31
CA GLN A 106 31.10 1.07 -5.34
C GLN A 106 32.30 0.24 -4.95
N LYS A 107 32.05 -1.02 -4.59
CA LYS A 107 33.12 -1.94 -4.20
C LYS A 107 33.80 -2.54 -5.44
N CYS A 108 33.42 -2.05 -6.61
CA CYS A 108 33.99 -2.53 -7.86
C CYS A 108 34.71 -1.41 -8.60
N ASP A 109 34.79 -0.25 -7.95
CA ASP A 109 35.43 0.92 -8.55
C ASP A 109 34.72 1.36 -9.83
N TYR A 110 33.41 1.11 -9.88
CA TYR A 110 32.57 1.54 -11.00
C TYR A 110 33.04 0.97 -12.33
N ASP A 111 33.55 -0.26 -12.31
CA ASP A 111 33.96 -0.96 -13.52
C ASP A 111 32.82 -1.85 -13.99
N VAL A 112 32.19 -1.47 -15.10
CA VAL A 112 31.01 -2.18 -15.60
C VAL A 112 31.26 -3.67 -15.82
N GLN A 113 32.41 -4.02 -16.40
CA GLN A 113 32.72 -5.40 -16.70
C GLN A 113 32.91 -6.25 -15.43
N LYS A 114 33.72 -5.75 -14.50
CA LYS A 114 33.96 -6.46 -13.24
C LYS A 114 32.71 -6.49 -12.38
N ALA A 115 31.85 -5.50 -12.54
CA ALA A 115 30.59 -5.44 -11.79
C ALA A 115 29.65 -6.54 -12.27
N GLN A 116 29.68 -6.82 -13.56
CA GLN A 116 28.85 -7.86 -14.14
C GLN A 116 29.32 -9.25 -13.71
N ARG A 117 30.56 -9.33 -13.24
CA ARG A 117 31.12 -10.59 -12.77
C ARG A 117 30.91 -10.74 -11.28
N GLY A 118 30.20 -9.78 -10.69
CA GLY A 118 29.99 -9.74 -9.26
C GLY A 118 28.99 -10.75 -8.72
N ILE A 119 28.92 -10.85 -7.40
CA ILE A 119 27.99 -11.75 -6.72
C ILE A 119 27.13 -10.98 -5.73
N VAL A 120 25.83 -11.24 -5.74
CA VAL A 120 24.91 -10.56 -4.84
C VAL A 120 24.18 -11.55 -3.95
N TYR A 121 24.22 -11.32 -2.64
CA TYR A 121 23.57 -12.20 -1.68
C TYR A 121 22.40 -11.51 -0.99
N ILE A 122 21.21 -12.09 -1.15
CA ILE A 122 20.02 -11.56 -0.50
C ILE A 122 19.61 -12.46 0.66
N ASP A 123 19.72 -11.92 1.88
CA ASP A 123 19.42 -12.68 3.09
C ASP A 123 17.94 -12.58 3.44
N GLU A 124 17.43 -13.59 4.15
CA GLU A 124 16.06 -13.58 4.64
C GLU A 124 15.03 -13.49 3.51
N ILE A 125 15.19 -14.33 2.50
CA ILE A 125 14.21 -14.41 1.42
C ILE A 125 12.93 -15.07 1.93
N ASP A 126 13.08 -15.96 2.90
CA ASP A 126 11.95 -16.66 3.49
C ASP A 126 11.00 -15.72 4.24
N LYS A 127 11.41 -14.46 4.37
CA LYS A 127 10.62 -13.49 5.12
C LYS A 127 9.63 -12.73 4.23
N ILE A 128 9.89 -12.72 2.92
CA ILE A 128 9.04 -11.99 1.99
C ILE A 128 8.02 -12.90 1.31
N SER A 129 7.92 -14.13 1.79
CA SER A 129 6.97 -15.09 1.26
C SER A 129 5.58 -14.90 1.84
N ARG A 130 4.67 -14.38 1.01
CA ARG A 130 3.29 -14.14 1.43
C ARG A 130 2.59 -15.44 1.79
N GLU A 144 4.75 -10.07 -1.53
CA GLU A 144 4.86 -10.70 -2.84
C GLU A 144 5.39 -9.72 -3.88
N GLY A 145 5.04 -8.44 -3.71
CA GLY A 145 5.46 -7.40 -4.63
C GLY A 145 6.96 -7.37 -4.86
N VAL A 146 7.71 -7.75 -3.83
CA VAL A 146 9.16 -7.79 -3.93
C VAL A 146 9.64 -8.99 -4.74
N GLN A 147 8.97 -10.13 -4.54
CA GLN A 147 9.32 -11.35 -5.25
C GLN A 147 9.33 -11.12 -6.76
N GLN A 148 8.45 -10.24 -7.22
CA GLN A 148 8.31 -9.97 -8.64
C GLN A 148 9.17 -8.78 -9.06
N ALA A 149 9.50 -7.92 -8.10
CA ALA A 149 10.36 -6.78 -8.37
C ALA A 149 11.81 -7.23 -8.48
N LEU A 150 12.28 -7.93 -7.46
CA LEU A 150 13.64 -8.48 -7.46
C LEU A 150 13.78 -9.50 -8.58
N LEU A 151 12.63 -9.98 -9.06
CA LEU A 151 12.58 -10.92 -10.17
C LEU A 151 13.15 -10.30 -11.43
N LYS A 152 12.82 -9.03 -11.67
CA LYS A 152 13.28 -8.33 -12.87
C LYS A 152 14.80 -8.33 -12.96
N LEU A 153 15.47 -8.32 -11.81
CA LEU A 153 16.93 -8.33 -11.77
C LEU A 153 17.51 -9.67 -12.23
N ILE A 154 16.97 -10.76 -11.68
CA ILE A 154 17.44 -12.10 -12.01
C ILE A 154 17.54 -12.32 -13.52
N GLU A 155 16.58 -11.76 -14.27
CA GLU A 155 16.61 -11.84 -15.73
C GLU A 155 17.71 -10.94 -16.29
N GLY A 156 17.65 -9.66 -15.95
CA GLY A 156 18.65 -8.70 -16.40
C GLY A 156 18.08 -7.60 -17.27
N THR A 157 18.33 -6.35 -16.87
CA THR A 157 17.85 -5.20 -17.62
C THR A 157 18.98 -4.19 -17.86
N ASP A 178 23.94 -4.47 -17.13
CA ASP A 178 22.87 -5.47 -17.09
C ASP A 178 23.03 -6.40 -15.89
N THR A 179 21.90 -6.87 -15.38
CA THR A 179 21.92 -7.76 -14.22
C THR A 179 21.79 -9.23 -14.63
N SER A 180 22.10 -9.51 -15.88
CA SER A 180 22.02 -10.88 -16.41
C SER A 180 23.28 -11.67 -16.12
N LYS A 181 24.39 -10.96 -15.93
CA LYS A 181 25.69 -11.60 -15.76
C LYS A 181 26.01 -11.91 -14.30
N ILE A 182 25.54 -11.04 -13.40
CA ILE A 182 25.86 -11.20 -11.98
C ILE A 182 25.16 -12.40 -11.36
N LEU A 183 25.87 -13.11 -10.49
CA LEU A 183 25.35 -14.27 -9.80
C LEU A 183 24.51 -13.86 -8.60
N PHE A 184 23.33 -14.47 -8.46
CA PHE A 184 22.44 -14.17 -7.35
C PHE A 184 22.29 -15.35 -6.39
N ILE A 185 22.65 -15.12 -5.13
CA ILE A 185 22.50 -16.13 -4.10
C ILE A 185 21.51 -15.66 -3.05
N CYS A 186 20.38 -16.36 -2.95
CA CYS A 186 19.34 -15.98 -2.00
C CYS A 186 19.31 -16.93 -0.80
N GLY A 187 19.58 -16.40 0.38
CA GLY A 187 19.59 -17.19 1.60
C GLY A 187 18.30 -17.09 2.38
N GLY A 188 18.17 -17.92 3.42
CA GLY A 188 16.98 -17.94 4.24
C GLY A 188 16.93 -19.17 5.14
N ALA A 189 16.26 -19.04 6.27
CA ALA A 189 16.14 -20.13 7.22
C ALA A 189 14.98 -21.07 6.87
N PHE A 190 13.89 -20.49 6.37
CA PHE A 190 12.71 -21.24 6.00
C PHE A 190 12.27 -22.17 7.13
N ALA A 191 11.66 -21.60 8.16
CA ALA A 191 11.23 -22.36 9.33
C ALA A 191 10.17 -23.39 8.99
N GLY A 192 9.09 -22.93 8.34
CA GLY A 192 7.97 -23.80 8.02
C GLY A 192 8.23 -24.77 6.89
N LEU A 193 9.32 -24.55 6.16
CA LEU A 193 9.66 -25.40 5.03
C LEU A 193 9.88 -26.85 5.44
N ASP A 194 10.38 -27.03 6.66
CA ASP A 194 10.63 -28.37 7.18
C ASP A 194 9.33 -29.13 7.38
N LYS A 195 8.23 -28.39 7.47
CA LYS A 195 6.93 -29.00 7.73
C LYS A 195 6.22 -29.38 6.44
N VAL A 196 6.21 -28.47 5.47
CA VAL A 196 5.55 -28.71 4.19
C VAL A 196 6.15 -29.91 3.46
N ILE A 197 7.48 -30.04 3.54
CA ILE A 197 8.15 -31.16 2.91
C ILE A 197 7.72 -32.49 3.54
N SER A 198 7.51 -32.47 4.85
CA SER A 198 7.10 -33.66 5.58
C SER A 198 5.68 -34.08 5.21
N HIS A 199 4.81 -33.11 5.00
CA HIS A 199 3.42 -33.39 4.64
C HIS A 199 3.32 -33.91 3.21
N ARG A 200 4.47 -34.02 2.56
CA ARG A 200 4.54 -34.48 1.18
C ARG A 200 5.32 -35.78 1.02
N VAL A 201 6.54 -35.79 1.57
CA VAL A 201 7.42 -36.95 1.45
C VAL A 201 6.91 -38.13 2.28
N GLU A 202 6.08 -37.83 3.28
CA GLU A 202 5.51 -38.85 4.15
C GLU A 202 4.95 -40.04 3.38
N THR A 203 4.93 -41.20 4.01
CA THR A 203 4.42 -42.41 3.38
C THR A 203 3.50 -43.19 4.31
N GLY A 204 2.21 -42.86 4.25
CA GLY A 204 1.20 -43.53 5.06
C GLY A 204 1.07 -42.92 6.45
N SER A 205 1.60 -43.61 7.45
CA SER A 205 1.53 -43.14 8.83
C SER A 205 2.31 -41.84 9.01
N ALA A 220 13.07 -38.87 9.58
CA ALA A 220 14.49 -38.71 9.86
C ALA A 220 14.80 -37.33 10.43
N SER A 221 16.04 -36.89 10.24
CA SER A 221 16.49 -35.58 10.73
C SER A 221 16.21 -34.49 9.70
N GLU A 222 16.32 -33.24 10.12
CA GLU A 222 16.05 -32.12 9.24
C GLU A 222 16.95 -32.13 8.00
N GLY A 223 18.17 -32.64 8.16
CA GLY A 223 19.11 -32.72 7.07
C GLY A 223 18.68 -33.68 5.98
N GLU A 224 17.84 -34.64 6.35
CA GLU A 224 17.36 -35.64 5.41
C GLU A 224 16.10 -35.14 4.69
N LEU A 225 15.32 -34.33 5.39
CA LEU A 225 14.07 -33.79 4.83
C LEU A 225 14.33 -32.65 3.86
N LEU A 226 15.27 -31.77 4.21
CA LEU A 226 15.61 -30.64 3.35
C LEU A 226 16.27 -31.10 2.06
N ALA A 227 16.75 -32.35 2.04
CA ALA A 227 17.34 -32.92 0.84
C ALA A 227 16.24 -33.28 -0.16
N GLN A 228 15.07 -33.60 0.37
CA GLN A 228 13.91 -33.94 -0.46
C GLN A 228 13.18 -32.69 -0.91
N VAL A 229 13.78 -31.54 -0.68
CA VAL A 229 13.16 -30.27 -1.04
C VAL A 229 12.86 -30.20 -2.53
N GLU A 230 11.71 -29.63 -2.87
CA GLU A 230 11.28 -29.50 -4.26
C GLU A 230 10.71 -28.12 -4.53
N PRO A 231 10.80 -27.66 -5.79
CA PRO A 231 10.29 -26.34 -6.18
C PRO A 231 8.83 -26.13 -5.77
N GLU A 232 8.06 -27.20 -5.72
CA GLU A 232 6.65 -27.11 -5.34
C GLU A 232 6.50 -26.88 -3.84
N ASP A 233 7.48 -27.33 -3.07
CA ASP A 233 7.46 -27.13 -1.63
C ASP A 233 7.63 -25.64 -1.30
N LEU A 234 8.50 -24.97 -2.04
CA LEU A 234 8.71 -23.54 -1.86
C LEU A 234 7.49 -22.75 -2.34
N ILE A 235 6.75 -23.35 -3.27
CA ILE A 235 5.52 -22.74 -3.77
C ILE A 235 4.49 -22.62 -2.66
N LYS A 236 4.22 -23.73 -1.98
CA LYS A 236 3.26 -23.75 -0.88
C LYS A 236 3.75 -22.90 0.29
N PHE A 237 5.07 -22.68 0.35
CA PHE A 237 5.67 -21.91 1.43
C PHE A 237 5.36 -20.42 1.31
N GLY A 238 5.28 -19.94 0.08
CA GLY A 238 4.96 -18.53 -0.16
C GLY A 238 5.65 -17.94 -1.37
N LEU A 239 6.68 -18.62 -1.87
CA LEU A 239 7.41 -18.14 -3.03
C LEU A 239 6.62 -18.37 -4.32
N ILE A 240 6.63 -17.38 -5.19
CA ILE A 240 5.92 -17.46 -6.47
C ILE A 240 6.69 -18.32 -7.47
N PRO A 241 5.95 -18.99 -8.37
CA PRO A 241 6.53 -19.90 -9.36
C PRO A 241 7.60 -19.22 -10.23
N GLU A 242 7.28 -18.04 -10.74
CA GLU A 242 8.19 -17.34 -11.65
C GLU A 242 9.52 -17.00 -10.97
N PHE A 243 9.50 -16.90 -9.64
CA PHE A 243 10.71 -16.56 -8.89
C PHE A 243 11.58 -17.78 -8.63
N ILE A 244 10.95 -18.88 -8.23
CA ILE A 244 11.68 -20.11 -7.94
C ILE A 244 12.34 -20.68 -9.20
N GLY A 245 11.68 -20.47 -10.34
CA GLY A 245 12.22 -20.93 -11.61
C GLY A 245 13.50 -20.20 -11.98
N ARG A 246 13.77 -19.09 -11.29
CA ARG A 246 14.97 -18.31 -11.52
C ARG A 246 16.11 -18.76 -10.61
N LEU A 247 15.76 -19.60 -9.63
CA LEU A 247 16.76 -20.18 -8.73
C LEU A 247 16.79 -21.70 -8.93
N PRO A 248 17.37 -22.14 -10.05
CA PRO A 248 17.47 -23.57 -10.37
C PRO A 248 18.31 -24.31 -9.35
N VAL A 249 19.49 -23.77 -9.05
CA VAL A 249 20.39 -24.37 -8.09
C VAL A 249 19.85 -24.22 -6.66
N VAL A 250 19.75 -25.34 -5.96
CA VAL A 250 19.28 -25.33 -4.58
C VAL A 250 20.25 -26.07 -3.66
N ALA A 251 20.69 -25.40 -2.60
CA ALA A 251 21.57 -26.00 -1.62
C ALA A 251 20.93 -26.00 -0.24
N THR A 252 21.14 -27.07 0.53
CA THR A 252 20.57 -27.18 1.85
C THR A 252 21.66 -27.35 2.90
N LEU A 253 21.62 -26.51 3.94
CA LEU A 253 22.63 -26.56 5.00
C LEU A 253 22.12 -27.29 6.24
N ASN A 254 23.01 -28.03 6.88
CA ASN A 254 22.70 -28.76 8.10
C ASN A 254 23.03 -27.94 9.34
N GLU A 255 22.25 -28.11 10.40
CA GLU A 255 22.54 -27.44 11.67
C GLU A 255 23.88 -27.92 12.21
N LEU A 256 24.84 -27.01 12.30
CA LEU A 256 26.17 -27.36 12.77
C LEU A 256 26.12 -28.11 14.10
N SER A 257 26.63 -29.33 14.10
CA SER A 257 26.63 -30.17 15.30
C SER A 257 27.47 -29.55 16.41
N GLU A 258 27.40 -30.14 17.60
CA GLU A 258 28.20 -29.69 18.73
C GLU A 258 29.65 -29.65 18.32
N GLU A 259 30.11 -30.74 17.70
CA GLU A 259 31.50 -30.86 17.27
C GLU A 259 31.85 -29.77 16.26
N ALA A 260 30.87 -29.38 15.46
CA ALA A 260 31.07 -28.34 14.46
C ALA A 260 31.33 -27.00 15.13
N LEU A 261 30.48 -26.66 16.10
CA LEU A 261 30.63 -25.42 16.85
C LEU A 261 31.96 -25.39 17.61
N ILE A 262 32.26 -26.48 18.31
CA ILE A 262 33.50 -26.57 19.07
C ILE A 262 34.71 -26.21 18.23
N GLN A 263 34.74 -26.68 17.00
CA GLN A 263 35.85 -26.40 16.10
C GLN A 263 35.88 -24.92 15.71
N ILE A 264 34.69 -24.35 15.47
CA ILE A 264 34.59 -22.96 15.10
C ILE A 264 35.17 -22.05 16.19
N LEU A 265 35.25 -22.58 17.41
CA LEU A 265 35.78 -21.81 18.54
C LEU A 265 37.28 -22.03 18.71
N LYS A 266 37.83 -22.99 18.00
CA LYS A 266 39.24 -23.34 18.14
C LYS A 266 40.03 -23.17 16.85
N GLU A 267 39.68 -23.97 15.85
CA GLU A 267 40.48 -24.10 14.61
C GLU A 267 40.66 -22.80 13.81
N PRO A 268 39.56 -22.09 13.50
CA PRO A 268 39.63 -20.87 12.69
C PRO A 268 40.71 -19.92 13.17
N LYS A 269 41.45 -19.30 12.25
CA LYS A 269 42.54 -18.41 12.61
C LYS A 269 42.04 -17.20 13.39
N ASN A 270 40.74 -16.95 13.32
CA ASN A 270 40.11 -15.86 14.05
C ASN A 270 39.07 -16.36 15.02
N ALA A 271 39.28 -17.57 15.54
CA ALA A 271 38.35 -18.17 16.49
C ALA A 271 38.27 -17.34 17.76
N LEU A 272 37.09 -17.35 18.38
CA LEU A 272 36.86 -16.59 19.60
C LEU A 272 37.93 -16.82 20.67
N THR A 273 38.29 -18.08 20.89
CA THR A 273 39.28 -18.41 21.91
C THR A 273 40.61 -17.74 21.59
N LYS A 274 40.96 -17.73 20.31
CA LYS A 274 42.24 -17.15 19.88
C LYS A 274 42.23 -15.63 20.03
N GLN A 275 41.05 -15.04 19.99
CA GLN A 275 40.90 -13.60 20.16
C GLN A 275 41.07 -13.23 21.63
N TYR A 276 40.29 -13.89 22.49
CA TYR A 276 40.34 -13.61 23.91
C TYR A 276 41.70 -13.97 24.53
N GLN A 277 42.31 -15.06 24.06
CA GLN A 277 43.66 -15.44 24.49
C GLN A 277 44.64 -14.33 24.13
N ALA A 278 44.38 -13.66 23.01
CA ALA A 278 45.22 -12.55 22.56
C ALA A 278 44.92 -11.30 23.37
N LEU A 279 43.67 -11.15 23.75
CA LEU A 279 43.27 -10.04 24.60
C LEU A 279 43.88 -10.17 26.00
N PHE A 280 43.80 -11.36 26.58
CA PHE A 280 44.40 -11.63 27.88
C PHE A 280 45.92 -11.65 27.78
N ASN A 281 46.43 -11.97 26.59
CA ASN A 281 47.88 -12.00 26.36
C ASN A 281 48.54 -10.67 26.65
N LEU A 282 47.95 -9.59 26.16
CA LEU A 282 48.50 -8.26 26.35
C LEU A 282 48.21 -7.73 27.75
N GLU A 283 47.78 -8.62 28.63
CA GLU A 283 47.58 -8.30 30.04
C GLU A 283 48.56 -9.09 30.89
N GLY A 284 49.41 -9.86 30.23
CA GLY A 284 50.37 -10.71 30.91
C GLY A 284 49.69 -11.93 31.51
N VAL A 285 48.50 -12.23 31.04
CA VAL A 285 47.71 -13.35 31.57
C VAL A 285 47.40 -14.38 30.50
N ASP A 286 47.75 -15.63 30.76
CA ASP A 286 47.49 -16.72 29.83
C ASP A 286 46.06 -17.23 30.00
N LEU A 287 45.29 -17.20 28.94
CA LEU A 287 43.90 -17.66 28.98
C LEU A 287 43.78 -19.07 28.43
N GLU A 288 43.35 -20.01 29.27
CA GLU A 288 43.21 -21.41 28.86
C GLU A 288 41.75 -21.84 28.80
N PHE A 289 41.35 -22.39 27.65
CA PHE A 289 39.98 -22.90 27.48
C PHE A 289 39.97 -24.42 27.57
N ARG A 290 39.50 -24.94 28.71
CA ARG A 290 39.35 -26.39 28.86
C ARG A 290 38.34 -26.93 27.85
N ASP A 291 38.58 -28.15 27.38
CA ASP A 291 37.73 -28.77 26.37
C ASP A 291 36.29 -28.97 26.86
N GLU A 292 36.14 -29.12 28.18
CA GLU A 292 34.83 -29.30 28.79
C GLU A 292 34.05 -28.01 28.72
N ALA A 293 34.77 -26.89 28.59
CA ALA A 293 34.17 -25.57 28.57
C ALA A 293 33.70 -25.20 27.18
N LEU A 294 34.52 -25.52 26.19
CA LEU A 294 34.20 -25.24 24.80
C LEU A 294 32.94 -25.96 24.35
N ASP A 295 32.79 -27.22 24.74
CA ASP A 295 31.58 -27.96 24.41
C ASP A 295 30.40 -27.42 25.19
N ALA A 296 30.66 -26.92 26.40
CA ALA A 296 29.62 -26.32 27.22
C ALA A 296 29.04 -25.09 26.54
N ILE A 297 29.90 -24.38 25.80
CA ILE A 297 29.49 -23.19 25.06
C ILE A 297 28.71 -23.56 23.80
N ALA A 298 29.09 -24.67 23.19
CA ALA A 298 28.41 -25.16 22.00
C ALA A 298 26.98 -25.57 22.31
N LYS A 299 26.78 -26.24 23.43
CA LYS A 299 25.45 -26.67 23.85
C LYS A 299 24.57 -25.47 24.17
N LYS A 300 25.15 -24.48 24.85
CA LYS A 300 24.44 -23.25 25.17
C LYS A 300 23.99 -22.55 23.90
N ALA A 301 24.75 -22.75 22.84
CA ALA A 301 24.48 -22.11 21.55
C ALA A 301 23.35 -22.80 20.81
N MET A 302 23.31 -24.13 20.89
CA MET A 302 22.27 -24.91 20.22
C MET A 302 20.92 -24.75 20.93
N ALA A 303 20.95 -24.75 22.26
CA ALA A 303 19.73 -24.63 23.05
C ALA A 303 19.02 -23.30 22.77
N ARG A 304 19.77 -22.33 22.29
CA ARG A 304 19.23 -21.02 21.97
C ARG A 304 18.92 -20.88 20.49
N LYS A 305 19.41 -21.84 19.69
CA LYS A 305 19.14 -21.86 18.26
C LYS A 305 19.75 -20.67 17.52
N THR A 306 20.71 -20.00 18.15
CA THR A 306 21.38 -18.86 17.55
C THR A 306 22.51 -19.27 16.62
N GLY A 307 22.76 -20.58 16.53
CA GLY A 307 23.82 -21.10 15.69
C GLY A 307 25.19 -20.66 16.13
N ALA A 308 26.04 -20.31 15.16
CA ALA A 308 27.39 -19.86 15.46
C ALA A 308 27.40 -18.36 15.76
N ARG A 309 26.32 -17.68 15.41
CA ARG A 309 26.21 -16.25 15.61
C ARG A 309 25.99 -15.90 17.09
N GLY A 310 25.56 -16.89 17.86
CA GLY A 310 25.32 -16.68 19.28
C GLY A 310 26.48 -17.15 20.14
N LEU A 311 27.60 -17.45 19.51
CA LEU A 311 28.78 -17.93 20.23
C LEU A 311 29.47 -16.79 20.99
N ARG A 312 29.65 -15.66 20.32
CA ARG A 312 30.31 -14.53 20.95
C ARG A 312 29.55 -14.02 22.17
N SER A 313 28.23 -13.90 22.03
CA SER A 313 27.39 -13.40 23.12
C SER A 313 27.52 -14.28 24.36
N ILE A 314 27.86 -15.54 24.16
CA ILE A 314 28.02 -16.47 25.28
C ILE A 314 29.39 -16.32 25.93
N VAL A 315 30.42 -16.19 25.11
CA VAL A 315 31.79 -16.07 25.59
C VAL A 315 31.99 -14.77 26.39
N GLU A 316 31.40 -13.68 25.89
CA GLU A 316 31.55 -12.38 26.55
C GLU A 316 30.97 -12.39 27.95
N ALA A 317 29.76 -12.90 28.07
CA ALA A 317 29.08 -12.94 29.36
C ALA A 317 29.89 -13.74 30.39
N ALA A 318 30.61 -14.75 29.90
CA ALA A 318 31.39 -15.62 30.77
C ALA A 318 32.70 -14.97 31.21
N LEU A 319 33.30 -14.19 30.32
CA LEU A 319 34.59 -13.57 30.60
C LEU A 319 34.43 -12.09 30.96
N LEU A 320 33.19 -11.66 31.16
CA LEU A 320 32.91 -10.26 31.48
C LEU A 320 33.49 -9.86 32.83
N ASP A 321 33.05 -10.55 33.89
CA ASP A 321 33.51 -10.25 35.24
C ASP A 321 35.03 -10.36 35.35
N THR A 322 35.61 -11.26 34.55
CA THR A 322 37.06 -11.45 34.55
C THR A 322 37.76 -10.25 33.94
N MET A 323 37.27 -9.79 32.80
CA MET A 323 37.88 -8.67 32.09
C MET A 323 37.73 -7.37 32.85
N TYR A 324 36.79 -7.33 33.80
CA TYR A 324 36.58 -6.14 34.61
C TYR A 324 37.66 -5.94 35.66
N ASP A 325 37.84 -6.94 36.52
CA ASP A 325 38.82 -6.83 37.61
C ASP A 325 40.12 -7.56 37.31
N LEU A 326 40.46 -7.67 36.02
CA LEU A 326 41.71 -8.29 35.60
C LEU A 326 42.89 -7.31 35.67
N PRO A 327 42.71 -6.12 35.08
CA PRO A 327 43.78 -5.10 35.13
C PRO A 327 44.10 -4.66 36.55
N SER A 328 43.28 -5.10 37.52
CA SER A 328 43.50 -4.75 38.91
C SER A 328 44.04 -5.94 39.70
N MET A 329 44.78 -6.81 39.02
CA MET A 329 45.39 -7.98 39.66
C MET A 329 46.83 -8.21 39.18
N GLU A 330 47.44 -9.28 39.69
CA GLU A 330 48.81 -9.63 39.33
C GLU A 330 49.01 -11.14 39.29
N ASP A 331 48.26 -11.81 38.42
CA ASP A 331 48.31 -13.27 38.31
C ASP A 331 49.01 -13.74 37.04
N VAL A 332 49.18 -15.06 36.93
CA VAL A 332 49.86 -15.65 35.78
C VAL A 332 48.87 -16.06 34.68
N GLU A 333 47.91 -16.90 35.03
CA GLU A 333 46.93 -17.37 34.05
C GLU A 333 45.53 -17.54 34.63
N LYS A 334 44.52 -17.53 33.74
CA LYS A 334 43.13 -17.73 34.15
C LYS A 334 42.52 -18.91 33.38
N VAL A 335 42.17 -19.96 34.10
CA VAL A 335 41.60 -21.17 33.49
C VAL A 335 40.09 -21.14 33.47
N VAL A 336 39.51 -21.32 32.28
CA VAL A 336 38.07 -21.34 32.12
C VAL A 336 37.52 -22.77 32.06
N ILE A 337 36.86 -23.20 33.14
CA ILE A 337 36.29 -24.54 33.21
C ILE A 337 34.84 -24.52 32.72
N ASP A 338 34.19 -25.68 32.73
CA ASP A 338 32.80 -25.78 32.29
C ASP A 338 31.84 -25.14 33.31
N GLU A 339 32.18 -25.25 34.58
CA GLU A 339 31.33 -24.72 35.64
C GLU A 339 31.21 -23.20 35.53
N SER A 340 32.09 -22.60 34.74
CA SER A 340 32.09 -21.16 34.54
C SER A 340 31.13 -20.76 33.43
N VAL A 341 30.80 -21.70 32.57
CA VAL A 341 29.92 -21.44 31.43
C VAL A 341 28.50 -21.93 31.68
N ILE A 342 28.34 -23.23 31.84
CA ILE A 342 27.03 -23.82 32.09
C ILE A 342 26.38 -23.22 33.32
N ASP A 343 26.98 -23.47 34.49
CA ASP A 343 26.45 -22.98 35.75
C ASP A 343 26.59 -21.47 35.86
N GLY A 344 27.68 -20.93 35.32
CA GLY A 344 27.94 -19.51 35.38
C GLY A 344 27.94 -19.05 36.83
N GLN A 345 28.11 -20.01 37.72
CA GLN A 345 28.12 -19.74 39.16
C GLN A 345 29.54 -19.56 39.66
N SER A 346 30.39 -20.56 39.44
CA SER A 346 31.78 -20.50 39.87
C SER A 346 32.61 -19.57 38.98
N GLU A 347 33.57 -18.87 39.58
CA GLU A 347 34.44 -17.97 38.85
C GLU A 347 35.61 -18.73 38.24
N PRO A 348 36.12 -18.26 37.09
CA PRO A 348 37.26 -18.90 36.41
C PRO A 348 38.45 -19.04 37.34
N LEU A 349 39.12 -20.19 37.30
CA LEU A 349 40.30 -20.43 38.12
C LEU A 349 41.40 -19.41 37.83
N LEU A 350 41.97 -18.84 38.90
CA LEU A 350 43.09 -17.90 38.79
C LEU A 350 44.38 -18.52 39.32
N ILE A 351 45.48 -18.30 38.63
CA ILE A 351 46.77 -18.81 39.07
C ILE A 351 47.82 -17.70 39.08
N TYR A 352 48.22 -17.26 40.26
CA TYR A 352 49.24 -16.21 40.39
C TYR A 352 50.64 -16.78 40.20
N ALA B 2 48.53 6.68 30.16
CA ALA B 2 48.17 5.57 31.04
C ALA B 2 46.66 5.33 31.04
N LEU B 3 46.25 4.20 30.47
CA LEU B 3 44.83 3.83 30.40
C LEU B 3 44.24 3.56 31.77
N PRO B 4 43.02 4.08 32.02
CA PRO B 4 42.30 3.82 33.26
C PRO B 4 41.81 2.39 33.31
N THR B 5 42.02 1.70 34.44
CA THR B 5 41.50 0.36 34.61
C THR B 5 39.97 0.41 34.67
N PRO B 6 39.30 -0.66 34.21
CA PRO B 6 37.84 -0.73 34.28
C PRO B 6 37.32 -0.37 35.67
N HIS B 7 38.11 -0.65 36.70
CA HIS B 7 37.76 -0.26 38.06
C HIS B 7 37.64 1.25 38.19
N GLU B 8 38.64 1.96 37.69
CA GLU B 8 38.67 3.41 37.75
C GLU B 8 37.57 4.02 36.87
N ILE B 9 37.35 3.42 35.70
CA ILE B 9 36.32 3.90 34.79
C ILE B 9 34.93 3.83 35.42
N ARG B 10 34.59 2.67 35.99
CA ARG B 10 33.31 2.50 36.66
C ARG B 10 33.20 3.43 37.87
N ASN B 11 34.31 3.62 38.57
CA ASN B 11 34.34 4.47 39.74
C ASN B 11 33.96 5.91 39.42
N HIS B 12 34.51 6.45 38.34
CA HIS B 12 34.21 7.82 37.93
C HIS B 12 32.81 7.95 37.35
N LEU B 13 32.25 6.83 36.89
CA LEU B 13 30.89 6.81 36.38
C LEU B 13 29.88 6.88 37.53
N ASP B 14 30.31 6.47 38.72
CA ASP B 14 29.46 6.53 39.91
C ASP B 14 29.25 7.97 40.35
N ASP B 15 30.12 8.87 39.87
CA ASP B 15 30.05 10.27 40.24
C ASP B 15 29.02 11.03 39.41
N TYR B 16 28.83 10.60 38.16
CA TYR B 16 27.93 11.27 37.24
C TYR B 16 26.58 10.57 37.12
N VAL B 17 26.59 9.24 37.26
CA VAL B 17 25.38 8.44 37.11
C VAL B 17 25.13 7.56 38.33
N ILE B 18 23.87 7.50 38.76
CA ILE B 18 23.50 6.69 39.92
C ILE B 18 22.91 5.35 39.46
N GLY B 19 23.20 4.30 40.22
CA GLY B 19 22.70 2.97 39.89
C GLY B 19 23.30 2.44 38.59
N GLN B 20 22.61 1.49 37.98
CA GLN B 20 23.06 0.90 36.72
C GLN B 20 24.46 0.30 36.88
N GLU B 21 24.74 -0.24 38.05
CA GLU B 21 26.06 -0.76 38.36
C GLU B 21 26.52 -1.84 37.37
N GLN B 22 25.58 -2.66 36.92
CA GLN B 22 25.92 -3.72 35.96
C GLN B 22 26.21 -3.15 34.58
N ALA B 23 25.38 -2.20 34.14
CA ALA B 23 25.56 -1.58 32.84
C ALA B 23 26.88 -0.83 32.77
N LYS B 24 27.26 -0.20 33.88
CA LYS B 24 28.52 0.53 33.97
C LYS B 24 29.71 -0.42 34.05
N LYS B 25 29.50 -1.58 34.66
CA LYS B 25 30.52 -2.61 34.72
C LYS B 25 30.80 -3.14 33.32
N VAL B 26 29.75 -3.18 32.49
CA VAL B 26 29.86 -3.64 31.12
C VAL B 26 30.55 -2.61 30.23
N LEU B 27 30.13 -1.36 30.38
CA LEU B 27 30.71 -0.27 29.60
C LEU B 27 32.19 -0.07 29.94
N ALA B 28 32.53 -0.20 31.22
CA ALA B 28 33.90 -0.04 31.66
C ALA B 28 34.82 -1.01 30.94
N VAL B 29 34.42 -2.28 30.89
CA VAL B 29 35.19 -3.32 30.23
C VAL B 29 35.22 -3.11 28.72
N ALA B 30 34.05 -2.82 28.14
CA ALA B 30 33.95 -2.60 26.70
C ALA B 30 34.83 -1.45 26.25
N VAL B 31 34.74 -0.33 26.96
CA VAL B 31 35.54 0.85 26.64
C VAL B 31 37.03 0.58 26.83
N TYR B 32 37.39 -0.04 27.96
CA TYR B 32 38.77 -0.35 28.24
C TYR B 32 39.38 -1.22 27.15
N ASN B 33 38.69 -2.29 26.80
CA ASN B 33 39.15 -3.20 25.75
C ASN B 33 39.26 -2.51 24.39
N HIS B 34 38.39 -1.55 24.15
CA HIS B 34 38.38 -0.83 22.89
C HIS B 34 39.67 -0.03 22.69
N TYR B 35 40.03 0.76 23.69
CA TYR B 35 41.24 1.58 23.61
C TYR B 35 42.50 0.78 23.92
N LYS B 36 42.34 -0.32 24.65
CA LYS B 36 43.46 -1.22 24.90
C LYS B 36 43.84 -1.92 23.60
N ARG B 37 42.94 -1.85 22.63
CA ARG B 37 43.17 -2.46 21.32
C ARG B 37 43.79 -1.45 20.33
N LEU B 38 43.44 -0.18 20.51
CA LEU B 38 43.94 0.87 19.63
C LEU B 38 45.37 1.26 19.97
N ARG B 39 45.67 1.33 21.27
CA ARG B 39 47.00 1.71 21.73
C ARG B 39 48.04 0.63 21.48
N ASN B 40 47.58 -0.59 21.23
CA ASN B 40 48.46 -1.70 20.90
C ASN B 40 48.35 -2.07 19.42
N GLY B 41 47.63 -1.24 18.66
CA GLY B 41 47.48 -1.43 17.23
C GLY B 41 47.00 -2.80 16.81
N ASP B 42 45.84 -3.21 17.35
CA ASP B 42 45.31 -4.55 17.09
C ASP B 42 46.37 -5.61 17.36
N THR B 43 46.82 -6.27 16.29
CA THR B 43 47.88 -7.27 16.39
C THR B 43 48.79 -7.23 15.17
N VAL B 47 46.43 -12.07 13.76
CA VAL B 47 45.57 -12.26 14.93
C VAL B 47 44.37 -11.31 14.86
N GLU B 48 43.27 -11.72 15.48
CA GLU B 48 42.02 -10.97 15.44
C GLU B 48 41.89 -10.04 16.65
N LEU B 49 40.79 -9.30 16.70
CA LEU B 49 40.49 -8.42 17.82
C LEU B 49 39.04 -7.94 17.75
N GLY B 50 38.25 -8.30 18.75
CA GLY B 50 36.84 -7.94 18.78
C GLY B 50 36.59 -6.44 18.75
N LYS B 51 35.66 -6.02 17.89
CA LYS B 51 35.31 -4.62 17.75
C LYS B 51 34.94 -3.99 19.09
N SER B 52 34.11 -4.70 19.84
CA SER B 52 33.69 -4.28 21.18
C SER B 52 32.70 -3.11 21.17
N ASN B 53 31.96 -2.97 20.08
CA ASN B 53 30.93 -1.94 20.00
C ASN B 53 29.76 -2.22 20.92
N ILE B 54 29.15 -1.14 21.42
CA ILE B 54 28.16 -1.26 22.48
C ILE B 54 26.74 -0.96 22.02
N LEU B 55 25.77 -1.60 22.66
CA LEU B 55 24.37 -1.35 22.40
C LEU B 55 23.63 -1.11 23.71
N LEU B 56 23.23 0.15 23.95
CA LEU B 56 22.52 0.50 25.17
C LEU B 56 21.02 0.29 25.04
N ILE B 57 20.44 -0.39 26.02
CA ILE B 57 19.00 -0.64 26.05
C ILE B 57 18.41 -0.24 27.40
N GLY B 58 17.68 0.86 27.43
CA GLY B 58 17.06 1.34 28.66
C GLY B 58 15.95 2.32 28.40
N PRO B 59 15.03 2.45 29.37
CA PRO B 59 13.90 3.38 29.28
C PRO B 59 14.35 4.81 29.00
N THR B 60 13.42 5.65 28.55
CA THR B 60 13.74 7.05 28.26
C THR B 60 14.02 7.82 29.54
N GLY B 61 15.24 8.37 29.63
CA GLY B 61 15.64 9.11 30.81
C GLY B 61 16.29 8.22 31.85
N SER B 62 16.84 7.10 31.41
CA SER B 62 17.52 6.17 32.30
C SER B 62 19.00 6.52 32.42
N GLY B 63 19.48 7.35 31.49
CA GLY B 63 20.85 7.81 31.54
C GLY B 63 21.72 7.27 30.42
N LYS B 64 21.09 6.80 29.35
CA LYS B 64 21.83 6.26 28.21
C LYS B 64 22.76 7.30 27.62
N THR B 65 22.22 8.47 27.32
CA THR B 65 23.00 9.55 26.73
C THR B 65 24.05 10.07 27.70
N LEU B 66 23.66 10.21 28.98
CA LEU B 66 24.57 10.71 30.00
C LEU B 66 25.80 9.82 30.14
N LEU B 67 25.59 8.51 30.12
CA LEU B 67 26.68 7.55 30.23
C LEU B 67 27.67 7.70 29.07
N ALA B 68 27.13 7.90 27.86
CA ALA B 68 27.96 8.03 26.68
C ALA B 68 28.87 9.26 26.75
N GLU B 69 28.30 10.39 27.13
CA GLU B 69 29.06 11.63 27.25
C GLU B 69 30.17 11.49 28.29
N THR B 70 29.82 10.93 29.45
CA THR B 70 30.75 10.79 30.54
C THR B 70 31.98 9.97 30.15
N LEU B 71 31.74 8.85 29.45
CA LEU B 71 32.83 7.98 28.99
C LEU B 71 33.82 8.74 28.13
N ALA B 72 33.35 9.76 27.43
CA ALA B 72 34.20 10.57 26.59
C ALA B 72 35.04 11.55 27.42
N ARG B 73 34.38 12.21 28.37
CA ARG B 73 35.07 13.18 29.23
C ARG B 73 36.11 12.51 30.11
N LEU B 74 35.82 11.28 30.54
CA LEU B 74 36.74 10.53 31.40
C LEU B 74 37.98 10.09 30.65
N LEU B 75 37.92 10.16 29.32
CA LEU B 75 39.05 9.77 28.48
C LEU B 75 39.48 10.89 27.56
N ASP B 76 39.11 12.12 27.92
CA ASP B 76 39.42 13.30 27.11
C ASP B 76 39.34 12.99 25.61
N VAL B 77 38.27 12.32 25.21
CA VAL B 77 38.08 11.90 23.83
C VAL B 77 36.91 12.61 23.17
N PRO B 78 37.10 13.06 21.93
CA PRO B 78 36.07 13.76 21.15
C PRO B 78 34.78 12.95 21.09
N PHE B 79 33.66 13.57 21.47
CA PHE B 79 32.37 12.90 21.49
C PHE B 79 31.36 13.62 20.62
N THR B 80 30.51 12.84 19.96
CA THR B 80 29.47 13.40 19.10
C THR B 80 28.22 12.53 19.08
N MET B 81 27.05 13.16 19.08
CA MET B 81 25.79 12.43 19.06
C MET B 81 25.17 12.41 17.67
N ALA B 82 24.05 11.68 17.56
CA ALA B 82 23.32 11.57 16.30
C ALA B 82 22.07 10.73 16.51
N ASP B 83 20.94 11.20 16.00
CA ASP B 83 19.69 10.48 16.13
C ASP B 83 19.45 9.59 14.91
N ALA B 84 19.18 8.31 15.16
CA ALA B 84 19.01 7.34 14.08
C ALA B 84 17.81 7.65 13.21
N THR B 85 16.90 8.47 13.73
CA THR B 85 15.70 8.87 12.99
C THR B 85 16.04 9.81 11.83
N THR B 86 17.12 10.57 11.98
CA THR B 86 17.53 11.53 10.96
C THR B 86 18.09 10.81 9.74
N LEU B 87 18.47 9.56 9.94
CA LEU B 87 19.03 8.75 8.86
C LEU B 87 17.94 8.05 8.09
N GLY B 91 18.43 7.84 0.19
CA GLY B 91 19.79 7.58 -0.26
C GLY B 91 20.72 8.75 0.01
N TYR B 92 20.19 9.96 -0.02
CA TYR B 92 20.97 11.16 0.22
C TYR B 92 21.47 11.20 1.66
N VAL B 93 20.80 10.47 2.54
CA VAL B 93 21.18 10.43 3.95
C VAL B 93 22.46 9.62 4.15
N GLY B 94 22.83 8.86 3.12
CA GLY B 94 24.10 8.15 3.13
C GLY B 94 25.25 9.13 3.20
N GLU B 95 25.08 10.27 2.56
CA GLU B 95 26.07 11.35 2.60
C GLU B 95 25.85 12.21 3.85
N ASP B 96 24.75 11.95 4.55
CA ASP B 96 24.47 12.61 5.81
C ASP B 96 24.97 11.74 6.96
N VAL B 97 25.30 10.49 6.64
CA VAL B 97 25.88 9.58 7.62
C VAL B 97 27.33 9.99 7.88
N GLU B 98 28.03 10.36 6.83
CA GLU B 98 29.41 10.82 6.94
C GLU B 98 29.48 12.20 7.59
N ASN B 99 28.33 12.84 7.74
CA ASN B 99 28.24 14.10 8.45
C ASN B 99 28.56 13.90 9.92
N ILE B 100 28.19 12.74 10.44
CA ILE B 100 28.50 12.39 11.82
C ILE B 100 30.01 12.40 12.03
N ILE B 101 30.75 12.19 10.94
CA ILE B 101 32.21 12.16 11.00
C ILE B 101 32.80 13.57 10.98
N GLN B 102 32.30 14.42 10.09
CA GLN B 102 32.81 15.78 9.99
C GLN B 102 32.53 16.56 11.27
N LYS B 103 31.46 16.19 11.96
CA LYS B 103 31.12 16.81 13.24
C LYS B 103 32.06 16.30 14.33
N LEU B 104 32.46 15.04 14.21
CA LEU B 104 33.42 14.45 15.15
C LEU B 104 34.78 15.12 14.99
N LEU B 105 35.11 15.49 13.75
CA LEU B 105 36.35 16.21 13.48
C LEU B 105 36.27 17.65 13.97
N GLN B 106 35.10 18.25 13.84
CA GLN B 106 34.90 19.62 14.27
C GLN B 106 35.26 19.78 15.75
N LYS B 107 34.74 18.90 16.58
CA LYS B 107 35.03 18.93 18.02
C LYS B 107 36.37 18.26 18.32
N CYS B 108 37.11 17.91 17.28
CA CYS B 108 38.40 17.26 17.42
C CYS B 108 39.50 18.12 16.81
N ASP B 109 39.12 19.31 16.34
CA ASP B 109 40.06 20.22 15.69
C ASP B 109 40.66 19.60 14.44
N TYR B 110 39.89 18.74 13.78
CA TYR B 110 40.28 18.12 12.52
C TYR B 110 41.59 17.33 12.63
N ASP B 111 41.79 16.69 13.79
CA ASP B 111 42.94 15.83 13.99
C ASP B 111 42.56 14.38 13.71
N VAL B 112 43.07 13.84 12.62
CA VAL B 112 42.70 12.49 12.17
C VAL B 112 42.92 11.43 13.23
N GLN B 113 44.05 11.49 13.92
CA GLN B 113 44.39 10.49 14.93
C GLN B 113 43.44 10.54 16.13
N LYS B 114 43.23 11.74 16.68
CA LYS B 114 42.34 11.91 17.82
C LYS B 114 40.89 11.64 17.44
N ALA B 115 40.56 11.88 16.17
CA ALA B 115 39.22 11.64 15.68
C ALA B 115 38.93 10.14 15.65
N GLN B 116 39.95 9.35 15.31
CA GLN B 116 39.82 7.90 15.27
C GLN B 116 39.67 7.33 16.67
N ARG B 117 40.06 8.10 17.68
CA ARG B 117 39.95 7.67 19.07
C ARG B 117 38.62 8.13 19.65
N GLY B 118 37.79 8.75 18.83
CA GLY B 118 36.54 9.32 19.27
C GLY B 118 35.44 8.32 19.55
N ILE B 119 34.35 8.82 20.13
CA ILE B 119 33.18 8.00 20.44
C ILE B 119 31.93 8.59 19.81
N VAL B 120 31.13 7.74 19.19
CA VAL B 120 29.89 8.19 18.54
C VAL B 120 28.67 7.50 19.13
N TYR B 121 27.69 8.30 19.55
CA TYR B 121 26.48 7.74 20.13
C TYR B 121 25.26 7.97 19.23
N ILE B 122 24.62 6.88 18.83
CA ILE B 122 23.41 6.95 18.02
C ILE B 122 22.19 6.64 18.86
N ASP B 123 21.34 7.64 19.07
CA ASP B 123 20.15 7.48 19.89
C ASP B 123 18.97 6.98 19.07
N GLU B 124 18.03 6.30 19.74
CA GLU B 124 16.80 5.83 19.10
C GLU B 124 17.06 4.88 17.94
N ILE B 125 17.90 3.87 18.19
CA ILE B 125 18.14 2.83 17.20
C ILE B 125 16.92 1.95 17.06
N ASP B 126 16.18 1.80 18.16
CA ASP B 126 14.97 1.00 18.20
C ASP B 126 13.86 1.55 17.28
N LYS B 127 14.10 2.74 16.73
CA LYS B 127 13.10 3.40 15.90
C LYS B 127 13.25 3.05 14.42
N ILE B 128 14.43 2.60 14.03
CA ILE B 128 14.71 2.28 12.63
C ILE B 128 14.57 0.78 12.35
N SER B 129 14.07 0.04 13.33
CA SER B 129 13.91 -1.41 13.18
C SER B 129 12.68 -1.74 12.33
N ARG B 130 12.92 -2.38 11.19
CA ARG B 130 11.83 -2.73 10.28
C ARG B 130 11.00 -3.90 10.79
N LYS B 131 9.97 -3.60 11.57
CA LYS B 131 9.09 -4.62 12.11
C LYS B 131 7.64 -4.16 12.08
N ASP B 140 9.74 0.99 6.57
CA ASP B 140 10.54 -0.21 6.78
C ASP B 140 11.67 -0.33 5.75
N VAL B 141 11.38 0.08 4.53
CA VAL B 141 12.37 0.05 3.45
C VAL B 141 13.50 1.03 3.74
N SER B 142 13.15 2.29 3.99
CA SER B 142 14.13 3.31 4.30
C SER B 142 14.62 3.17 5.75
N GLY B 143 13.83 2.51 6.57
CA GLY B 143 14.17 2.30 7.97
C GLY B 143 15.40 1.43 8.16
N GLU B 144 15.40 0.25 7.58
CA GLU B 144 16.52 -0.66 7.70
C GLU B 144 17.68 -0.30 6.76
N GLY B 145 17.40 0.59 5.81
CA GLY B 145 18.43 1.09 4.91
C GLY B 145 19.52 1.77 5.70
N VAL B 146 19.16 2.23 6.89
CA VAL B 146 20.09 2.84 7.82
C VAL B 146 20.89 1.78 8.55
N GLN B 147 20.24 0.67 8.88
CA GLN B 147 20.91 -0.44 9.56
C GLN B 147 22.04 -0.99 8.71
N GLN B 148 21.97 -0.76 7.41
CA GLN B 148 22.98 -1.25 6.48
C GLN B 148 23.95 -0.14 6.08
N ALA B 149 23.45 1.08 5.99
CA ALA B 149 24.30 2.23 5.70
C ALA B 149 25.17 2.55 6.92
N LEU B 150 24.53 2.69 8.08
CA LEU B 150 25.22 2.93 9.33
C LEU B 150 26.08 1.71 9.67
N LEU B 151 25.87 0.63 8.94
CA LEU B 151 26.63 -0.60 9.14
C LEU B 151 28.04 -0.47 8.58
N LYS B 152 28.13 0.10 7.38
CA LYS B 152 29.42 0.31 6.72
C LYS B 152 30.39 1.05 7.64
N LEU B 153 29.86 1.97 8.43
CA LEU B 153 30.67 2.72 9.38
C LEU B 153 31.28 1.79 10.42
N ILE B 154 30.43 1.07 11.13
CA ILE B 154 30.86 0.20 12.21
C ILE B 154 32.04 -0.68 11.78
N GLU B 155 32.00 -1.17 10.55
CA GLU B 155 33.11 -1.94 10.00
C GLU B 155 34.33 -1.04 9.87
N GLY B 156 34.17 0.06 9.14
CA GLY B 156 35.24 1.03 8.97
C GLY B 156 35.52 1.32 7.51
N THR B 157 35.64 2.60 7.18
CA THR B 157 35.92 3.02 5.82
C THR B 157 36.88 4.20 5.79
N PHE B 174 36.01 15.19 2.74
CA PHE B 174 37.23 14.44 2.44
C PHE B 174 38.14 14.40 3.66
N LEU B 175 37.74 13.62 4.65
CA LEU B 175 38.48 13.53 5.91
C LEU B 175 39.55 12.44 5.87
N GLN B 176 39.32 11.41 5.05
CA GLN B 176 40.22 10.28 4.93
C GLN B 176 40.26 9.43 6.20
N VAL B 177 39.52 9.86 7.22
CA VAL B 177 39.50 9.16 8.50
C VAL B 177 38.78 7.82 8.42
N ASP B 178 39.41 6.78 8.96
CA ASP B 178 38.79 5.47 9.03
C ASP B 178 37.89 5.38 10.26
N THR B 179 36.73 4.77 10.11
CA THR B 179 35.77 4.66 11.20
C THR B 179 35.90 3.33 11.93
N SER B 180 36.91 2.55 11.56
CA SER B 180 37.16 1.26 12.20
C SER B 180 37.61 1.47 13.65
N LYS B 181 38.30 2.57 13.89
CA LYS B 181 38.91 2.84 15.18
C LYS B 181 37.93 3.43 16.19
N ILE B 182 36.99 4.24 15.70
CA ILE B 182 36.06 4.93 16.59
C ILE B 182 35.05 3.99 17.23
N LEU B 183 34.76 4.22 18.50
CA LEU B 183 33.81 3.41 19.25
C LEU B 183 32.37 3.84 18.96
N PHE B 184 31.51 2.86 18.70
CA PHE B 184 30.11 3.14 18.42
C PHE B 184 29.18 2.65 19.52
N ILE B 185 28.42 3.56 20.11
CA ILE B 185 27.45 3.21 21.13
C ILE B 185 26.04 3.54 20.64
N CYS B 186 25.22 2.51 20.46
CA CYS B 186 23.86 2.70 19.97
C CYS B 186 22.83 2.52 21.09
N GLY B 187 22.09 3.60 21.38
CA GLY B 187 21.09 3.58 22.43
C GLY B 187 19.70 3.35 21.90
N GLY B 188 18.75 3.15 22.80
CA GLY B 188 17.37 2.91 22.43
C GLY B 188 16.55 2.39 23.59
N ALA B 189 15.24 2.67 23.56
CA ALA B 189 14.35 2.24 24.63
C ALA B 189 13.85 0.82 24.41
N PHE B 190 13.62 0.46 23.15
CA PHE B 190 13.13 -0.86 22.77
C PHE B 190 11.91 -1.25 23.61
N ALA B 191 10.77 -0.66 23.27
CA ALA B 191 9.53 -0.90 24.01
C ALA B 191 9.08 -2.35 23.90
N GLY B 192 8.96 -2.86 22.68
CA GLY B 192 8.46 -4.20 22.44
C GLY B 192 9.44 -5.30 22.79
N LEU B 193 10.71 -4.91 22.99
CA LEU B 193 11.75 -5.89 23.31
C LEU B 193 11.44 -6.65 24.59
N ASP B 194 10.77 -5.99 25.52
CA ASP B 194 10.44 -6.60 26.81
C ASP B 194 9.42 -7.72 26.60
N LYS B 195 8.73 -7.69 25.47
CA LYS B 195 7.69 -8.67 25.18
C LYS B 195 8.25 -9.90 24.47
N VAL B 196 9.07 -9.67 23.46
CA VAL B 196 9.66 -10.76 22.69
C VAL B 196 10.52 -11.68 23.55
N ILE B 197 11.26 -11.08 24.48
CA ILE B 197 12.09 -11.85 25.41
C ILE B 197 11.23 -12.75 26.28
N SER B 198 10.07 -12.24 26.68
CA SER B 198 9.16 -13.00 27.53
C SER B 198 8.55 -14.19 26.80
N HIS B 199 8.25 -14.01 25.52
CA HIS B 199 7.66 -15.06 24.72
C HIS B 199 8.69 -16.15 24.42
N ARG B 200 9.90 -15.97 24.93
CA ARG B 200 10.99 -16.92 24.74
C ARG B 200 11.42 -17.54 26.07
N VAL B 201 11.75 -16.68 27.04
CA VAL B 201 12.24 -17.13 28.34
C VAL B 201 11.17 -17.89 29.13
N GLU B 202 9.90 -17.66 28.78
CA GLU B 202 8.79 -18.31 29.45
C GLU B 202 9.00 -19.83 29.58
N THR B 203 8.47 -20.41 30.65
CA THR B 203 8.60 -21.84 30.89
C THR B 203 7.26 -22.48 31.24
N ALA B 220 9.20 -12.12 36.40
CA ALA B 220 9.79 -11.17 37.33
C ALA B 220 9.60 -9.73 36.85
N SER B 221 10.63 -8.92 37.04
CA SER B 221 10.58 -7.51 36.65
C SER B 221 11.31 -7.28 35.33
N GLU B 222 11.24 -6.05 34.83
CA GLU B 222 11.87 -5.70 33.56
C GLU B 222 13.38 -5.86 33.61
N GLY B 223 13.96 -5.52 34.76
CA GLY B 223 15.40 -5.59 34.93
C GLY B 223 15.94 -7.02 34.90
N GLU B 224 15.06 -7.98 35.09
CA GLU B 224 15.43 -9.40 35.07
C GLU B 224 15.27 -9.98 33.67
N LEU B 225 14.29 -9.45 32.93
CA LEU B 225 14.00 -9.93 31.58
C LEU B 225 15.02 -9.41 30.57
N LEU B 226 15.37 -8.13 30.69
CA LEU B 226 16.34 -7.52 29.79
C LEU B 226 17.73 -8.12 29.97
N ALA B 227 17.94 -8.80 31.09
CA ALA B 227 19.21 -9.48 31.34
C ALA B 227 19.30 -10.74 30.49
N GLN B 228 18.14 -11.33 30.21
CA GLN B 228 18.07 -12.53 29.40
C GLN B 228 18.06 -12.20 27.92
N VAL B 229 18.33 -10.93 27.59
CA VAL B 229 18.32 -10.47 26.21
C VAL B 229 19.32 -11.26 25.36
N GLU B 230 18.91 -11.58 24.13
CA GLU B 230 19.77 -12.32 23.22
C GLU B 230 19.73 -11.72 21.82
N PRO B 231 20.79 -11.92 21.04
CA PRO B 231 20.88 -11.38 19.68
C PRO B 231 19.69 -11.76 18.82
N GLU B 232 19.10 -12.92 19.08
CA GLU B 232 17.95 -13.40 18.32
C GLU B 232 16.69 -12.62 18.69
N ASP B 233 16.65 -12.09 19.91
CA ASP B 233 15.52 -11.29 20.38
C ASP B 233 15.46 -9.97 19.60
N LEU B 234 16.63 -9.37 19.38
CA LEU B 234 16.71 -8.13 18.62
C LEU B 234 16.40 -8.39 17.14
N ILE B 235 16.64 -9.63 16.70
CA ILE B 235 16.33 -10.02 15.33
C ILE B 235 14.83 -9.93 15.08
N LYS B 236 14.06 -10.57 15.95
CA LYS B 236 12.61 -10.57 15.84
C LYS B 236 12.04 -9.17 16.06
N PHE B 237 12.81 -8.32 16.73
CA PHE B 237 12.37 -6.96 17.03
C PHE B 237 12.40 -6.07 15.79
N GLY B 238 13.35 -6.32 14.89
CA GLY B 238 13.43 -5.55 13.66
C GLY B 238 14.85 -5.33 13.17
N LEU B 239 15.82 -5.54 14.05
CA LEU B 239 17.22 -5.35 13.69
C LEU B 239 17.74 -6.49 12.84
N ILE B 240 18.51 -6.16 11.81
CA ILE B 240 19.07 -7.15 10.90
C ILE B 240 20.26 -7.86 11.54
N PRO B 241 20.47 -9.14 11.16
CA PRO B 241 21.56 -9.96 11.71
C PRO B 241 22.93 -9.33 11.56
N GLU B 242 23.23 -8.85 10.35
CA GLU B 242 24.55 -8.30 10.06
C GLU B 242 24.85 -7.07 10.92
N PHE B 243 23.81 -6.40 11.40
CA PHE B 243 23.96 -5.20 12.21
C PHE B 243 24.21 -5.53 13.68
N ILE B 244 23.45 -6.48 14.21
CA ILE B 244 23.57 -6.89 15.59
C ILE B 244 24.92 -7.55 15.85
N GLY B 245 25.44 -8.24 14.86
CA GLY B 245 26.74 -8.89 14.96
C GLY B 245 27.86 -7.88 15.10
N ARG B 246 27.55 -6.62 14.80
CA ARG B 246 28.52 -5.55 14.91
C ARG B 246 28.47 -4.89 16.29
N LEU B 247 27.44 -5.24 17.05
CA LEU B 247 27.29 -4.77 18.42
C LEU B 247 27.37 -5.94 19.38
N PRO B 248 28.57 -6.49 19.58
CA PRO B 248 28.77 -7.64 20.48
C PRO B 248 28.38 -7.29 21.91
N VAL B 249 28.84 -6.14 22.38
CA VAL B 249 28.52 -5.69 23.74
C VAL B 249 27.10 -5.16 23.83
N VAL B 250 26.39 -5.56 24.88
CA VAL B 250 25.01 -5.13 25.09
C VAL B 250 24.72 -4.84 26.56
N ALA B 251 24.78 -3.57 26.93
CA ALA B 251 24.50 -3.16 28.30
C ALA B 251 23.02 -2.82 28.49
N THR B 252 22.46 -3.19 29.64
CA THR B 252 21.06 -2.92 29.93
C THR B 252 20.88 -2.04 31.16
N LEU B 253 19.94 -1.12 31.09
CA LEU B 253 19.65 -0.22 32.21
C LEU B 253 18.28 -0.48 32.83
N ASN B 254 18.20 -0.38 34.15
CA ASN B 254 16.95 -0.53 34.86
C ASN B 254 16.19 0.79 34.95
N GLU B 255 15.00 0.74 35.54
CA GLU B 255 14.21 1.96 35.75
C GLU B 255 14.49 2.55 37.13
N LEU B 256 15.01 3.77 37.15
CA LEU B 256 15.39 4.42 38.39
C LEU B 256 14.24 4.49 39.39
N SER B 257 14.57 4.41 40.67
CA SER B 257 13.57 4.47 41.74
C SER B 257 13.60 5.81 42.45
N GLU B 258 12.83 5.94 43.53
CA GLU B 258 12.76 7.18 44.29
C GLU B 258 14.13 7.60 44.84
N GLU B 259 14.75 6.70 45.60
CA GLU B 259 16.06 6.98 46.19
C GLU B 259 17.10 7.25 45.10
N ALA B 260 16.90 6.63 43.94
CA ALA B 260 17.77 6.83 42.80
C ALA B 260 17.63 8.25 42.26
N LEU B 261 16.38 8.69 42.09
CA LEU B 261 16.09 10.02 41.59
C LEU B 261 16.58 11.10 42.56
N ILE B 262 16.36 10.87 43.84
CA ILE B 262 16.78 11.82 44.87
C ILE B 262 18.27 12.11 44.77
N GLN B 263 19.06 11.06 44.55
CA GLN B 263 20.51 11.22 44.45
C GLN B 263 20.89 11.96 43.17
N ILE B 264 20.14 11.74 42.10
CA ILE B 264 20.38 12.41 40.83
C ILE B 264 20.22 13.92 40.95
N LEU B 265 19.39 14.33 41.91
CA LEU B 265 19.13 15.75 42.13
C LEU B 265 20.19 16.39 43.01
N LYS B 266 20.98 15.57 43.69
CA LYS B 266 21.97 16.05 44.64
C LYS B 266 23.40 15.70 44.24
N GLU B 267 23.70 14.39 44.23
CA GLU B 267 25.07 13.90 44.09
C GLU B 267 25.81 14.40 42.85
N PRO B 268 25.24 14.20 41.65
CA PRO B 268 25.92 14.56 40.40
C PRO B 268 26.52 15.96 40.46
N LYS B 269 27.69 16.13 39.87
CA LYS B 269 28.36 17.43 39.88
C LYS B 269 27.56 18.47 39.12
N ASN B 270 26.64 18.00 38.28
CA ASN B 270 25.77 18.88 37.52
C ASN B 270 24.31 18.70 37.90
N ALA B 271 24.08 18.27 39.13
CA ALA B 271 22.72 18.04 39.63
C ALA B 271 21.88 19.30 39.52
N LEU B 272 20.56 19.12 39.42
CA LEU B 272 19.64 20.23 39.28
C LEU B 272 19.74 21.20 40.46
N THR B 273 19.78 20.65 41.67
CA THR B 273 19.86 21.48 42.87
C THR B 273 21.11 22.37 42.84
N LYS B 274 22.23 21.78 42.42
CA LYS B 274 23.49 22.52 42.37
C LYS B 274 23.47 23.62 41.31
N GLN B 275 22.64 23.43 40.28
CA GLN B 275 22.52 24.42 39.21
C GLN B 275 21.73 25.64 39.66
N TYR B 276 20.59 25.41 40.29
CA TYR B 276 19.74 26.49 40.78
C TYR B 276 20.36 27.18 42.00
N GLN B 277 21.07 26.42 42.82
CA GLN B 277 21.77 26.99 43.95
C GLN B 277 22.88 27.93 43.49
N ALA B 278 23.31 27.73 42.24
CA ALA B 278 24.33 28.58 41.63
C ALA B 278 23.69 29.78 40.93
N LEU B 279 22.51 29.57 40.38
CA LEU B 279 21.77 30.64 39.72
C LEU B 279 21.32 31.67 40.76
N PHE B 280 20.72 31.18 41.85
CA PHE B 280 20.33 32.03 42.96
C PHE B 280 21.56 32.56 43.70
N ASN B 281 22.67 31.83 43.59
CA ASN B 281 23.91 32.23 44.23
C ASN B 281 24.42 33.56 43.67
N LEU B 282 24.29 33.74 42.37
CA LEU B 282 24.69 34.99 41.72
C LEU B 282 23.61 36.05 41.88
N GLU B 283 22.66 35.79 42.77
CA GLU B 283 21.62 36.75 43.11
C GLU B 283 21.77 37.19 44.56
N GLY B 284 22.83 36.74 45.20
CA GLY B 284 23.08 37.03 46.60
C GLY B 284 22.12 36.27 47.50
N VAL B 285 21.47 35.25 46.93
CA VAL B 285 20.50 34.46 47.67
C VAL B 285 20.89 32.98 47.73
N ASP B 286 20.99 32.44 48.94
CA ASP B 286 21.28 31.02 49.12
C ASP B 286 20.02 30.18 48.93
N LEU B 287 20.11 29.18 48.06
CA LEU B 287 18.96 28.30 47.81
C LEU B 287 19.14 26.98 48.53
N GLU B 288 18.18 26.64 49.38
CA GLU B 288 18.24 25.41 50.17
C GLU B 288 17.09 24.48 49.83
N PHE B 289 17.42 23.22 49.57
CA PHE B 289 16.41 22.20 49.28
C PHE B 289 16.30 21.22 50.44
N ARG B 290 15.17 21.26 51.13
CA ARG B 290 14.91 20.31 52.21
C ARG B 290 14.77 18.90 51.64
N ASP B 291 15.20 17.92 52.42
CA ASP B 291 15.12 16.52 51.99
C ASP B 291 13.68 16.11 51.70
N GLU B 292 12.73 16.72 52.41
CA GLU B 292 11.32 16.43 52.21
C GLU B 292 10.85 16.93 50.85
N ALA B 293 11.57 17.92 50.32
CA ALA B 293 11.24 18.50 49.03
C ALA B 293 11.80 17.65 47.89
N LEU B 294 13.07 17.26 48.02
CA LEU B 294 13.74 16.45 47.01
C LEU B 294 13.01 15.12 46.80
N ASP B 295 12.56 14.52 47.89
CA ASP B 295 11.80 13.28 47.80
C ASP B 295 10.43 13.55 47.17
N ALA B 296 9.87 14.71 47.47
CA ALA B 296 8.58 15.11 46.90
C ALA B 296 8.70 15.27 45.38
N ILE B 297 9.88 15.68 44.94
CA ILE B 297 10.14 15.85 43.51
C ILE B 297 10.26 14.51 42.81
N ALA B 298 10.91 13.55 43.48
CA ALA B 298 11.08 12.22 42.92
C ALA B 298 9.74 11.53 42.70
N LYS B 299 8.84 11.68 43.65
CA LYS B 299 7.51 11.08 43.56
C LYS B 299 6.74 11.65 42.37
N LYS B 300 6.80 12.97 42.21
CA LYS B 300 6.13 13.65 41.11
C LYS B 300 6.64 13.14 39.76
N ALA B 301 7.92 12.78 39.71
CA ALA B 301 8.54 12.31 38.48
C ALA B 301 8.10 10.88 38.14
N MET B 302 7.98 10.05 39.17
CA MET B 302 7.62 8.65 38.97
C MET B 302 6.14 8.53 38.60
N ALA B 303 5.30 9.34 39.22
CA ALA B 303 3.87 9.33 38.95
C ALA B 303 3.58 9.72 37.51
N ARG B 304 4.55 10.37 36.87
CA ARG B 304 4.40 10.82 35.49
C ARG B 304 5.16 9.94 34.51
N LYS B 305 5.91 8.98 35.05
CA LYS B 305 6.65 8.01 34.23
C LYS B 305 7.64 8.67 33.28
N THR B 306 8.00 9.91 33.57
CA THR B 306 8.94 10.65 32.74
C THR B 306 10.38 10.32 33.10
N GLY B 307 10.56 9.62 34.22
CA GLY B 307 11.87 9.23 34.67
C GLY B 307 12.69 10.39 35.20
N ALA B 308 13.96 10.42 34.86
CA ALA B 308 14.85 11.50 35.29
C ALA B 308 14.79 12.68 34.32
N ARG B 309 14.26 12.43 33.13
CA ARG B 309 14.15 13.48 32.11
C ARG B 309 13.10 14.51 32.48
N GLY B 310 12.15 14.11 33.33
CA GLY B 310 11.08 14.99 33.75
C GLY B 310 11.34 15.65 35.09
N LEU B 311 12.58 15.59 35.55
CA LEU B 311 12.95 16.21 36.81
C LEU B 311 13.07 17.72 36.66
N ARG B 312 13.67 18.18 35.57
CA ARG B 312 13.86 19.61 35.34
C ARG B 312 12.54 20.35 35.19
N SER B 313 11.61 19.76 34.43
CA SER B 313 10.31 20.39 34.19
C SER B 313 9.53 20.60 35.48
N ILE B 314 9.82 19.79 36.50
CA ILE B 314 9.15 19.92 37.79
C ILE B 314 9.82 20.99 38.64
N VAL B 315 11.15 21.03 38.61
CA VAL B 315 11.92 22.00 39.38
C VAL B 315 11.67 23.42 38.87
N GLU B 316 11.61 23.57 37.55
CA GLU B 316 11.40 24.87 36.94
C GLU B 316 10.06 25.48 37.31
N ALA B 317 9.02 24.66 37.33
CA ALA B 317 7.68 25.14 37.67
C ALA B 317 7.58 25.50 39.15
N ALA B 318 8.44 24.90 39.97
CA ALA B 318 8.43 25.16 41.40
C ALA B 318 9.17 26.46 41.76
N LEU B 319 10.25 26.74 41.03
CA LEU B 319 11.04 27.94 41.30
C LEU B 319 10.75 29.04 40.29
N LEU B 320 9.69 28.84 39.50
CA LEU B 320 9.32 29.82 38.47
C LEU B 320 8.96 31.16 39.09
N ASP B 321 7.88 31.17 39.87
CA ASP B 321 7.40 32.40 40.51
C ASP B 321 8.49 33.06 41.33
N THR B 322 9.35 32.25 41.94
CA THR B 322 10.43 32.76 42.77
C THR B 322 11.47 33.51 41.92
N MET B 323 11.88 32.89 40.82
CA MET B 323 12.87 33.50 39.93
C MET B 323 12.32 34.75 39.26
N TYR B 324 10.99 34.85 39.21
CA TYR B 324 10.33 35.98 38.61
C TYR B 324 10.50 37.25 39.45
N ASP B 325 10.08 37.18 40.69
CA ASP B 325 10.15 38.34 41.59
C ASP B 325 11.33 38.27 42.56
N LEU B 326 12.40 37.62 42.14
CA LEU B 326 13.61 37.50 42.94
C LEU B 326 14.49 38.74 42.84
N PRO B 327 14.81 39.17 41.60
CA PRO B 327 15.66 40.34 41.41
C PRO B 327 14.99 41.60 41.93
N SER B 328 13.73 41.50 42.33
CA SER B 328 12.99 42.64 42.86
C SER B 328 12.86 42.56 44.38
N MET B 329 13.84 41.95 45.03
CA MET B 329 13.82 41.81 46.48
C MET B 329 15.20 42.03 47.11
N GLU B 330 15.29 41.82 48.42
CA GLU B 330 16.56 42.00 49.14
C GLU B 330 16.63 41.05 50.34
N ASP B 331 16.49 39.76 50.07
CA ASP B 331 16.50 38.76 51.12
C ASP B 331 17.83 38.02 51.20
N VAL B 332 17.95 37.16 52.22
CA VAL B 332 19.15 36.39 52.47
C VAL B 332 19.13 35.05 51.73
N GLU B 333 18.09 34.26 51.98
CA GLU B 333 17.97 32.94 51.35
C GLU B 333 16.51 32.53 51.13
N LYS B 334 16.31 31.56 50.24
CA LYS B 334 14.97 31.02 49.97
C LYS B 334 14.94 29.52 50.22
N VAL B 335 14.13 29.09 51.18
CA VAL B 335 14.04 27.67 51.53
C VAL B 335 12.91 26.97 50.79
N VAL B 336 13.24 25.90 50.08
CA VAL B 336 12.26 25.14 49.32
C VAL B 336 11.77 23.94 50.11
N ILE B 337 10.55 24.03 50.65
CA ILE B 337 9.97 22.96 51.43
C ILE B 337 9.16 22.01 50.56
N ASP B 338 8.65 20.94 51.15
CA ASP B 338 7.86 19.96 50.42
C ASP B 338 6.53 20.53 49.96
N GLU B 339 5.92 21.35 50.80
CA GLU B 339 4.62 21.95 50.49
C GLU B 339 4.70 22.80 49.21
N SER B 340 5.90 23.21 48.85
CA SER B 340 6.11 24.05 47.67
C SER B 340 6.09 23.23 46.39
N VAL B 341 6.45 21.95 46.51
CA VAL B 341 6.53 21.06 45.34
C VAL B 341 5.24 20.28 45.15
N ILE B 342 4.93 19.39 46.08
CA ILE B 342 3.74 18.56 45.98
C ILE B 342 2.46 19.39 45.89
N ASP B 343 2.17 20.15 46.94
CA ASP B 343 0.98 20.99 46.96
C ASP B 343 1.08 22.12 45.94
N GLY B 344 2.29 22.66 45.79
CA GLY B 344 2.51 23.76 44.88
C GLY B 344 1.67 24.96 45.27
N GLN B 345 1.09 24.90 46.47
CA GLN B 345 0.23 25.97 46.97
C GLN B 345 1.05 27.02 47.71
N SER B 346 1.75 26.60 48.76
CA SER B 346 2.55 27.51 49.56
C SER B 346 3.79 27.97 48.82
N GLU B 347 4.21 29.21 49.07
CA GLU B 347 5.40 29.75 48.42
C GLU B 347 6.66 29.43 49.22
N PRO B 348 7.80 29.33 48.53
CA PRO B 348 9.10 29.08 49.16
C PRO B 348 9.31 30.01 50.33
N LEU B 349 9.82 29.48 51.45
CA LEU B 349 10.16 30.30 52.59
C LEU B 349 11.22 31.34 52.21
N LEU B 350 11.06 32.56 52.70
CA LEU B 350 11.99 33.64 52.42
C LEU B 350 12.59 34.19 53.70
N ILE B 351 13.91 34.18 53.79
CA ILE B 351 14.60 34.67 54.97
C ILE B 351 15.36 35.96 54.68
N TYR B 352 15.21 36.96 55.54
CA TYR B 352 15.88 38.25 55.34
C TYR B 352 16.99 38.47 56.37
N ALA C 2 23.03 47.37 32.95
CA ALA C 2 21.92 47.23 33.88
C ALA C 2 20.74 46.52 33.23
N LEU C 3 20.62 45.21 33.50
CA LEU C 3 19.54 44.40 32.94
C LEU C 3 18.20 44.74 33.57
N PRO C 4 17.13 44.76 32.74
CA PRO C 4 15.76 44.94 33.22
C PRO C 4 15.26 43.68 33.94
N THR C 5 14.94 43.80 35.22
CA THR C 5 14.46 42.67 36.00
C THR C 5 13.29 41.99 35.30
N PRO C 6 13.05 40.70 35.60
CA PRO C 6 11.91 40.00 34.99
C PRO C 6 10.61 40.78 35.17
N HIS C 7 10.50 41.52 36.27
CA HIS C 7 9.35 42.38 36.51
C HIS C 7 9.21 43.44 35.42
N GLU C 8 10.33 44.13 35.15
CA GLU C 8 10.35 45.18 34.14
C GLU C 8 10.14 44.61 32.75
N ILE C 9 10.73 43.45 32.48
CA ILE C 9 10.59 42.79 31.18
C ILE C 9 9.15 42.46 30.88
N ARG C 10 8.48 41.81 31.83
CA ARG C 10 7.07 41.46 31.68
C ARG C 10 6.21 42.71 31.57
N ASN C 11 6.58 43.75 32.31
CA ASN C 11 5.84 45.00 32.29
C ASN C 11 5.82 45.65 30.91
N HIS C 12 6.97 45.69 30.25
CA HIS C 12 7.06 46.28 28.92
C HIS C 12 6.42 45.38 27.86
N LEU C 13 6.27 44.10 28.17
CA LEU C 13 5.59 43.17 27.27
C LEU C 13 4.08 43.38 27.30
N ASP C 14 3.60 43.96 28.40
CA ASP C 14 2.18 44.27 28.55
C ASP C 14 1.77 45.41 27.63
N ASP C 15 2.75 46.16 27.16
CA ASP C 15 2.50 47.31 26.30
C ASP C 15 2.32 46.91 24.84
N TYR C 16 3.00 45.83 24.45
CA TYR C 16 2.97 45.37 23.06
C TYR C 16 2.03 44.18 22.86
N VAL C 17 1.91 43.34 23.89
CA VAL C 17 1.08 42.15 23.80
C VAL C 17 0.04 42.11 24.93
N ILE C 18 -1.19 41.71 24.58
CA ILE C 18 -2.26 41.59 25.56
C ILE C 18 -2.44 40.15 26.00
N GLY C 19 -2.76 39.97 27.29
CA GLY C 19 -2.95 38.65 27.84
C GLY C 19 -1.67 37.84 27.86
N GLN C 20 -1.81 36.51 27.91
CA GLN C 20 -0.66 35.63 27.93
C GLN C 20 0.27 35.95 29.10
N GLU C 21 -0.33 36.35 30.21
CA GLU C 21 0.44 36.78 31.39
C GLU C 21 1.40 35.70 31.87
N GLN C 22 0.98 34.44 31.79
CA GLN C 22 1.83 33.33 32.23
C GLN C 22 2.99 33.10 31.26
N ALA C 23 2.70 33.13 29.97
CA ALA C 23 3.73 32.92 28.96
C ALA C 23 4.78 34.03 29.04
N LYS C 24 4.34 35.25 29.31
CA LYS C 24 5.24 36.38 29.44
C LYS C 24 6.04 36.32 30.74
N LYS C 25 5.42 35.76 31.78
CA LYS C 25 6.12 35.55 33.04
C LYS C 25 7.26 34.53 32.85
N VAL C 26 7.02 33.58 31.96
CA VAL C 26 8.01 32.54 31.66
C VAL C 26 9.14 33.09 30.80
N LEU C 27 8.77 33.86 29.77
CA LEU C 27 9.76 34.46 28.88
C LEU C 27 10.64 35.46 29.61
N ALA C 28 10.03 36.23 30.51
CA ALA C 28 10.76 37.22 31.29
C ALA C 28 11.89 36.58 32.08
N VAL C 29 11.59 35.48 32.76
CA VAL C 29 12.58 34.76 33.54
C VAL C 29 13.61 34.09 32.64
N ALA C 30 13.14 33.42 31.59
CA ALA C 30 14.03 32.74 30.67
C ALA C 30 15.02 33.71 30.04
N VAL C 31 14.52 34.83 29.54
CA VAL C 31 15.37 35.84 28.92
C VAL C 31 16.34 36.45 29.93
N TYR C 32 15.82 36.80 31.10
CA TYR C 32 16.66 37.39 32.15
C TYR C 32 17.81 36.46 32.51
N ASN C 33 17.50 35.20 32.77
CA ASN C 33 18.51 34.21 33.12
C ASN C 33 19.53 33.99 32.01
N HIS C 34 19.07 34.12 30.77
CA HIS C 34 19.93 33.92 29.62
C HIS C 34 21.05 34.96 29.57
N TYR C 35 20.67 36.23 29.68
CA TYR C 35 21.64 37.32 29.63
C TYR C 35 22.35 37.52 30.97
N LYS C 36 21.71 37.07 32.05
CA LYS C 36 22.34 37.12 33.36
C LYS C 36 23.46 36.09 33.40
N ARG C 37 23.42 35.16 32.46
CA ARG C 37 24.43 34.11 32.36
C ARG C 37 25.61 34.57 31.51
N LEU C 38 25.32 35.29 30.43
CA LEU C 38 26.35 35.74 29.51
C LEU C 38 27.20 36.88 30.07
N ARG C 39 26.55 37.80 30.79
CA ARG C 39 27.24 38.96 31.35
C ARG C 39 28.13 38.56 32.52
N ASN C 40 28.03 37.31 32.95
CA ASN C 40 28.90 36.77 33.99
C ASN C 40 29.84 35.71 33.43
N GLY C 41 29.86 35.58 32.11
CA GLY C 41 30.71 34.60 31.45
C GLY C 41 30.44 33.19 31.94
N ASP C 42 29.16 32.85 32.13
CA ASP C 42 28.77 31.56 32.66
C ASP C 42 29.45 31.29 33.99
N THR C 43 30.44 30.40 33.99
CA THR C 43 31.21 30.10 35.18
C THR C 43 32.70 29.98 34.86
N SER C 44 33.52 30.76 35.56
CA SER C 44 34.96 30.77 35.32
C SER C 44 35.57 29.38 35.47
N ASN C 45 36.57 29.09 34.65
CA ASN C 45 37.24 27.79 34.67
C ASN C 45 36.29 26.63 34.41
N GLU C 48 28.16 24.50 35.92
CA GLU C 48 27.13 24.31 34.90
C GLU C 48 26.18 25.52 34.81
N LEU C 49 25.30 25.48 33.82
CA LEU C 49 24.33 26.55 33.60
C LEU C 49 23.37 26.18 32.47
N GLY C 50 22.07 26.27 32.74
CA GLY C 50 21.06 25.94 31.77
C GLY C 50 21.09 26.83 30.54
N LYS C 51 20.92 26.23 29.37
CA LYS C 51 20.89 26.97 28.11
C LYS C 51 19.80 28.03 28.15
N SER C 52 18.69 27.69 28.80
CA SER C 52 17.59 28.63 29.00
C SER C 52 16.84 28.95 27.70
N ASN C 53 17.01 28.09 26.70
CA ASN C 53 16.32 28.25 25.43
C ASN C 53 14.81 28.03 25.56
N ILE C 54 14.04 28.62 24.67
CA ILE C 54 12.59 28.66 24.81
C ILE C 54 11.86 27.96 23.66
N LEU C 55 10.69 27.41 23.98
CA LEU C 55 9.81 26.78 22.99
C LEU C 55 8.40 27.33 23.12
N LEU C 56 8.00 28.15 22.14
CA LEU C 56 6.67 28.74 22.15
C LEU C 56 5.63 27.81 21.52
N ILE C 57 4.52 27.64 22.21
CA ILE C 57 3.42 26.80 21.71
C ILE C 57 2.10 27.54 21.83
N GLY C 58 1.57 27.99 20.69
CA GLY C 58 0.32 28.71 20.67
C GLY C 58 -0.31 28.74 19.29
N PRO C 59 -1.64 28.93 19.24
CA PRO C 59 -2.40 29.00 17.99
C PRO C 59 -1.82 30.05 17.04
N THR C 60 -2.18 29.96 15.76
CA THR C 60 -1.71 30.91 14.77
C THR C 60 -2.32 32.28 14.99
N GLY C 61 -1.47 33.28 15.23
CA GLY C 61 -1.93 34.63 15.47
C GLY C 61 -2.18 34.88 16.95
N SER C 62 -1.51 34.12 17.80
CA SER C 62 -1.63 34.29 19.24
C SER C 62 -0.60 35.27 19.76
N GLY C 63 0.40 35.56 18.93
CA GLY C 63 1.41 36.55 19.29
C GLY C 63 2.79 35.96 19.54
N LYS C 64 3.02 34.75 19.04
CA LYS C 64 4.31 34.09 19.21
C LYS C 64 5.43 34.92 18.61
N THR C 65 5.26 35.33 17.36
CA THR C 65 6.28 36.11 16.66
C THR C 65 6.42 37.50 17.28
N LEU C 66 5.29 38.11 17.63
CA LEU C 66 5.30 39.44 18.21
C LEU C 66 6.08 39.47 19.52
N LEU C 67 5.90 38.45 20.35
CA LEU C 67 6.61 38.35 21.61
C LEU C 67 8.12 38.28 21.41
N ALA C 68 8.53 37.50 20.41
CA ALA C 68 9.94 37.32 20.12
C ALA C 68 10.61 38.63 19.73
N GLU C 69 9.98 39.36 18.81
CA GLU C 69 10.51 40.65 18.35
C GLU C 69 10.62 41.64 19.50
N THR C 70 9.58 41.72 20.31
CA THR C 70 9.54 42.67 21.43
C THR C 70 10.68 42.44 22.41
N LEU C 71 10.94 41.18 22.74
CA LEU C 71 12.01 40.83 23.67
C LEU C 71 13.36 41.34 23.18
N ALA C 72 13.51 41.43 21.86
CA ALA C 72 14.74 41.93 21.26
C ALA C 72 14.83 43.46 21.38
N ARG C 73 13.74 44.13 21.06
CA ARG C 73 13.70 45.59 21.13
C ARG C 73 13.85 46.11 22.55
N LEU C 74 13.32 45.35 23.52
CA LEU C 74 13.40 45.73 24.92
C LEU C 74 14.81 45.59 25.45
N LEU C 75 15.65 44.87 24.72
CA LEU C 75 17.04 44.66 25.12
C LEU C 75 18.02 45.14 24.06
N ASP C 76 17.54 46.02 23.17
CA ASP C 76 18.35 46.54 22.07
C ASP C 76 19.28 45.46 21.51
N VAL C 77 18.73 44.28 21.27
CA VAL C 77 19.50 43.14 20.80
C VAL C 77 19.09 42.73 19.38
N PRO C 78 20.08 42.43 18.54
CA PRO C 78 19.87 42.00 17.15
C PRO C 78 18.91 40.82 17.07
N PHE C 79 17.86 40.96 16.28
CA PHE C 79 16.86 39.91 16.15
C PHE C 79 16.72 39.44 14.70
N THR C 80 16.49 38.15 14.52
CA THR C 80 16.30 37.59 13.19
C THR C 80 15.36 36.39 13.21
N MET C 81 14.51 36.28 12.19
CA MET C 81 13.57 35.19 12.09
C MET C 81 14.03 34.11 11.12
N ALA C 82 13.27 33.02 11.06
CA ALA C 82 13.56 31.92 10.15
C ALA C 82 12.47 30.87 10.26
N ASP C 83 12.00 30.39 9.11
CA ASP C 83 10.94 29.39 9.08
C ASP C 83 11.52 27.99 8.98
N ALA C 84 11.04 27.08 9.82
CA ALA C 84 11.48 25.69 9.78
C ALA C 84 11.03 25.01 8.49
N THR C 85 10.06 25.60 7.81
CA THR C 85 9.55 25.05 6.56
C THR C 85 10.54 25.26 5.42
N THR C 86 11.04 26.49 5.30
CA THR C 86 11.99 26.82 4.25
C THR C 86 13.32 26.10 4.45
N LEU C 87 13.43 25.37 5.56
CA LEU C 87 14.62 24.59 5.86
C LEU C 87 14.41 23.11 5.54
N GLY C 91 20.30 18.10 2.33
CA GLY C 91 21.69 18.19 2.71
C GLY C 91 22.26 19.58 2.51
N TYR C 92 21.89 20.21 1.40
CA TYR C 92 22.36 21.55 1.09
C TYR C 92 21.85 22.56 2.11
N VAL C 93 20.66 22.30 2.65
CA VAL C 93 20.06 23.19 3.64
C VAL C 93 20.86 23.20 4.93
N GLY C 94 21.78 22.25 5.06
CA GLY C 94 22.69 22.21 6.19
C GLY C 94 23.60 23.42 6.18
N GLU C 95 23.79 24.00 4.99
CA GLU C 95 24.55 25.22 4.83
C GLU C 95 23.61 26.41 4.74
N ASP C 96 22.31 26.12 4.72
CA ASP C 96 21.28 27.16 4.70
C ASP C 96 20.87 27.47 6.13
N VAL C 97 21.27 26.60 7.06
CA VAL C 97 21.00 26.81 8.47
C VAL C 97 21.95 27.87 9.04
N GLU C 98 23.18 27.87 8.56
CA GLU C 98 24.16 28.87 8.98
C GLU C 98 23.81 30.23 8.40
N ASN C 99 22.95 30.22 7.38
CA ASN C 99 22.48 31.46 6.74
C ASN C 99 21.78 32.34 7.77
N ILE C 100 21.12 31.70 8.73
CA ILE C 100 20.43 32.41 9.81
C ILE C 100 21.42 33.24 10.63
N ILE C 101 22.68 32.84 10.60
CA ILE C 101 23.72 33.53 11.35
C ILE C 101 24.22 34.78 10.62
N GLN C 102 24.47 34.64 9.32
CA GLN C 102 24.97 35.76 8.54
C GLN C 102 23.93 36.89 8.49
N LYS C 103 22.65 36.50 8.57
CA LYS C 103 21.57 37.48 8.61
C LYS C 103 21.52 38.16 9.97
N LEU C 104 21.86 37.41 11.01
CA LEU C 104 21.93 37.97 12.37
C LEU C 104 23.07 38.98 12.46
N LEU C 105 24.15 38.71 11.73
CA LEU C 105 25.28 39.61 11.69
C LEU C 105 24.94 40.86 10.86
N GLN C 106 24.18 40.66 9.79
CA GLN C 106 23.77 41.75 8.93
C GLN C 106 23.07 42.85 9.72
N LYS C 107 22.09 42.46 10.53
CA LYS C 107 21.36 43.40 11.37
C LYS C 107 22.12 43.73 12.64
N CYS C 108 23.36 43.25 12.72
CA CYS C 108 24.20 43.48 13.89
C CYS C 108 25.46 44.24 13.50
N ASP C 109 25.53 44.63 12.22
CA ASP C 109 26.69 45.34 11.70
C ASP C 109 27.97 44.51 11.80
N TYR C 110 27.79 43.20 11.72
CA TYR C 110 28.91 42.26 11.74
C TYR C 110 29.78 42.37 12.99
N ASP C 111 29.14 42.66 14.12
CA ASP C 111 29.82 42.70 15.40
C ASP C 111 29.67 41.36 16.11
N VAL C 112 30.77 40.62 16.19
CA VAL C 112 30.75 39.28 16.75
C VAL C 112 30.16 39.22 18.16
N GLN C 113 30.55 40.17 19.01
CA GLN C 113 30.09 40.18 20.40
C GLN C 113 28.58 40.44 20.50
N LYS C 114 28.11 41.48 19.82
CA LYS C 114 26.69 41.81 19.85
C LYS C 114 25.86 40.74 19.14
N ALA C 115 26.46 40.06 18.18
CA ALA C 115 25.78 38.99 17.46
C ALA C 115 25.54 37.80 18.38
N GLN C 116 26.50 37.54 19.27
CA GLN C 116 26.39 36.45 20.23
C GLN C 116 25.31 36.75 21.27
N ARG C 117 24.95 38.03 21.40
CA ARG C 117 23.93 38.44 22.36
C ARG C 117 22.57 38.46 21.68
N GLY C 118 22.53 38.06 20.42
CA GLY C 118 21.32 38.12 19.62
C GLY C 118 20.28 37.06 19.95
N ILE C 119 19.09 37.22 19.36
CA ILE C 119 17.99 36.29 19.55
C ILE C 119 17.50 35.77 18.21
N VAL C 120 17.30 34.45 18.11
CA VAL C 120 16.83 33.85 16.87
C VAL C 120 15.50 33.12 17.08
N TYR C 121 14.52 33.45 16.23
CA TYR C 121 13.21 32.83 16.34
C TYR C 121 12.91 31.94 15.14
N ILE C 122 12.66 30.66 15.41
CA ILE C 122 12.32 29.70 14.36
C ILE C 122 10.83 29.37 14.43
N ASP C 123 10.10 29.78 13.40
CA ASP C 123 8.65 29.58 13.36
C ASP C 123 8.31 28.24 12.74
N GLU C 124 7.15 27.70 13.11
CA GLU C 124 6.65 26.45 12.52
C GLU C 124 7.58 25.27 12.76
N ILE C 125 8.01 25.10 14.01
CA ILE C 125 8.81 23.94 14.39
C ILE C 125 7.96 22.68 14.36
N ASP C 126 6.68 22.84 14.66
CA ASP C 126 5.73 21.74 14.67
C ASP C 126 5.54 21.11 13.28
N LYS C 127 6.11 21.74 12.27
CA LYS C 127 5.95 21.28 10.89
C LYS C 127 7.04 20.29 10.47
N ILE C 128 8.17 20.33 11.17
CA ILE C 128 9.30 19.46 10.83
C ILE C 128 9.33 18.19 11.69
N SER C 129 8.26 17.97 12.45
CA SER C 129 8.16 16.80 13.29
C SER C 129 7.77 15.57 12.47
N ARG C 130 8.65 14.57 12.45
CA ARG C 130 8.40 13.34 11.70
C ARG C 130 7.29 12.51 12.34
N ARG C 139 8.32 15.31 3.97
CA ARG C 139 9.11 14.10 4.16
C ARG C 139 9.59 13.98 5.60
N ASP C 140 9.52 12.78 6.16
CA ASP C 140 9.89 12.54 7.55
C ASP C 140 11.41 12.47 7.74
N VAL C 141 12.12 12.04 6.70
CA VAL C 141 13.58 11.92 6.78
C VAL C 141 14.26 13.28 6.66
N SER C 142 13.91 14.03 5.63
CA SER C 142 14.50 15.34 5.39
C SER C 142 14.04 16.35 6.46
N GLY C 143 12.74 16.36 6.73
CA GLY C 143 12.18 17.28 7.70
C GLY C 143 12.76 17.10 9.07
N GLU C 144 12.74 15.86 9.57
CA GLU C 144 13.26 15.54 10.88
C GLU C 144 14.76 15.86 10.95
N GLY C 145 15.46 15.66 9.83
CA GLY C 145 16.87 15.93 9.76
C GLY C 145 17.22 17.38 10.07
N VAL C 146 16.27 18.27 9.81
CA VAL C 146 16.46 19.70 10.09
C VAL C 146 16.56 19.93 11.59
N GLN C 147 15.91 19.06 12.36
CA GLN C 147 15.93 19.19 13.82
C GLN C 147 17.34 19.04 14.39
N GLN C 148 18.10 18.10 13.83
CA GLN C 148 19.48 17.89 14.27
C GLN C 148 20.44 18.89 13.62
N ALA C 149 20.14 19.27 12.38
CA ALA C 149 20.92 20.28 11.69
C ALA C 149 20.77 21.61 12.42
N LEU C 150 19.55 21.87 12.89
CA LEU C 150 19.25 23.07 13.66
C LEU C 150 19.69 22.87 15.11
N LEU C 151 19.96 21.62 15.48
CA LEU C 151 20.42 21.28 16.81
C LEU C 151 21.86 21.74 17.01
N LYS C 152 22.66 21.66 15.95
CA LYS C 152 24.06 22.06 15.99
C LYS C 152 24.21 23.48 16.53
N LEU C 153 23.30 24.35 16.12
CA LEU C 153 23.31 25.74 16.55
C LEU C 153 23.05 25.86 18.05
N ILE C 154 21.97 25.24 18.51
CA ILE C 154 21.59 25.30 19.92
C ILE C 154 22.75 24.87 20.83
N GLU C 155 23.49 23.85 20.39
CA GLU C 155 24.70 23.43 21.10
C GLU C 155 25.76 24.52 20.99
N GLY C 156 26.26 24.71 19.77
CA GLY C 156 27.29 25.70 19.52
C GLY C 156 28.49 25.11 18.83
N THR C 157 29.00 25.79 17.82
CA THR C 157 30.16 25.31 17.06
C THR C 157 31.14 26.44 16.77
N PHE C 174 32.84 32.68 6.71
CA PHE C 174 33.69 32.47 7.87
C PHE C 174 33.36 33.47 8.97
N LEU C 175 32.26 33.22 9.68
CA LEU C 175 31.80 34.11 10.74
C LEU C 175 32.62 33.97 12.02
N GLN C 176 32.97 32.73 12.36
CA GLN C 176 33.76 32.43 13.56
C GLN C 176 32.98 32.65 14.85
N VAL C 177 31.73 33.07 14.72
CA VAL C 177 30.88 33.30 15.89
C VAL C 177 30.33 31.98 16.44
N ASP C 178 30.17 31.91 17.76
CA ASP C 178 29.59 30.72 18.38
C ASP C 178 28.09 30.88 18.60
N THR C 179 27.34 29.82 18.36
CA THR C 179 25.89 29.87 18.47
C THR C 179 25.40 29.46 19.86
N SER C 180 26.35 29.31 20.78
CA SER C 180 26.03 28.91 22.15
C SER C 180 25.48 30.09 22.94
N LYS C 181 25.97 31.28 22.64
CA LYS C 181 25.59 32.47 23.39
C LYS C 181 24.21 32.97 22.99
N ILE C 182 23.86 32.85 21.71
CA ILE C 182 22.60 33.37 21.21
C ILE C 182 21.39 32.60 21.72
N LEU C 183 20.34 33.33 22.05
CA LEU C 183 19.10 32.73 22.56
C LEU C 183 18.25 32.21 21.40
N PHE C 184 17.74 30.99 21.56
CA PHE C 184 16.90 30.38 20.54
C PHE C 184 15.46 30.20 21.00
N ILE C 185 14.54 30.81 20.27
CA ILE C 185 13.12 30.68 20.56
C ILE C 185 12.40 29.99 19.41
N CYS C 186 11.88 28.80 19.66
CA CYS C 186 11.20 28.03 18.63
C CYS C 186 9.69 28.05 18.81
N GLY C 187 8.99 28.61 17.83
CA GLY C 187 7.54 28.71 17.89
C GLY C 187 6.84 27.61 17.10
N GLY C 188 5.53 27.53 17.24
CA GLY C 188 4.75 26.52 16.56
C GLY C 188 3.34 26.42 17.13
N ALA C 189 2.40 25.98 16.29
CA ALA C 189 1.01 25.85 16.70
C ALA C 189 0.75 24.52 17.37
N PHE C 190 1.41 23.46 16.88
CA PHE C 190 1.23 22.12 17.41
C PHE C 190 -0.24 21.74 17.51
N ALA C 191 -0.83 21.43 16.37
CA ALA C 191 -2.25 21.10 16.32
C ALA C 191 -2.57 19.82 17.09
N GLY C 192 -1.85 18.75 16.78
CA GLY C 192 -2.11 17.46 17.39
C GLY C 192 -1.64 17.34 18.82
N LEU C 193 -0.84 18.30 19.27
CA LEU C 193 -0.31 18.28 20.62
C LEU C 193 -1.41 18.32 21.66
N ASP C 194 -2.52 18.98 21.34
CA ASP C 194 -3.64 19.10 22.26
C ASP C 194 -4.29 17.74 22.47
N LYS C 195 -4.05 16.82 21.55
CA LYS C 195 -4.67 15.50 21.61
C LYS C 195 -3.82 14.51 22.41
N VAL C 196 -2.52 14.49 22.13
CA VAL C 196 -1.60 13.58 22.81
C VAL C 196 -1.57 13.83 24.31
N ILE C 197 -1.64 15.09 24.71
CA ILE C 197 -1.65 15.45 26.12
C ILE C 197 -2.91 14.92 26.80
N SER C 198 -4.02 14.95 26.08
CA SER C 198 -5.29 14.47 26.61
C SER C 198 -5.30 12.96 26.80
N HIS C 199 -4.65 12.24 25.89
CA HIS C 199 -4.58 10.79 25.96
C HIS C 199 -3.63 10.33 27.06
N ARG C 200 -2.96 11.29 27.70
CA ARG C 200 -1.98 10.97 28.73
C ARG C 200 -2.50 11.29 30.13
N VAL C 201 -2.82 12.56 30.36
CA VAL C 201 -3.26 13.02 31.67
C VAL C 201 -4.58 12.37 32.06
N GLU C 202 -5.27 11.78 31.09
CA GLU C 202 -6.55 11.13 31.32
C GLU C 202 -6.46 10.10 32.45
N ALA C 220 -10.41 19.64 30.78
CA ALA C 220 -10.81 21.04 30.80
C ALA C 220 -10.65 21.67 29.42
N SER C 221 -10.16 22.91 29.39
CA SER C 221 -9.98 23.62 28.13
C SER C 221 -8.56 23.45 27.59
N GLU C 222 -8.38 23.75 26.31
CA GLU C 222 -7.08 23.62 25.66
C GLU C 222 -5.99 24.26 26.50
N GLY C 223 -6.22 25.51 26.92
CA GLY C 223 -5.25 26.23 27.73
C GLY C 223 -4.83 25.45 28.96
N GLU C 224 -5.81 24.84 29.62
CA GLU C 224 -5.55 24.04 30.81
C GLU C 224 -4.76 22.78 30.44
N LEU C 225 -4.97 22.27 29.24
CA LEU C 225 -4.30 21.07 28.76
C LEU C 225 -2.85 21.35 28.37
N LEU C 226 -2.63 22.47 27.69
CA LEU C 226 -1.29 22.84 27.25
C LEU C 226 -0.38 23.17 28.44
N ALA C 227 -1.00 23.42 29.60
CA ALA C 227 -0.24 23.68 30.82
C ALA C 227 0.34 22.37 31.35
N GLN C 228 -0.35 21.27 31.07
CA GLN C 228 0.10 19.95 31.50
C GLN C 228 1.10 19.37 30.51
N VAL C 229 1.55 20.19 29.57
CA VAL C 229 2.49 19.75 28.55
C VAL C 229 3.76 19.19 29.17
N GLU C 230 4.28 18.11 28.58
CA GLU C 230 5.50 17.49 29.07
C GLU C 230 6.42 17.13 27.91
N PRO C 231 7.74 17.06 28.18
CA PRO C 231 8.73 16.72 27.15
C PRO C 231 8.40 15.42 26.43
N GLU C 232 7.74 14.49 27.12
CA GLU C 232 7.38 13.21 26.52
C GLU C 232 6.22 13.37 25.53
N ASP C 233 5.40 14.39 25.76
CA ASP C 233 4.29 14.67 24.86
C ASP C 233 4.80 15.13 23.50
N LEU C 234 5.83 15.97 23.52
CA LEU C 234 6.45 16.45 22.28
C LEU C 234 7.20 15.32 21.58
N ILE C 235 7.62 14.33 22.37
CA ILE C 235 8.29 13.16 21.81
C ILE C 235 7.34 12.38 20.90
N LYS C 236 6.17 12.05 21.43
CA LYS C 236 5.16 11.32 20.66
C LYS C 236 4.65 12.15 19.50
N PHE C 237 4.80 13.47 19.60
CA PHE C 237 4.32 14.38 18.56
C PHE C 237 5.19 14.31 17.31
N GLY C 238 6.48 14.09 17.49
CA GLY C 238 7.40 13.98 16.37
C GLY C 238 8.79 14.54 16.64
N LEU C 239 8.92 15.33 17.70
CA LEU C 239 10.20 15.91 18.07
C LEU C 239 11.12 14.87 18.71
N ILE C 240 12.39 14.91 18.33
CA ILE C 240 13.38 13.97 18.86
C ILE C 240 13.82 14.38 20.26
N PRO C 241 14.20 13.39 21.09
CA PRO C 241 14.59 13.62 22.48
C PRO C 241 15.75 14.61 22.61
N GLU C 242 16.78 14.43 21.81
CA GLU C 242 17.98 15.26 21.90
C GLU C 242 17.67 16.73 21.59
N PHE C 243 16.60 16.96 20.85
CA PHE C 243 16.22 18.33 20.47
C PHE C 243 15.41 19.01 21.56
N ILE C 244 14.45 18.29 22.13
CA ILE C 244 13.60 18.83 23.18
C ILE C 244 14.40 19.14 24.44
N GLY C 245 15.44 18.35 24.69
CA GLY C 245 16.30 18.56 25.84
C GLY C 245 17.08 19.86 25.72
N ARG C 246 17.10 20.43 24.52
CA ARG C 246 17.78 21.68 24.27
C ARG C 246 16.84 22.87 24.47
N LEU C 247 15.55 22.57 24.59
CA LEU C 247 14.55 23.58 24.87
C LEU C 247 13.90 23.33 26.23
N PRO C 248 14.64 23.59 27.32
CA PRO C 248 14.11 23.34 28.66
C PRO C 248 12.90 24.22 28.98
N VAL C 249 12.92 25.45 28.50
CA VAL C 249 11.83 26.39 28.74
C VAL C 249 10.70 26.21 27.71
N VAL C 250 9.47 26.08 28.21
CA VAL C 250 8.31 25.89 27.34
C VAL C 250 7.16 26.81 27.72
N ALA C 251 6.94 27.85 26.92
CA ALA C 251 5.85 28.80 27.17
C ALA C 251 4.67 28.53 26.26
N THR C 252 3.46 28.76 26.77
CA THR C 252 2.24 28.44 26.04
C THR C 252 1.29 29.61 25.93
N LEU C 253 0.77 29.83 24.72
CA LEU C 253 -0.24 30.86 24.48
C LEU C 253 -1.58 30.21 24.16
N ASN C 254 -2.66 30.95 24.39
CA ASN C 254 -4.00 30.43 24.12
C ASN C 254 -4.97 31.52 23.66
N GLU C 255 -4.47 32.74 23.52
CA GLU C 255 -5.30 33.87 23.13
C GLU C 255 -4.74 34.62 21.94
N LEU C 256 -5.58 34.85 20.93
CA LEU C 256 -5.18 35.59 19.75
C LEU C 256 -5.08 37.08 20.08
N SER C 257 -4.33 37.82 19.27
CA SER C 257 -4.22 39.27 19.45
C SER C 257 -4.67 40.00 18.19
N GLU C 258 -5.57 40.96 18.36
CA GLU C 258 -6.08 41.74 17.23
C GLU C 258 -4.93 42.32 16.42
N GLU C 259 -4.01 42.98 17.10
CA GLU C 259 -2.88 43.61 16.44
C GLU C 259 -2.00 42.57 15.75
N ALA C 260 -2.00 41.35 16.27
CA ALA C 260 -1.24 40.26 15.68
C ALA C 260 -1.84 39.85 14.33
N LEU C 261 -3.16 39.70 14.30
CA LEU C 261 -3.85 39.33 13.08
C LEU C 261 -3.84 40.45 12.05
N ILE C 262 -4.01 41.69 12.51
CA ILE C 262 -3.98 42.85 11.62
C ILE C 262 -2.71 42.88 10.81
N GLN C 263 -1.59 42.52 11.44
CA GLN C 263 -0.30 42.49 10.76
C GLN C 263 -0.25 41.39 9.72
N ILE C 264 -0.81 40.23 10.07
CA ILE C 264 -0.80 39.08 9.17
C ILE C 264 -1.57 39.37 7.88
N LEU C 265 -2.46 40.37 7.93
CA LEU C 265 -3.24 40.75 6.77
C LEU C 265 -2.49 41.76 5.90
N LYS C 266 -1.47 42.39 6.46
CA LYS C 266 -0.73 43.44 5.76
C LYS C 266 0.73 43.07 5.51
N GLU C 267 1.50 43.01 6.59
CA GLU C 267 2.96 42.87 6.51
C GLU C 267 3.46 41.73 5.62
N PRO C 268 3.00 40.50 5.87
CA PRO C 268 3.49 39.35 5.10
C PRO C 268 3.52 39.62 3.60
N LYS C 269 4.56 39.13 2.94
CA LYS C 269 4.69 39.29 1.49
C LYS C 269 3.55 38.59 0.76
N ASN C 270 2.92 37.65 1.45
CA ASN C 270 1.79 36.90 0.89
C ASN C 270 0.50 37.19 1.64
N ALA C 271 0.41 38.39 2.21
CA ALA C 271 -0.76 38.77 3.00
C ALA C 271 -2.02 38.77 2.13
N LEU C 272 -3.15 38.54 2.77
CA LEU C 272 -4.44 38.47 2.06
C LEU C 272 -4.71 39.75 1.27
N THR C 273 -4.48 40.90 1.90
CA THR C 273 -4.71 42.19 1.25
C THR C 273 -3.85 42.32 -0.01
N LYS C 274 -2.60 41.90 0.08
CA LYS C 274 -1.69 41.99 -1.06
C LYS C 274 -2.10 41.08 -2.20
N GLN C 275 -2.81 40.00 -1.88
CA GLN C 275 -3.26 39.05 -2.90
C GLN C 275 -4.49 39.55 -3.64
N TYR C 276 -5.44 40.11 -2.91
CA TYR C 276 -6.65 40.66 -3.51
C TYR C 276 -6.37 41.97 -4.23
N GLN C 277 -5.39 42.70 -3.73
CA GLN C 277 -4.95 43.94 -4.38
C GLN C 277 -4.29 43.61 -5.72
N ALA C 278 -3.72 42.42 -5.81
CA ALA C 278 -3.08 41.97 -7.05
C ALA C 278 -4.11 41.39 -8.00
N LEU C 279 -5.10 40.70 -7.45
CA LEU C 279 -6.18 40.14 -8.25
C LEU C 279 -7.02 41.26 -8.87
N PHE C 280 -7.37 42.24 -8.05
CA PHE C 280 -8.10 43.41 -8.54
C PHE C 280 -7.22 44.25 -9.45
N ASN C 281 -5.91 44.16 -9.24
CA ASN C 281 -4.95 44.92 -10.03
C ASN C 281 -5.02 44.54 -11.51
N LEU C 282 -5.12 43.24 -11.78
CA LEU C 282 -5.18 42.75 -13.15
C LEU C 282 -6.57 42.95 -13.76
N GLU C 283 -7.39 43.74 -13.07
CA GLU C 283 -8.71 44.10 -13.57
C GLU C 283 -8.76 45.60 -13.82
N GLY C 284 -7.61 46.26 -13.68
CA GLY C 284 -7.51 47.69 -13.85
C GLY C 284 -8.14 48.45 -12.70
N VAL C 285 -8.32 47.76 -11.57
CA VAL C 285 -8.95 48.34 -10.40
C VAL C 285 -8.05 48.27 -9.17
N ASP C 286 -7.85 49.42 -8.52
CA ASP C 286 -7.05 49.47 -7.30
C ASP C 286 -7.91 49.12 -6.09
N LEU C 287 -7.45 48.16 -5.30
CA LEU C 287 -8.18 47.75 -4.10
C LEU C 287 -7.57 48.38 -2.86
N GLU C 288 -8.39 49.07 -2.09
CA GLU C 288 -7.93 49.78 -0.90
C GLU C 288 -8.61 49.25 0.36
N PHE C 289 -7.81 48.78 1.32
CA PHE C 289 -8.33 48.30 2.58
C PHE C 289 -8.11 49.34 3.68
N ARG C 290 -9.19 49.94 4.14
CA ARG C 290 -9.09 50.92 5.23
C ARG C 290 -8.66 50.24 6.52
N ASP C 291 -7.99 51.00 7.38
CA ASP C 291 -7.49 50.49 8.64
C ASP C 291 -8.64 50.04 9.54
N GLU C 292 -9.81 50.67 9.38
CA GLU C 292 -10.97 50.31 10.18
C GLU C 292 -11.53 48.97 9.72
N ALA C 293 -11.25 48.60 8.48
CA ALA C 293 -11.75 47.35 7.91
C ALA C 293 -10.87 46.17 8.32
N LEU C 294 -9.57 46.34 8.21
CA LEU C 294 -8.62 45.29 8.60
C LEU C 294 -8.83 44.89 10.05
N ASP C 295 -8.98 45.90 10.90
CA ASP C 295 -9.26 45.69 12.31
C ASP C 295 -10.61 45.00 12.47
N ALA C 296 -11.57 45.37 11.63
CA ALA C 296 -12.90 44.80 11.68
C ALA C 296 -12.87 43.32 11.31
N ILE C 297 -11.92 42.95 10.45
CA ILE C 297 -11.72 41.56 10.04
C ILE C 297 -11.11 40.75 11.18
N ALA C 298 -10.15 41.35 11.88
CA ALA C 298 -9.49 40.68 12.98
C ALA C 298 -10.48 40.33 14.08
N LYS C 299 -11.40 41.26 14.36
CA LYS C 299 -12.46 41.01 15.33
C LYS C 299 -13.27 39.77 14.96
N LYS C 300 -13.83 39.78 13.76
CA LYS C 300 -14.68 38.68 13.29
C LYS C 300 -13.95 37.34 13.37
N ALA C 301 -12.64 37.38 13.24
CA ALA C 301 -11.83 36.16 13.27
C ALA C 301 -11.74 35.61 14.70
N MET C 302 -11.55 36.51 15.65
CA MET C 302 -11.42 36.11 17.05
C MET C 302 -12.73 35.66 17.65
N ALA C 303 -13.81 36.35 17.31
CA ALA C 303 -15.14 36.01 17.80
C ALA C 303 -15.54 34.60 17.40
N ARG C 304 -14.92 34.09 16.34
CA ARG C 304 -15.22 32.76 15.82
C ARG C 304 -14.14 31.77 16.19
N LYS C 305 -13.12 32.24 16.90
CA LYS C 305 -12.03 31.38 17.39
C LYS C 305 -11.38 30.60 16.25
N THR C 306 -11.50 31.12 15.02
CA THR C 306 -10.93 30.44 13.85
C THR C 306 -9.49 30.86 13.62
N GLY C 307 -9.00 31.79 14.44
CA GLY C 307 -7.63 32.26 14.34
C GLY C 307 -7.30 32.83 12.97
N ALA C 308 -6.05 32.72 12.57
CA ALA C 308 -5.59 33.25 11.29
C ALA C 308 -6.14 32.43 10.13
N ARG C 309 -6.45 31.17 10.40
CA ARG C 309 -6.98 30.27 9.38
C ARG C 309 -8.34 30.75 8.88
N GLY C 310 -9.09 31.44 9.74
CA GLY C 310 -10.41 31.91 9.39
C GLY C 310 -10.44 33.33 8.87
N LEU C 311 -9.27 33.85 8.50
CA LEU C 311 -9.17 35.21 7.97
C LEU C 311 -9.57 35.27 6.51
N ARG C 312 -9.15 34.27 5.73
CA ARG C 312 -9.48 34.21 4.31
C ARG C 312 -10.98 34.05 4.08
N SER C 313 -11.60 33.14 4.81
CA SER C 313 -13.04 32.90 4.68
C SER C 313 -13.87 34.15 4.96
N ILE C 314 -13.27 35.11 5.67
CA ILE C 314 -13.93 36.37 5.99
C ILE C 314 -13.78 37.37 4.86
N VAL C 315 -12.58 37.43 4.29
CA VAL C 315 -12.28 38.35 3.21
C VAL C 315 -12.99 37.95 1.92
N GLU C 316 -13.03 36.66 1.62
CA GLU C 316 -13.70 36.18 0.43
C GLU C 316 -15.16 36.61 0.44
N ALA C 317 -15.85 36.34 1.55
CA ALA C 317 -17.27 36.65 1.66
C ALA C 317 -17.53 38.15 1.50
N ALA C 318 -16.56 38.97 1.88
CA ALA C 318 -16.71 40.42 1.82
C ALA C 318 -16.45 40.97 0.42
N LEU C 319 -15.60 40.29 -0.34
CA LEU C 319 -15.26 40.72 -1.69
C LEU C 319 -15.86 39.79 -2.74
N LEU C 320 -16.81 38.96 -2.32
CA LEU C 320 -17.46 38.00 -3.22
C LEU C 320 -18.32 38.71 -4.25
N ASP C 321 -19.32 39.44 -3.79
CA ASP C 321 -20.21 40.17 -4.67
C ASP C 321 -19.44 41.14 -5.56
N THR C 322 -18.37 41.71 -5.03
CA THR C 322 -17.57 42.65 -5.79
C THR C 322 -16.86 41.97 -6.96
N MET C 323 -16.21 40.85 -6.70
CA MET C 323 -15.46 40.13 -7.73
C MET C 323 -16.40 39.49 -8.75
N TYR C 324 -17.68 39.39 -8.39
CA TYR C 324 -18.67 38.78 -9.28
C TYR C 324 -19.08 39.74 -10.40
N ASP C 325 -19.52 40.93 -10.02
CA ASP C 325 -19.94 41.93 -11.02
C ASP C 325 -18.90 43.03 -11.22
N LEU C 326 -17.63 42.67 -11.09
CA LEU C 326 -16.54 43.62 -11.33
C LEU C 326 -16.10 43.62 -12.80
N PRO C 327 -15.96 42.44 -13.41
CA PRO C 327 -15.58 42.38 -14.81
C PRO C 327 -16.62 43.03 -15.72
N SER C 328 -17.78 43.36 -15.16
CA SER C 328 -18.86 43.96 -15.94
C SER C 328 -19.00 45.45 -15.66
N MET C 329 -17.91 46.08 -15.24
CA MET C 329 -17.92 47.51 -14.94
C MET C 329 -16.71 48.22 -15.52
N GLU C 330 -16.55 49.50 -15.19
CA GLU C 330 -15.45 50.30 -15.71
C GLU C 330 -15.08 51.42 -14.74
N ASP C 331 -14.63 51.04 -13.55
CA ASP C 331 -14.28 52.00 -12.51
C ASP C 331 -12.78 52.08 -12.29
N VAL C 332 -12.38 52.99 -11.40
CA VAL C 332 -10.96 53.19 -11.09
C VAL C 332 -10.50 52.33 -9.91
N GLU C 333 -11.16 52.48 -8.77
CA GLU C 333 -10.80 51.71 -7.58
C GLU C 333 -12.01 51.37 -6.71
N LYS C 334 -11.84 50.35 -5.88
CA LYS C 334 -12.89 49.94 -4.94
C LYS C 334 -12.37 49.99 -3.50
N VAL C 335 -13.01 50.83 -2.69
CA VAL C 335 -12.58 51.02 -1.30
C VAL C 335 -13.37 50.14 -0.34
N VAL C 336 -12.66 49.35 0.45
CA VAL C 336 -13.29 48.48 1.43
C VAL C 336 -13.29 49.14 2.81
N ILE C 337 -14.49 49.54 3.25
CA ILE C 337 -14.65 50.19 4.54
C ILE C 337 -15.03 49.19 5.63
N ASP C 338 -15.14 49.66 6.85
CA ASP C 338 -15.51 48.80 7.97
C ASP C 338 -16.95 48.32 7.87
N GLU C 339 -17.84 49.20 7.42
CA GLU C 339 -19.26 48.86 7.31
C GLU C 339 -19.49 47.73 6.32
N SER C 340 -18.49 47.46 5.50
CA SER C 340 -18.58 46.40 4.49
C SER C 340 -18.23 45.04 5.08
N VAL C 341 -17.45 45.05 6.17
CA VAL C 341 -17.02 43.83 6.82
C VAL C 341 -17.96 43.46 7.97
N ILE C 342 -17.94 44.27 9.03
CA ILE C 342 -18.76 44.00 10.22
C ILE C 342 -20.25 43.88 9.89
N ASP C 343 -20.86 44.99 9.49
CA ASP C 343 -22.28 45.00 9.19
C ASP C 343 -22.61 44.14 7.97
N GLY C 344 -21.65 44.04 7.05
CA GLY C 344 -21.84 43.28 5.84
C GLY C 344 -23.04 43.80 5.06
N GLN C 345 -23.51 44.97 5.48
CA GLN C 345 -24.67 45.61 4.86
C GLN C 345 -24.25 46.46 3.68
N SER C 346 -23.43 47.47 3.94
CA SER C 346 -22.99 48.39 2.89
C SER C 346 -22.06 47.72 1.88
N GLU C 347 -22.20 48.11 0.61
CA GLU C 347 -21.33 47.61 -0.45
C GLU C 347 -20.04 48.44 -0.50
N PRO C 348 -18.94 47.83 -0.95
CA PRO C 348 -17.66 48.53 -1.06
C PRO C 348 -17.78 49.78 -1.93
N LEU C 349 -17.17 50.88 -1.49
CA LEU C 349 -17.19 52.13 -2.26
C LEU C 349 -16.58 51.93 -3.63
N LEU C 350 -17.19 52.55 -4.64
CA LEU C 350 -16.68 52.47 -6.01
C LEU C 350 -16.35 53.85 -6.57
N ILE C 351 -15.12 54.02 -7.03
CA ILE C 351 -14.68 55.29 -7.61
C ILE C 351 -14.36 55.12 -9.09
N TYR C 352 -14.91 55.98 -9.93
CA TYR C 352 -14.71 55.90 -11.37
C TYR C 352 -13.87 57.07 -11.90
N ALA D 2 -10.95 34.68 -25.64
CA ALA D 2 -11.59 35.56 -24.67
C ALA D 2 -12.17 34.77 -23.50
N LEU D 3 -11.92 35.25 -22.28
CA LEU D 3 -12.40 34.59 -21.08
C LEU D 3 -13.83 35.01 -20.73
N PRO D 4 -14.68 34.01 -20.44
CA PRO D 4 -16.07 34.25 -20.04
C PRO D 4 -16.14 34.83 -18.62
N THR D 5 -16.70 36.03 -18.47
CA THR D 5 -16.84 36.65 -17.16
C THR D 5 -17.62 35.73 -16.21
N PRO D 6 -17.38 35.88 -14.90
CA PRO D 6 -18.09 35.07 -13.89
C PRO D 6 -19.59 35.11 -14.10
N HIS D 7 -20.10 36.22 -14.63
CA HIS D 7 -21.52 36.33 -14.95
C HIS D 7 -21.93 35.30 -15.99
N GLU D 8 -21.15 35.22 -17.07
CA GLU D 8 -21.42 34.28 -18.15
C GLU D 8 -21.24 32.84 -17.69
N ILE D 9 -20.21 32.60 -16.88
CA ILE D 9 -19.95 31.27 -16.35
C ILE D 9 -21.12 30.74 -15.53
N ARG D 10 -21.58 31.55 -14.58
CA ARG D 10 -22.72 31.18 -13.74
C ARG D 10 -23.98 31.02 -14.58
N ASN D 11 -24.12 31.86 -15.61
CA ASN D 11 -25.28 31.80 -16.48
C ASN D 11 -25.41 30.47 -17.21
N HIS D 12 -24.29 29.97 -17.74
CA HIS D 12 -24.28 28.71 -18.45
C HIS D 12 -24.42 27.52 -17.50
N LEU D 13 -24.09 27.74 -16.24
CA LEU D 13 -24.25 26.70 -15.21
C LEU D 13 -25.72 26.54 -14.84
N ASP D 14 -26.51 27.58 -15.07
CA ASP D 14 -27.94 27.55 -14.81
C ASP D 14 -28.66 26.65 -15.80
N ASP D 15 -28.00 26.35 -16.91
CA ASP D 15 -28.58 25.53 -17.96
C ASP D 15 -28.42 24.05 -17.67
N TYR D 16 -27.35 23.69 -16.97
CA TYR D 16 -27.05 22.30 -16.68
C TYR D 16 -27.43 21.91 -15.25
N VAL D 17 -27.33 22.85 -14.33
CA VAL D 17 -27.62 22.59 -12.92
C VAL D 17 -28.67 23.56 -12.38
N ILE D 18 -29.59 23.03 -11.59
CA ILE D 18 -30.65 23.83 -10.99
C ILE D 18 -30.31 24.18 -9.54
N GLY D 19 -30.67 25.38 -9.12
CA GLY D 19 -30.39 25.84 -7.77
C GLY D 19 -28.91 25.99 -7.51
N GLN D 20 -28.52 25.95 -6.25
CA GLN D 20 -27.12 26.07 -5.86
C GLN D 20 -26.53 27.39 -6.37
N GLU D 21 -27.36 28.42 -6.40
CA GLU D 21 -26.95 29.71 -6.96
C GLU D 21 -25.71 30.29 -6.28
N GLN D 22 -25.59 30.08 -4.97
CA GLN D 22 -24.43 30.57 -4.23
C GLN D 22 -23.18 29.77 -4.55
N ALA D 23 -23.31 28.45 -4.59
CA ALA D 23 -22.18 27.58 -4.90
C ALA D 23 -21.65 27.86 -6.30
N LYS D 24 -22.56 28.13 -7.23
CA LYS D 24 -22.19 28.44 -8.61
C LYS D 24 -21.58 29.84 -8.72
N LYS D 25 -22.03 30.75 -7.87
CA LYS D 25 -21.45 32.09 -7.81
C LYS D 25 -20.02 32.01 -7.33
N VAL D 26 -19.75 31.05 -6.44
CA VAL D 26 -18.42 30.84 -5.89
C VAL D 26 -17.50 30.17 -6.91
N LEU D 27 -18.02 29.14 -7.57
CA LEU D 27 -17.25 28.43 -8.59
C LEU D 27 -16.91 29.33 -9.77
N ALA D 28 -17.86 30.18 -10.16
CA ALA D 28 -17.66 31.09 -11.27
C ALA D 28 -16.46 32.00 -11.02
N VAL D 29 -16.39 32.57 -9.82
CA VAL D 29 -15.29 33.45 -9.45
C VAL D 29 -13.98 32.68 -9.31
N ALA D 30 -14.05 31.54 -8.64
CA ALA D 30 -12.86 30.71 -8.43
C ALA D 30 -12.26 30.28 -9.77
N VAL D 31 -13.10 29.77 -10.66
CA VAL D 31 -12.65 29.32 -11.97
C VAL D 31 -12.11 30.49 -12.80
N TYR D 32 -12.83 31.61 -12.80
CA TYR D 32 -12.41 32.78 -13.55
C TYR D 32 -11.03 33.25 -13.10
N ASN D 33 -10.86 33.39 -11.79
CA ASN D 33 -9.60 33.85 -11.22
C ASN D 33 -8.46 32.87 -11.52
N HIS D 34 -8.80 31.58 -11.58
CA HIS D 34 -7.80 30.55 -11.85
C HIS D 34 -7.18 30.71 -13.24
N TYR D 35 -8.02 30.84 -14.25
CA TYR D 35 -7.55 30.99 -15.62
C TYR D 35 -7.12 32.42 -15.94
N LYS D 36 -7.66 33.37 -15.18
CA LYS D 36 -7.24 34.76 -15.32
C LYS D 36 -5.81 34.90 -14.80
N ARG D 37 -5.39 33.90 -14.04
CA ARG D 37 -4.03 33.87 -13.50
C ARG D 37 -3.07 33.23 -14.49
N LEU D 38 -3.53 32.17 -15.17
CA LEU D 38 -2.71 31.45 -16.12
C LEU D 38 -2.50 32.22 -17.42
N ARG D 39 -3.59 32.74 -17.99
CA ARG D 39 -3.53 33.48 -19.23
C ARG D 39 -2.79 34.82 -19.08
N ASN D 40 -2.32 35.09 -17.87
CA ASN D 40 -1.51 36.27 -17.60
C ASN D 40 -0.17 35.90 -16.99
N GLY D 41 0.16 34.61 -17.07
CA GLY D 41 1.43 34.10 -16.57
C GLY D 41 1.73 34.48 -15.14
N ASP D 42 0.72 34.37 -14.27
CA ASP D 42 0.87 34.76 -12.87
C ASP D 42 1.36 36.20 -12.76
N THR D 43 2.53 36.39 -12.18
CA THR D 43 3.14 37.72 -12.05
C THR D 43 4.61 37.69 -12.40
N SER D 44 5.03 38.60 -13.27
CA SER D 44 6.42 38.68 -13.69
C SER D 44 7.32 39.08 -12.52
N VAL D 47 5.49 39.13 -7.16
CA VAL D 47 4.14 39.33 -6.65
C VAL D 47 3.46 37.98 -6.41
N GLU D 48 2.48 37.98 -5.50
CA GLU D 48 1.80 36.74 -5.13
C GLU D 48 0.50 36.51 -5.91
N LEU D 49 -0.09 35.34 -5.70
CA LEU D 49 -1.34 34.96 -6.34
C LEU D 49 -1.89 33.68 -5.71
N GLY D 50 -3.14 33.72 -5.27
CA GLY D 50 -3.76 32.57 -4.64
C GLY D 50 -3.90 31.37 -5.55
N LYS D 51 -3.87 30.18 -4.95
CA LYS D 51 -4.04 28.94 -5.71
C LYS D 51 -5.47 28.81 -6.22
N SER D 52 -6.43 29.13 -5.35
CA SER D 52 -7.83 29.16 -5.73
C SER D 52 -8.44 27.77 -5.93
N ASN D 53 -7.81 26.75 -5.36
CA ASN D 53 -8.34 25.40 -5.44
C ASN D 53 -9.66 25.26 -4.67
N ILE D 54 -10.61 24.55 -5.25
CA ILE D 54 -11.97 24.50 -4.73
C ILE D 54 -12.25 23.23 -3.93
N LEU D 55 -13.14 23.35 -2.95
CA LEU D 55 -13.58 22.22 -2.15
C LEU D 55 -15.10 22.17 -2.11
N LEU D 56 -15.69 21.20 -2.81
CA LEU D 56 -17.14 21.05 -2.85
C LEU D 56 -17.66 20.23 -1.67
N ILE D 57 -18.68 20.75 -1.02
CA ILE D 57 -19.31 20.06 0.11
C ILE D 57 -20.83 20.03 -0.07
N GLY D 58 -21.35 18.85 -0.39
CA GLY D 58 -22.78 18.69 -0.58
C GLY D 58 -23.22 17.24 -0.51
N PRO D 59 -24.50 17.02 -0.20
CA PRO D 59 -25.08 15.67 -0.11
C PRO D 59 -24.86 14.87 -1.38
N THR D 60 -25.01 13.55 -1.30
CA THR D 60 -24.84 12.68 -2.45
C THR D 60 -25.95 12.88 -3.47
N GLY D 61 -25.59 13.29 -4.67
CA GLY D 61 -26.55 13.54 -5.73
C GLY D 61 -27.04 14.98 -5.71
N SER D 62 -26.21 15.87 -5.17
CA SER D 62 -26.56 17.29 -5.13
C SER D 62 -26.05 18.00 -6.38
N GLY D 63 -25.16 17.35 -7.11
CA GLY D 63 -24.65 17.88 -8.36
C GLY D 63 -23.18 18.29 -8.31
N LYS D 64 -22.46 17.76 -7.33
CA LYS D 64 -21.04 18.08 -7.19
C LYS D 64 -20.26 17.69 -8.44
N THR D 65 -20.44 16.45 -8.87
CA THR D 65 -19.73 15.95 -10.05
C THR D 65 -20.20 16.65 -11.32
N LEU D 66 -21.50 16.88 -11.41
CA LEU D 66 -22.08 17.52 -12.58
C LEU D 66 -21.52 18.93 -12.78
N LEU D 67 -21.39 19.66 -11.68
CA LEU D 67 -20.84 21.02 -11.73
C LEU D 67 -19.40 21.01 -12.25
N ALA D 68 -18.61 20.05 -11.80
CA ALA D 68 -17.22 19.94 -12.19
C ALA D 68 -17.07 19.72 -13.70
N GLU D 69 -17.83 18.77 -14.22
CA GLU D 69 -17.80 18.45 -15.65
C GLU D 69 -18.20 19.65 -16.49
N THR D 70 -19.28 20.31 -16.09
CA THR D 70 -19.80 21.45 -16.82
C THR D 70 -18.78 22.57 -16.95
N LEU D 71 -18.09 22.86 -15.85
CA LEU D 71 -17.08 23.92 -15.85
C LEU D 71 -15.99 23.65 -16.86
N ALA D 72 -15.74 22.37 -17.14
CA ALA D 72 -14.74 21.99 -18.12
C ALA D 72 -15.25 22.19 -19.54
N ARG D 73 -16.48 21.76 -19.79
CA ARG D 73 -17.09 21.89 -21.12
C ARG D 73 -17.31 23.35 -21.50
N LEU D 74 -17.61 24.18 -20.51
CA LEU D 74 -17.84 25.61 -20.75
C LEU D 74 -16.54 26.33 -21.10
N LEU D 75 -15.41 25.68 -20.83
CA LEU D 75 -14.11 26.27 -21.11
C LEU D 75 -13.29 25.38 -22.03
N ASP D 76 -13.97 24.48 -22.75
CA ASP D 76 -13.30 23.53 -23.63
C ASP D 76 -11.97 23.06 -23.06
N VAL D 77 -11.99 22.67 -21.78
CA VAL D 77 -10.79 22.25 -21.08
C VAL D 77 -10.85 20.79 -20.69
N PRO D 78 -9.74 20.07 -20.89
CA PRO D 78 -9.63 18.64 -20.54
C PRO D 78 -10.03 18.37 -19.10
N PHE D 79 -10.97 17.44 -18.90
CA PHE D 79 -11.46 17.12 -17.57
C PHE D 79 -11.25 15.65 -17.24
N THR D 80 -10.93 15.37 -15.99
CA THR D 80 -10.74 13.99 -15.53
C THR D 80 -11.15 13.83 -14.07
N MET D 81 -11.76 12.69 -13.76
CA MET D 81 -12.19 12.41 -12.41
C MET D 81 -11.25 11.45 -11.69
N ALA D 82 -11.53 11.22 -10.41
CA ALA D 82 -10.73 10.31 -9.60
C ALA D 82 -11.34 10.21 -8.20
N ASP D 83 -11.47 8.99 -7.69
CA ASP D 83 -12.04 8.76 -6.38
C ASP D 83 -10.94 8.68 -5.31
N ALA D 84 -11.11 9.44 -4.24
CA ALA D 84 -10.12 9.48 -3.16
C ALA D 84 -10.06 8.17 -2.38
N THR D 85 -11.10 7.35 -2.50
CA THR D 85 -11.18 6.08 -1.79
C THR D 85 -10.28 5.03 -2.44
N THR D 86 -10.17 5.09 -3.77
CA THR D 86 -9.34 4.13 -4.52
C THR D 86 -7.86 4.46 -4.37
N LEU D 87 -7.57 5.52 -3.62
CA LEU D 87 -6.18 5.93 -3.39
C LEU D 87 -5.68 5.42 -2.04
N THR D 88 -6.57 5.41 -1.04
CA THR D 88 -6.21 4.97 0.29
C THR D 88 -5.97 3.46 0.32
N GLY D 91 1.88 3.05 -0.35
CA GLY D 91 3.04 3.67 -0.97
C GLY D 91 3.01 3.59 -2.48
N TYR D 92 2.58 2.43 -2.99
CA TYR D 92 2.50 2.21 -4.43
C TYR D 92 1.47 3.13 -5.06
N VAL D 93 0.51 3.57 -4.26
CA VAL D 93 -0.53 4.47 -4.73
C VAL D 93 0.06 5.86 -4.99
N GLY D 94 1.24 6.11 -4.43
CA GLY D 94 1.96 7.34 -4.70
C GLY D 94 2.31 7.43 -6.17
N GLU D 95 2.57 6.28 -6.77
CA GLU D 95 2.83 6.21 -8.21
C GLU D 95 1.51 6.02 -8.96
N ASP D 96 0.42 5.95 -8.20
CA ASP D 96 -0.92 5.83 -8.77
C ASP D 96 -1.60 7.20 -8.76
N VAL D 97 -1.07 8.11 -7.95
CA VAL D 97 -1.59 9.47 -7.89
C VAL D 97 -1.23 10.21 -9.18
N GLU D 98 -0.08 9.87 -9.76
CA GLU D 98 0.36 10.45 -11.01
C GLU D 98 -0.46 9.91 -12.18
N ASN D 99 -1.12 8.78 -11.95
CA ASN D 99 -2.00 8.19 -12.95
C ASN D 99 -3.09 9.18 -13.37
N ILE D 100 -3.58 9.95 -12.40
CA ILE D 100 -4.60 10.97 -12.66
C ILE D 100 -4.10 11.96 -13.71
N ILE D 101 -2.78 12.08 -13.83
CA ILE D 101 -2.18 13.01 -14.78
C ILE D 101 -2.12 12.42 -16.18
N GLN D 102 -1.70 11.17 -16.29
CA GLN D 102 -1.60 10.52 -17.59
C GLN D 102 -2.97 10.38 -18.24
N LYS D 103 -4.01 10.27 -17.40
CA LYS D 103 -5.37 10.20 -17.89
C LYS D 103 -5.83 11.58 -18.36
N LEU D 104 -5.35 12.62 -17.69
CA LEU D 104 -5.64 13.99 -18.08
C LEU D 104 -5.01 14.29 -19.43
N LEU D 105 -3.83 13.72 -19.67
CA LEU D 105 -3.15 13.87 -20.94
C LEU D 105 -3.84 13.08 -22.04
N GLN D 106 -4.35 11.90 -21.68
CA GLN D 106 -5.04 11.05 -22.62
C GLN D 106 -6.20 11.79 -23.28
N LYS D 107 -7.02 12.43 -22.47
CA LYS D 107 -8.16 13.20 -22.97
C LYS D 107 -7.73 14.59 -23.44
N CYS D 108 -6.42 14.82 -23.45
CA CYS D 108 -5.87 16.10 -23.87
C CYS D 108 -4.97 15.93 -25.08
N ASP D 109 -4.91 14.70 -25.60
CA ASP D 109 -4.07 14.38 -26.74
C ASP D 109 -2.59 14.62 -26.44
N TYR D 110 -2.23 14.45 -25.17
CA TYR D 110 -0.84 14.55 -24.73
C TYR D 110 -0.23 15.92 -25.03
N ASP D 111 -1.06 16.97 -24.94
CA ASP D 111 -0.58 18.33 -25.11
C ASP D 111 -0.29 18.95 -23.74
N VAL D 112 1.00 19.15 -23.47
CA VAL D 112 1.45 19.63 -22.16
C VAL D 112 0.77 20.94 -21.74
N GLN D 113 0.67 21.89 -22.68
CA GLN D 113 0.09 23.19 -22.38
C GLN D 113 -1.40 23.10 -22.04
N LYS D 114 -2.16 22.41 -22.88
CA LYS D 114 -3.59 22.24 -22.66
C LYS D 114 -3.87 21.38 -21.43
N ALA D 115 -2.94 20.48 -21.13
CA ALA D 115 -3.07 19.62 -19.96
C ALA D 115 -2.94 20.43 -18.68
N GLN D 116 -2.06 21.43 -18.71
CA GLN D 116 -1.84 22.31 -17.58
C GLN D 116 -3.05 23.21 -17.33
N ARG D 117 -3.89 23.36 -18.36
CA ARG D 117 -5.09 24.17 -18.26
C ARG D 117 -6.28 23.32 -17.83
N GLY D 118 -6.02 22.05 -17.57
CA GLY D 118 -7.06 21.09 -17.26
C GLY D 118 -7.64 21.21 -15.87
N ILE D 119 -8.72 20.46 -15.63
CA ILE D 119 -9.39 20.45 -14.33
C ILE D 119 -9.50 19.03 -13.80
N VAL D 120 -9.17 18.84 -12.53
CA VAL D 120 -9.23 17.51 -11.92
C VAL D 120 -10.19 17.49 -10.73
N TYR D 121 -11.11 16.54 -10.75
CA TYR D 121 -12.08 16.42 -9.67
C TYR D 121 -11.88 15.16 -8.86
N ILE D 122 -11.64 15.32 -7.56
CA ILE D 122 -11.47 14.19 -6.66
C ILE D 122 -12.71 14.02 -5.78
N ASP D 123 -13.44 12.93 -6.00
CA ASP D 123 -14.67 12.68 -5.27
C ASP D 123 -14.40 11.94 -3.96
N GLU D 124 -15.29 12.12 -2.99
CA GLU D 124 -15.21 11.42 -1.72
C GLU D 124 -13.93 11.72 -0.95
N ILE D 125 -13.60 13.00 -0.83
CA ILE D 125 -12.46 13.43 -0.03
C ILE D 125 -12.75 13.21 1.45
N ASP D 126 -14.03 13.33 1.81
CA ASP D 126 -14.46 13.14 3.19
C ASP D 126 -14.25 11.72 3.70
N LYS D 127 -13.85 10.83 2.79
CA LYS D 127 -13.67 9.42 3.14
C LYS D 127 -12.25 9.11 3.60
N ILE D 128 -11.30 9.97 3.22
CA ILE D 128 -9.90 9.74 3.56
C ILE D 128 -9.47 10.52 4.80
N SER D 129 -10.44 11.09 5.50
CA SER D 129 -10.16 11.83 6.72
C SER D 129 -9.94 10.88 7.90
N ARG D 130 -8.73 10.90 8.44
CA ARG D 130 -8.37 10.02 9.55
C ARG D 130 -8.81 10.61 10.89
N LYS D 131 -10.00 10.21 11.35
CA LYS D 131 -10.53 10.70 12.61
C LYS D 131 -11.22 9.58 13.39
N SER D 132 -11.66 9.89 14.60
CA SER D 132 -12.34 8.91 15.44
C SER D 132 -13.76 8.66 14.96
N ARG D 139 -8.12 2.71 6.66
CA ARG D 139 -7.17 2.92 7.75
C ARG D 139 -6.79 4.39 7.89
N ASP D 140 -6.45 4.80 9.11
CA ASP D 140 -6.13 6.19 9.39
C ASP D 140 -4.75 6.60 8.87
N VAL D 141 -3.74 5.78 9.16
CA VAL D 141 -2.38 6.07 8.73
C VAL D 141 -2.25 6.04 7.22
N SER D 142 -3.03 5.16 6.58
CA SER D 142 -3.01 5.04 5.13
C SER D 142 -3.87 6.12 4.47
N GLY D 143 -5.01 6.42 5.08
CA GLY D 143 -5.92 7.42 4.55
C GLY D 143 -5.32 8.81 4.55
N GLU D 144 -4.54 9.12 5.59
CA GLU D 144 -3.88 10.41 5.72
C GLU D 144 -2.70 10.50 4.75
N GLY D 145 -2.10 9.35 4.45
CA GLY D 145 -0.98 9.30 3.53
C GLY D 145 -1.35 9.77 2.15
N VAL D 146 -2.64 9.72 1.84
CA VAL D 146 -3.14 10.18 0.54
C VAL D 146 -3.36 11.69 0.55
N GLN D 147 -3.77 12.21 1.71
CA GLN D 147 -3.98 13.65 1.86
C GLN D 147 -2.69 14.42 1.58
N GLN D 148 -1.54 13.79 1.82
CA GLN D 148 -0.25 14.41 1.58
C GLN D 148 0.35 13.99 0.24
N ALA D 149 0.04 12.76 -0.19
CA ALA D 149 0.47 12.30 -1.50
C ALA D 149 -0.21 13.12 -2.58
N LEU D 150 -1.49 13.39 -2.39
CA LEU D 150 -2.26 14.23 -3.30
C LEU D 150 -1.90 15.69 -3.08
N LEU D 151 -1.30 15.98 -1.93
CA LEU D 151 -0.90 17.33 -1.58
C LEU D 151 0.29 17.78 -2.42
N LYS D 152 1.11 16.81 -2.84
CA LYS D 152 2.27 17.10 -3.66
C LYS D 152 1.85 17.66 -5.02
N LEU D 153 0.69 17.22 -5.49
CA LEU D 153 0.14 17.68 -6.76
C LEU D 153 -0.33 19.14 -6.66
N ILE D 154 -1.24 19.39 -5.72
CA ILE D 154 -1.79 20.72 -5.53
C ILE D 154 -0.71 21.80 -5.59
N GLU D 155 0.44 21.52 -4.96
CA GLU D 155 1.59 22.40 -5.05
C GLU D 155 2.12 22.42 -6.49
N GLY D 156 2.71 21.31 -6.90
CA GLY D 156 3.22 21.19 -8.26
C GLY D 156 4.70 20.80 -8.30
N THR D 157 5.04 19.86 -9.17
CA THR D 157 6.41 19.42 -9.32
C THR D 157 6.82 19.34 -10.79
N PHE D 174 7.07 10.00 -17.52
CA PHE D 174 7.92 11.12 -17.88
C PHE D 174 7.14 12.15 -18.71
N LEU D 175 6.07 12.67 -18.12
CA LEU D 175 5.23 13.64 -18.81
C LEU D 175 5.78 15.06 -18.70
N GLN D 176 6.64 15.28 -17.71
CA GLN D 176 7.28 16.57 -17.48
C GLN D 176 6.28 17.68 -17.13
N VAL D 177 4.99 17.34 -17.10
CA VAL D 177 3.95 18.31 -16.82
C VAL D 177 3.92 18.73 -15.35
N ASP D 178 3.67 20.00 -15.11
CA ASP D 178 3.55 20.51 -13.74
C ASP D 178 2.09 20.60 -13.31
N THR D 179 1.83 20.27 -12.06
CA THR D 179 0.47 20.24 -11.54
C THR D 179 0.11 21.55 -10.83
N SER D 180 0.95 22.56 -10.99
CA SER D 180 0.73 23.85 -10.36
C SER D 180 -0.34 24.64 -11.11
N LYS D 181 -0.48 24.36 -12.40
CA LYS D 181 -1.38 25.11 -13.27
C LYS D 181 -2.80 24.56 -13.27
N ILE D 182 -2.92 23.23 -13.14
CA ILE D 182 -4.22 22.59 -13.21
C ILE D 182 -5.09 22.88 -11.98
N LEU D 183 -6.37 23.09 -12.23
CA LEU D 183 -7.32 23.39 -11.17
C LEU D 183 -7.79 22.11 -10.48
N PHE D 184 -7.80 22.13 -9.15
CA PHE D 184 -8.22 20.97 -8.37
C PHE D 184 -9.52 21.22 -7.63
N ILE D 185 -10.52 20.39 -7.91
CA ILE D 185 -11.81 20.48 -7.23
C ILE D 185 -12.07 19.20 -6.44
N CYS D 186 -12.11 19.32 -5.12
CA CYS D 186 -12.31 18.16 -4.25
C CYS D 186 -13.73 18.13 -3.69
N GLY D 187 -14.48 17.09 -4.05
CA GLY D 187 -15.85 16.95 -3.58
C GLY D 187 -15.98 16.03 -2.39
N GLY D 188 -17.18 15.98 -1.80
CA GLY D 188 -17.42 15.14 -0.65
C GLY D 188 -18.74 15.49 0.03
N ALA D 189 -19.33 14.52 0.69
CA ALA D 189 -20.61 14.71 1.38
C ALA D 189 -20.41 15.26 2.78
N PHE D 190 -19.34 14.83 3.44
CA PHE D 190 -19.03 15.25 4.80
C PHE D 190 -20.24 15.13 5.72
N ALA D 191 -20.56 13.90 6.11
CA ALA D 191 -21.72 13.63 6.95
C ALA D 191 -21.60 14.28 8.33
N GLY D 192 -20.49 14.01 9.00
CA GLY D 192 -20.29 14.51 10.36
C GLY D 192 -19.98 16.00 10.44
N LEU D 193 -19.66 16.60 9.29
CA LEU D 193 -19.31 18.01 9.25
C LEU D 193 -20.45 18.90 9.74
N ASP D 194 -21.68 18.44 9.50
CA ASP D 194 -22.86 19.21 9.92
C ASP D 194 -22.96 19.25 11.44
N LYS D 195 -22.28 18.33 12.10
CA LYS D 195 -22.34 18.23 13.55
C LYS D 195 -21.27 19.08 14.23
N VAL D 196 -20.04 18.99 13.73
CA VAL D 196 -18.93 19.75 14.29
C VAL D 196 -19.16 21.25 14.21
N ILE D 197 -19.75 21.69 13.10
CA ILE D 197 -20.06 23.11 12.92
C ILE D 197 -21.07 23.57 13.95
N SER D 198 -22.03 22.71 14.27
CA SER D 198 -23.06 23.02 15.25
C SER D 198 -22.50 23.14 16.66
N HIS D 199 -21.54 22.29 16.98
CA HIS D 199 -20.92 22.30 18.31
C HIS D 199 -19.99 23.49 18.47
N ARG D 200 -19.82 24.25 17.40
CA ARG D 200 -18.95 25.42 17.42
C ARG D 200 -19.75 26.73 17.40
N VAL D 201 -20.60 26.89 16.39
CA VAL D 201 -21.39 28.11 16.22
C VAL D 201 -22.44 28.26 17.31
N GLU D 202 -22.72 27.17 18.02
CA GLU D 202 -23.72 27.17 19.08
C GLU D 202 -23.50 28.33 20.06
N THR D 203 -24.60 28.90 20.55
CA THR D 203 -24.53 30.03 21.48
C THR D 203 -25.38 29.79 22.72
N ALA D 220 -29.99 26.57 12.81
CA ALA D 220 -30.94 26.52 11.71
C ALA D 220 -30.82 25.23 10.92
N SER D 221 -31.04 25.31 9.61
CA SER D 221 -30.97 24.15 8.74
C SER D 221 -29.53 23.82 8.34
N GLU D 222 -29.36 22.75 7.59
CA GLU D 222 -28.04 22.33 7.13
C GLU D 222 -27.43 23.37 6.20
N GLY D 223 -28.24 23.91 5.29
CA GLY D 223 -27.78 24.91 4.36
C GLY D 223 -27.24 26.14 5.06
N GLU D 224 -27.87 26.49 6.18
CA GLU D 224 -27.45 27.65 6.96
C GLU D 224 -26.20 27.33 7.79
N LEU D 225 -26.08 26.09 8.20
CA LEU D 225 -24.94 25.65 9.01
C LEU D 225 -23.67 25.48 8.17
N LEU D 226 -23.82 24.89 6.98
CA LEU D 226 -22.70 24.67 6.09
C LEU D 226 -22.13 25.99 5.58
N ALA D 227 -22.92 27.05 5.69
CA ALA D 227 -22.45 28.38 5.30
C ALA D 227 -21.48 28.93 6.33
N GLN D 228 -21.65 28.50 7.58
CA GLN D 228 -20.78 28.90 8.68
C GLN D 228 -19.53 28.03 8.72
N VAL D 229 -19.33 27.22 7.70
CA VAL D 229 -18.19 26.31 7.66
C VAL D 229 -16.88 27.08 7.75
N GLU D 230 -15.92 26.51 8.49
CA GLU D 230 -14.61 27.13 8.66
C GLU D 230 -13.50 26.10 8.53
N PRO D 231 -12.30 26.54 8.11
CA PRO D 231 -11.15 25.65 7.95
C PRO D 231 -10.87 24.81 9.20
N GLU D 232 -11.18 25.36 10.37
CA GLU D 232 -10.96 24.64 11.62
C GLU D 232 -11.97 23.52 11.81
N ASP D 233 -13.15 23.68 11.21
CA ASP D 233 -14.18 22.65 11.28
C ASP D 233 -13.75 21.40 10.53
N LEU D 234 -13.12 21.61 9.37
CA LEU D 234 -12.60 20.50 8.57
C LEU D 234 -11.40 19.85 9.25
N ILE D 235 -10.72 20.63 10.09
CA ILE D 235 -9.60 20.12 10.86
C ILE D 235 -10.06 19.05 11.84
N LYS D 236 -11.07 19.38 12.64
CA LYS D 236 -11.62 18.45 13.62
C LYS D 236 -12.29 17.27 12.92
N PHE D 237 -12.67 17.46 11.66
CA PHE D 237 -13.34 16.41 10.90
C PHE D 237 -12.38 15.29 10.49
N GLY D 238 -11.13 15.65 10.24
CA GLY D 238 -10.13 14.66 9.87
C GLY D 238 -9.11 15.16 8.87
N LEU D 239 -9.41 16.26 8.21
CA LEU D 239 -8.49 16.83 7.22
C LEU D 239 -7.32 17.55 7.89
N ILE D 240 -6.12 17.34 7.35
CA ILE D 240 -4.92 17.96 7.89
C ILE D 240 -4.83 19.43 7.49
N PRO D 241 -4.20 20.26 8.34
CA PRO D 241 -4.07 21.69 8.13
C PRO D 241 -3.42 22.03 6.79
N GLU D 242 -2.30 21.37 6.49
CA GLU D 242 -1.54 21.67 5.28
C GLU D 242 -2.35 21.41 4.01
N PHE D 243 -3.35 20.54 4.13
CA PHE D 243 -4.18 20.18 2.99
C PHE D 243 -5.31 21.19 2.76
N ILE D 244 -5.96 21.58 3.85
CA ILE D 244 -7.07 22.52 3.77
C ILE D 244 -6.59 23.90 3.31
N GLY D 245 -5.36 24.25 3.68
CA GLY D 245 -4.77 25.51 3.27
C GLY D 245 -4.55 25.57 1.77
N ARG D 246 -4.63 24.41 1.13
CA ARG D 246 -4.46 24.33 -0.32
C ARG D 246 -5.80 24.46 -1.03
N LEU D 247 -6.89 24.38 -0.25
CA LEU D 247 -8.23 24.56 -0.80
C LEU D 247 -8.87 25.81 -0.19
N PRO D 248 -8.44 26.99 -0.66
CA PRO D 248 -8.87 28.29 -0.14
C PRO D 248 -10.35 28.55 -0.41
N VAL D 249 -10.84 28.04 -1.52
CA VAL D 249 -12.24 28.23 -1.91
C VAL D 249 -13.09 27.04 -1.43
N VAL D 250 -14.16 27.34 -0.71
CA VAL D 250 -15.07 26.31 -0.23
C VAL D 250 -16.51 26.61 -0.64
N ALA D 251 -17.07 25.74 -1.47
CA ALA D 251 -18.44 25.90 -1.95
C ALA D 251 -19.37 24.93 -1.27
N THR D 252 -20.51 25.44 -0.80
CA THR D 252 -21.47 24.61 -0.09
C THR D 252 -22.74 24.39 -0.91
N LEU D 253 -23.12 23.14 -1.08
CA LEU D 253 -24.33 22.79 -1.81
C LEU D 253 -25.43 22.39 -0.85
N ASN D 254 -26.34 23.32 -0.58
CA ASN D 254 -27.46 23.07 0.32
C ASN D 254 -28.36 21.96 -0.21
N GLU D 255 -29.04 21.25 0.71
CA GLU D 255 -29.95 20.20 0.31
C GLU D 255 -31.23 20.79 -0.26
N LEU D 256 -31.63 20.30 -1.43
CA LEU D 256 -32.81 20.80 -2.11
C LEU D 256 -34.04 20.80 -1.22
N SER D 257 -34.76 21.91 -1.20
CA SER D 257 -35.98 22.02 -0.42
C SER D 257 -37.15 21.35 -1.15
N GLU D 258 -38.18 20.99 -0.40
CA GLU D 258 -39.37 20.37 -0.99
C GLU D 258 -39.93 21.24 -2.10
N GLU D 259 -40.11 22.53 -1.81
CA GLU D 259 -40.61 23.49 -2.80
C GLU D 259 -39.76 23.44 -4.07
N ALA D 260 -38.45 23.33 -3.89
CA ALA D 260 -37.53 23.28 -5.01
C ALA D 260 -37.81 22.06 -5.89
N LEU D 261 -37.97 20.90 -5.25
CA LEU D 261 -38.24 19.66 -5.97
C LEU D 261 -39.58 19.72 -6.69
N ILE D 262 -40.59 20.23 -6.01
CA ILE D 262 -41.94 20.34 -6.56
C ILE D 262 -41.96 21.12 -7.88
N GLN D 263 -41.21 22.20 -7.92
CA GLN D 263 -41.13 23.02 -9.12
C GLN D 263 -40.43 22.29 -10.26
N ILE D 264 -39.41 21.49 -9.92
CA ILE D 264 -38.66 20.74 -10.91
C ILE D 264 -39.53 19.68 -11.59
N LEU D 265 -40.59 19.27 -10.91
CA LEU D 265 -41.51 18.28 -11.45
C LEU D 265 -42.58 18.91 -12.32
N LYS D 266 -42.67 20.24 -12.29
CA LYS D 266 -43.71 20.95 -13.01
C LYS D 266 -43.16 21.99 -13.98
N GLU D 267 -42.52 23.02 -13.44
CA GLU D 267 -42.07 24.17 -14.22
C GLU D 267 -41.25 23.83 -15.47
N PRO D 268 -40.13 23.09 -15.29
CA PRO D 268 -39.24 22.80 -16.41
C PRO D 268 -39.98 22.34 -17.67
N LYS D 269 -39.52 22.81 -18.82
CA LYS D 269 -40.12 22.44 -20.10
C LYS D 269 -40.10 20.93 -20.31
N ASN D 270 -39.16 20.27 -19.63
CA ASN D 270 -39.03 18.82 -19.72
C ASN D 270 -39.26 18.14 -18.37
N ALA D 271 -40.15 18.72 -17.57
CA ALA D 271 -40.48 18.16 -16.26
C ALA D 271 -41.08 16.77 -16.39
N LEU D 272 -40.90 15.96 -15.35
CA LEU D 272 -41.39 14.58 -15.35
C LEU D 272 -42.89 14.50 -15.64
N THR D 273 -43.67 15.35 -14.98
CA THR D 273 -45.13 15.35 -15.17
C THR D 273 -45.49 15.61 -16.62
N LYS D 274 -44.79 16.56 -17.25
CA LYS D 274 -45.05 16.90 -18.64
C LYS D 274 -44.68 15.76 -19.58
N GLN D 275 -43.75 14.91 -19.15
CA GLN D 275 -43.34 13.76 -19.94
C GLN D 275 -44.42 12.69 -19.93
N TYR D 276 -44.87 12.32 -18.74
CA TYR D 276 -45.88 11.28 -18.58
C TYR D 276 -47.26 11.73 -19.05
N GLN D 277 -47.54 13.02 -18.92
CA GLN D 277 -48.79 13.57 -19.43
C GLN D 277 -48.80 13.49 -20.95
N ALA D 278 -47.61 13.48 -21.55
CA ALA D 278 -47.48 13.34 -23.00
C ALA D 278 -47.51 11.87 -23.40
N LEU D 279 -46.98 11.01 -22.54
CA LEU D 279 -47.00 9.57 -22.79
C LEU D 279 -48.42 9.03 -22.69
N PHE D 280 -49.13 9.46 -21.65
CA PHE D 280 -50.52 9.07 -21.47
C PHE D 280 -51.41 9.77 -22.50
N ASN D 281 -50.96 10.93 -22.99
CA ASN D 281 -51.72 11.69 -23.97
C ASN D 281 -51.85 10.94 -25.29
N LEU D 282 -50.77 10.28 -25.71
CA LEU D 282 -50.79 9.48 -26.93
C LEU D 282 -51.50 8.15 -26.69
N GLU D 283 -52.12 8.02 -25.53
CA GLU D 283 -52.93 6.85 -25.20
C GLU D 283 -54.40 7.24 -25.11
N GLY D 284 -54.68 8.49 -25.43
CA GLY D 284 -56.04 9.01 -25.35
C GLY D 284 -56.48 9.21 -23.91
N VAL D 285 -55.51 9.25 -23.00
CA VAL D 285 -55.79 9.40 -21.58
C VAL D 285 -55.08 10.62 -21.00
N ASP D 286 -55.84 11.47 -20.34
CA ASP D 286 -55.28 12.66 -19.70
C ASP D 286 -54.74 12.31 -18.32
N LEU D 287 -53.49 12.67 -18.06
CA LEU D 287 -52.85 12.38 -16.78
C LEU D 287 -52.81 13.62 -15.90
N GLU D 288 -53.43 13.54 -14.72
CA GLU D 288 -53.49 14.67 -13.81
C GLU D 288 -52.72 14.39 -12.51
N PHE D 289 -51.81 15.30 -12.17
CA PHE D 289 -51.04 15.19 -10.94
C PHE D 289 -51.55 16.17 -9.89
N ARG D 290 -52.20 15.66 -8.86
CA ARG D 290 -52.66 16.51 -7.77
C ARG D 290 -51.47 17.09 -7.01
N ASP D 291 -51.65 18.30 -6.49
CA ASP D 291 -50.57 18.98 -5.78
C ASP D 291 -50.14 18.21 -4.53
N GLU D 292 -51.06 17.43 -3.98
CA GLU D 292 -50.76 16.62 -2.80
C GLU D 292 -49.85 15.47 -3.17
N ALA D 293 -49.88 15.06 -4.43
CA ALA D 293 -49.05 13.96 -4.92
C ALA D 293 -47.64 14.43 -5.24
N LEU D 294 -47.55 15.60 -5.88
CA LEU D 294 -46.25 16.16 -6.26
C LEU D 294 -45.40 16.42 -5.02
N ASP D 295 -46.03 16.95 -3.97
CA ASP D 295 -45.36 17.20 -2.71
C ASP D 295 -44.96 15.88 -2.06
N ALA D 296 -45.80 14.86 -2.26
CA ALA D 296 -45.55 13.53 -1.70
C ALA D 296 -44.32 12.88 -2.35
N ILE D 297 -44.09 13.19 -3.62
CA ILE D 297 -42.94 12.68 -4.35
C ILE D 297 -41.65 13.36 -3.88
N ALA D 298 -41.76 14.65 -3.57
CA ALA D 298 -40.61 15.42 -3.11
C ALA D 298 -40.10 14.90 -1.77
N LYS D 299 -41.04 14.59 -0.87
CA LYS D 299 -40.69 14.06 0.45
C LYS D 299 -39.98 12.73 0.32
N LYS D 300 -40.52 11.85 -0.53
CA LYS D 300 -39.92 10.55 -0.78
C LYS D 300 -38.50 10.70 -1.28
N ALA D 301 -38.25 11.75 -2.05
CA ALA D 301 -36.92 11.99 -2.62
C ALA D 301 -35.92 12.44 -1.57
N MET D 302 -36.36 13.30 -0.66
CA MET D 302 -35.48 13.80 0.41
C MET D 302 -35.13 12.71 1.41
N ALA D 303 -36.13 11.90 1.77
CA ALA D 303 -35.93 10.83 2.74
C ALA D 303 -34.89 9.82 2.26
N ARG D 304 -34.67 9.79 0.95
CA ARG D 304 -33.70 8.89 0.34
C ARG D 304 -32.40 9.62 0.01
N LYS D 305 -32.41 10.94 0.14
CA LYS D 305 -31.23 11.77 -0.12
C LYS D 305 -30.71 11.62 -1.54
N THR D 306 -31.58 11.18 -2.44
CA THR D 306 -31.21 11.00 -3.85
C THR D 306 -31.36 12.31 -4.62
N GLY D 307 -31.87 13.33 -3.94
CA GLY D 307 -32.05 14.64 -4.55
C GLY D 307 -33.05 14.62 -5.69
N ALA D 308 -32.72 15.34 -6.77
CA ALA D 308 -33.59 15.40 -7.93
C ALA D 308 -33.37 14.21 -8.86
N ARG D 309 -32.23 13.55 -8.69
CA ARG D 309 -31.89 12.40 -9.52
C ARG D 309 -32.76 11.19 -9.18
N GLY D 310 -33.31 11.20 -7.98
CA GLY D 310 -34.14 10.11 -7.52
C GLY D 310 -35.63 10.38 -7.65
N LEU D 311 -35.97 11.39 -8.43
CA LEU D 311 -37.37 11.74 -8.67
C LEU D 311 -37.99 10.82 -9.71
N ARG D 312 -37.23 10.53 -10.76
CA ARG D 312 -37.70 9.65 -11.84
C ARG D 312 -38.02 8.25 -11.33
N SER D 313 -37.09 7.68 -10.54
CA SER D 313 -37.25 6.34 -10.03
C SER D 313 -38.51 6.22 -9.16
N ILE D 314 -38.94 7.33 -8.57
CA ILE D 314 -40.14 7.35 -7.74
C ILE D 314 -41.39 7.42 -8.60
N VAL D 315 -41.35 8.25 -9.63
CA VAL D 315 -42.49 8.43 -10.54
C VAL D 315 -42.79 7.16 -11.32
N GLU D 316 -41.74 6.50 -11.79
CA GLU D 316 -41.89 5.29 -12.59
C GLU D 316 -42.53 4.15 -11.80
N ALA D 317 -42.15 4.03 -10.53
CA ALA D 317 -42.70 2.98 -9.67
C ALA D 317 -44.18 3.24 -9.34
N ALA D 318 -44.59 4.50 -9.42
CA ALA D 318 -45.96 4.87 -9.10
C ALA D 318 -46.91 4.72 -10.29
N LEU D 319 -46.38 4.90 -11.50
CA LEU D 319 -47.19 4.78 -12.70
C LEU D 319 -46.90 3.47 -13.42
N LEU D 320 -46.14 2.60 -12.76
CA LEU D 320 -45.77 1.31 -13.31
C LEU D 320 -47.00 0.49 -13.68
N ASP D 321 -47.76 0.08 -12.65
CA ASP D 321 -48.95 -0.73 -12.85
C ASP D 321 -49.93 -0.09 -13.82
N THR D 322 -50.02 1.23 -13.76
CA THR D 322 -50.93 1.98 -14.62
C THR D 322 -50.56 1.79 -16.09
N MET D 323 -49.32 2.07 -16.43
CA MET D 323 -48.84 1.95 -17.80
C MET D 323 -48.87 0.49 -18.27
N TYR D 324 -48.95 -0.41 -17.30
CA TYR D 324 -49.01 -1.85 -17.57
C TYR D 324 -50.34 -2.24 -18.21
N ASP D 325 -51.44 -1.99 -17.50
CA ASP D 325 -52.76 -2.35 -17.99
C ASP D 325 -53.52 -1.14 -18.52
N LEU D 326 -52.80 -0.17 -19.05
CA LEU D 326 -53.42 1.02 -19.63
C LEU D 326 -53.94 0.78 -21.05
N PRO D 327 -53.08 0.25 -21.93
CA PRO D 327 -53.49 0.00 -23.31
C PRO D 327 -54.59 -1.04 -23.39
N SER D 328 -54.93 -1.66 -22.26
CA SER D 328 -55.96 -2.69 -22.21
C SER D 328 -57.26 -2.15 -21.62
N MET D 329 -57.44 -0.84 -21.70
CA MET D 329 -58.65 -0.21 -21.16
C MET D 329 -59.21 0.85 -22.11
N GLU D 330 -60.24 1.55 -21.65
CA GLU D 330 -60.91 2.56 -22.47
C GLU D 330 -61.51 3.67 -21.62
N ASP D 331 -60.67 4.34 -20.84
CA ASP D 331 -61.13 5.42 -19.97
C ASP D 331 -60.74 6.79 -20.51
N VAL D 332 -61.14 7.83 -19.79
CA VAL D 332 -60.86 9.21 -20.21
C VAL D 332 -59.56 9.73 -19.62
N GLU D 333 -59.44 9.70 -18.30
CA GLU D 333 -58.25 10.21 -17.64
C GLU D 333 -57.92 9.45 -16.36
N LYS D 334 -56.67 9.54 -15.93
CA LYS D 334 -56.22 8.90 -14.70
C LYS D 334 -55.65 9.93 -13.74
N VAL D 335 -56.27 10.05 -12.57
CA VAL D 335 -55.84 11.03 -11.57
C VAL D 335 -54.91 10.42 -10.54
N VAL D 336 -53.73 11.01 -10.39
CA VAL D 336 -52.75 10.53 -9.43
C VAL D 336 -52.83 11.30 -8.12
N ILE D 337 -53.28 10.62 -7.07
CA ILE D 337 -53.41 11.23 -5.75
C ILE D 337 -52.18 10.98 -4.89
N ASP D 338 -52.19 11.51 -3.67
CA ASP D 338 -51.08 11.34 -2.75
C ASP D 338 -51.01 9.91 -2.22
N GLU D 339 -52.18 9.32 -1.97
CA GLU D 339 -52.26 7.96 -1.44
C GLU D 339 -51.64 6.95 -2.41
N SER D 340 -51.47 7.37 -3.66
CA SER D 340 -50.89 6.50 -4.68
C SER D 340 -49.36 6.53 -4.62
N VAL D 341 -48.81 7.62 -4.11
CA VAL D 341 -47.37 7.80 -4.05
C VAL D 341 -46.79 7.37 -2.70
N ILE D 342 -47.18 8.07 -1.64
CA ILE D 342 -46.68 7.77 -0.30
C ILE D 342 -47.05 6.35 0.15
N ASP D 343 -48.34 6.08 0.29
CA ASP D 343 -48.81 4.78 0.71
C ASP D 343 -48.51 3.72 -0.35
N GLY D 344 -48.63 4.10 -1.62
CA GLY D 344 -48.41 3.19 -2.72
C GLY D 344 -49.37 2.01 -2.67
N GLN D 345 -50.38 2.13 -1.83
CA GLN D 345 -51.37 1.08 -1.65
C GLN D 345 -52.52 1.23 -2.63
N SER D 346 -53.16 2.40 -2.60
CA SER D 346 -54.30 2.67 -3.47
C SER D 346 -53.87 2.91 -4.92
N GLU D 347 -54.68 2.45 -5.85
CA GLU D 347 -54.42 2.63 -7.28
C GLU D 347 -54.90 4.02 -7.73
N PRO D 348 -54.24 4.58 -8.75
CA PRO D 348 -54.63 5.87 -9.31
C PRO D 348 -56.09 5.90 -9.74
N LEU D 349 -56.78 7.00 -9.47
CA LEU D 349 -58.18 7.13 -9.84
C LEU D 349 -58.37 7.02 -11.35
N LEU D 350 -59.37 6.25 -11.76
CA LEU D 350 -59.67 6.08 -13.17
C LEU D 350 -61.04 6.64 -13.51
N ILE D 351 -61.08 7.49 -14.52
CA ILE D 351 -62.32 8.15 -14.92
C ILE D 351 -62.68 7.76 -16.35
N TYR D 352 -63.77 7.02 -16.50
CA TYR D 352 -64.22 6.59 -17.81
C TYR D 352 -65.01 7.68 -18.51
N ALA E 2 -48.10 -3.49 -34.63
CA ALA E 2 -48.85 -3.29 -33.40
C ALA E 2 -48.06 -3.75 -32.18
N LEU E 3 -47.84 -2.83 -31.25
CA LEU E 3 -47.07 -3.14 -30.03
C LEU E 3 -47.87 -3.99 -29.06
N PRO E 4 -47.24 -5.07 -28.57
CA PRO E 4 -47.86 -5.97 -27.58
C PRO E 4 -47.99 -5.28 -26.22
N THR E 5 -49.22 -5.19 -25.73
CA THR E 5 -49.47 -4.58 -24.42
C THR E 5 -48.64 -5.30 -23.35
N PRO E 6 -48.29 -4.59 -22.28
CA PRO E 6 -47.53 -5.17 -21.16
C PRO E 6 -48.13 -6.48 -20.68
N HIS E 7 -49.45 -6.62 -20.80
CA HIS E 7 -50.13 -7.86 -20.46
C HIS E 7 -49.64 -9.00 -21.34
N GLU E 8 -49.61 -8.76 -22.65
CA GLU E 8 -49.17 -9.77 -23.60
C GLU E 8 -47.69 -10.08 -23.44
N ILE E 9 -46.89 -9.04 -23.19
CA ILE E 9 -45.45 -9.20 -23.00
C ILE E 9 -45.14 -10.11 -21.82
N ARG E 10 -45.75 -9.82 -20.67
CA ARG E 10 -45.58 -10.63 -19.48
C ARG E 10 -46.10 -12.05 -19.70
N ASN E 11 -47.18 -12.16 -20.45
CA ASN E 11 -47.78 -13.46 -20.73
C ASN E 11 -46.84 -14.39 -21.48
N HIS E 12 -46.17 -13.86 -22.51
CA HIS E 12 -45.23 -14.65 -23.30
C HIS E 12 -43.95 -14.93 -22.53
N LEU E 13 -43.67 -14.12 -21.51
CA LEU E 13 -42.51 -14.34 -20.66
C LEU E 13 -42.75 -15.51 -19.71
N ASP E 14 -44.01 -15.80 -19.46
CA ASP E 14 -44.39 -16.92 -18.58
C ASP E 14 -44.11 -18.25 -19.27
N ASP E 15 -43.94 -18.21 -20.58
CA ASP E 15 -43.70 -19.42 -21.37
C ASP E 15 -42.23 -19.81 -21.36
N TYR E 16 -41.36 -18.81 -21.25
CA TYR E 16 -39.91 -19.07 -21.28
C TYR E 16 -39.29 -19.05 -19.90
N VAL E 17 -39.84 -18.24 -19.00
CA VAL E 17 -39.31 -18.10 -17.65
C VAL E 17 -40.36 -18.37 -16.59
N ILE E 18 -39.99 -19.11 -15.55
CA ILE E 18 -40.90 -19.41 -14.46
C ILE E 18 -40.67 -18.47 -13.27
N GLY E 19 -41.75 -18.12 -12.59
CA GLY E 19 -41.67 -17.23 -11.45
C GLY E 19 -41.24 -15.84 -11.84
N GLN E 20 -40.70 -15.09 -10.89
CA GLN E 20 -40.23 -13.73 -11.14
C GLN E 20 -41.35 -12.87 -11.70
N GLU E 21 -42.56 -13.12 -11.24
CA GLU E 21 -43.74 -12.42 -11.76
C GLU E 21 -43.65 -10.91 -11.62
N GLN E 22 -43.04 -10.44 -10.53
CA GLN E 22 -42.88 -9.01 -10.32
C GLN E 22 -41.83 -8.41 -11.25
N ALA E 23 -40.70 -9.10 -11.39
CA ALA E 23 -39.63 -8.65 -12.26
C ALA E 23 -40.11 -8.57 -13.71
N LYS E 24 -40.93 -9.54 -14.11
CA LYS E 24 -41.47 -9.57 -15.47
C LYS E 24 -42.54 -8.50 -15.66
N LYS E 25 -43.27 -8.18 -14.59
CA LYS E 25 -44.26 -7.12 -14.62
C LYS E 25 -43.56 -5.78 -14.82
N VAL E 26 -42.36 -5.67 -14.27
CA VAL E 26 -41.56 -4.45 -14.39
C VAL E 26 -40.94 -4.33 -15.78
N LEU E 27 -40.38 -5.43 -16.27
CA LEU E 27 -39.77 -5.46 -17.59
C LEU E 27 -40.81 -5.19 -18.68
N ALA E 28 -41.99 -5.77 -18.51
CA ALA E 28 -43.07 -5.59 -19.48
C ALA E 28 -43.40 -4.11 -19.67
N VAL E 29 -43.55 -3.40 -18.56
CA VAL E 29 -43.86 -1.98 -18.61
C VAL E 29 -42.69 -1.17 -19.15
N ALA E 30 -41.49 -1.47 -18.65
CA ALA E 30 -40.29 -0.77 -19.09
C ALA E 30 -40.07 -0.91 -20.58
N VAL E 31 -40.16 -2.14 -21.08
CA VAL E 31 -39.99 -2.41 -22.50
C VAL E 31 -41.09 -1.76 -23.34
N TYR E 32 -42.33 -1.89 -22.89
CA TYR E 32 -43.46 -1.29 -23.61
C TYR E 32 -43.28 0.21 -23.74
N ASN E 33 -42.98 0.88 -22.62
CA ASN E 33 -42.79 2.33 -22.62
C ASN E 33 -41.62 2.75 -23.49
N HIS E 34 -40.61 1.90 -23.56
CA HIS E 34 -39.43 2.21 -24.36
C HIS E 34 -39.75 2.30 -25.85
N TYR E 35 -40.44 1.30 -26.38
CA TYR E 35 -40.79 1.27 -27.79
C TYR E 35 -42.02 2.14 -28.08
N LYS E 36 -42.84 2.36 -27.05
CA LYS E 36 -43.98 3.26 -27.18
C LYS E 36 -43.48 4.69 -27.32
N ARG E 37 -42.22 4.88 -26.93
CA ARG E 37 -41.58 6.20 -26.99
C ARG E 37 -40.88 6.37 -28.34
N LEU E 38 -40.35 5.29 -28.88
CA LEU E 38 -39.63 5.32 -30.14
C LEU E 38 -40.57 5.42 -31.33
N ARG E 39 -41.68 4.69 -31.27
CA ARG E 39 -42.62 4.63 -32.38
C ARG E 39 -43.47 5.91 -32.50
N ASN E 40 -43.25 6.85 -31.59
CA ASN E 40 -43.94 8.14 -31.64
C ASN E 40 -42.98 9.32 -31.67
N GLY E 41 -41.74 9.05 -32.05
CA GLY E 41 -40.72 10.09 -32.13
C GLY E 41 -40.42 10.72 -30.78
N LEU E 49 -39.53 12.56 -22.08
CA LEU E 49 -39.34 11.22 -22.63
C LEU E 49 -38.25 10.48 -21.85
N GLY E 50 -38.67 9.56 -21.00
CA GLY E 50 -37.75 8.79 -20.17
C GLY E 50 -36.94 7.79 -20.98
N LYS E 51 -35.66 7.68 -20.63
CA LYS E 51 -34.79 6.70 -21.28
C LYS E 51 -35.34 5.29 -21.12
N SER E 52 -35.88 5.01 -19.94
CA SER E 52 -36.51 3.73 -19.64
C SER E 52 -35.51 2.57 -19.70
N ASN E 53 -34.32 2.79 -19.15
CA ASN E 53 -33.30 1.75 -19.09
C ASN E 53 -33.45 0.87 -17.85
N ILE E 54 -33.10 -0.40 -17.98
CA ILE E 54 -33.36 -1.38 -16.93
C ILE E 54 -32.10 -1.87 -16.24
N LEU E 55 -32.22 -2.22 -14.97
CA LEU E 55 -31.13 -2.80 -14.19
C LEU E 55 -31.59 -4.07 -13.50
N LEU E 56 -31.11 -5.21 -13.99
CA LEU E 56 -31.49 -6.50 -13.42
C LEU E 56 -30.59 -6.87 -12.24
N ILE E 57 -31.22 -7.28 -11.14
CA ILE E 57 -30.49 -7.70 -9.95
C ILE E 57 -31.01 -9.04 -9.44
N GLY E 58 -30.24 -10.10 -9.65
CA GLY E 58 -30.63 -11.42 -9.22
C GLY E 58 -29.46 -12.38 -9.14
N PRO E 59 -29.60 -13.45 -8.33
CA PRO E 59 -28.57 -14.46 -8.15
C PRO E 59 -28.13 -15.06 -9.48
N THR E 60 -26.98 -15.73 -9.50
CA THR E 60 -26.48 -16.36 -10.72
C THR E 60 -27.33 -17.56 -11.11
N GLY E 61 -27.91 -17.50 -12.30
CA GLY E 61 -28.77 -18.57 -12.78
C GLY E 61 -30.22 -18.35 -12.38
N SER E 62 -30.58 -17.10 -12.16
CA SER E 62 -31.96 -16.76 -11.80
C SER E 62 -32.78 -16.47 -13.04
N GLY E 63 -32.10 -16.25 -14.17
CA GLY E 63 -32.76 -16.04 -15.43
C GLY E 63 -32.62 -14.64 -15.98
N LYS E 64 -31.62 -13.91 -15.49
CA LYS E 64 -31.39 -12.54 -15.94
C LYS E 64 -31.14 -12.49 -17.44
N THR E 65 -30.21 -13.32 -17.91
CA THR E 65 -29.85 -13.35 -19.31
C THR E 65 -31.01 -13.89 -20.16
N LEU E 66 -31.67 -14.92 -19.65
CA LEU E 66 -32.79 -15.54 -20.36
C LEU E 66 -33.92 -14.53 -20.61
N LEU E 67 -34.22 -13.73 -19.60
CA LEU E 67 -35.26 -12.71 -19.73
C LEU E 67 -34.91 -11.69 -20.81
N ALA E 68 -33.64 -11.29 -20.86
CA ALA E 68 -33.19 -10.31 -21.84
C ALA E 68 -33.37 -10.81 -23.27
N GLU E 69 -32.93 -12.03 -23.53
CA GLU E 69 -33.04 -12.64 -24.85
C GLU E 69 -34.50 -12.76 -25.28
N THR E 70 -35.34 -13.23 -24.38
CA THR E 70 -36.75 -13.44 -24.66
C THR E 70 -37.45 -12.14 -25.10
N LEU E 71 -37.17 -11.06 -24.37
CA LEU E 71 -37.77 -9.77 -24.68
C LEU E 71 -37.44 -9.33 -26.10
N ALA E 72 -36.29 -9.77 -26.61
CA ALA E 72 -35.88 -9.44 -27.96
C ALA E 72 -36.65 -10.27 -28.98
N ARG E 73 -36.75 -11.58 -28.73
CA ARG E 73 -37.46 -12.48 -29.63
C ARG E 73 -38.95 -12.17 -29.69
N LEU E 74 -39.51 -11.72 -28.58
CA LEU E 74 -40.94 -11.39 -28.53
C LEU E 74 -41.24 -10.12 -29.31
N LEU E 75 -40.21 -9.37 -29.64
CA LEU E 75 -40.36 -8.13 -30.39
C LEU E 75 -39.55 -8.14 -31.68
N ASP E 76 -39.19 -9.34 -32.13
CA ASP E 76 -38.36 -9.49 -33.33
C ASP E 76 -37.32 -8.39 -33.46
N VAL E 77 -36.62 -8.13 -32.35
CA VAL E 77 -35.63 -7.05 -32.29
C VAL E 77 -34.22 -7.61 -32.09
N PRO E 78 -33.26 -7.05 -32.84
CA PRO E 78 -31.85 -7.45 -32.75
C PRO E 78 -31.33 -7.39 -31.32
N PHE E 79 -30.75 -8.50 -30.85
CA PHE E 79 -30.26 -8.60 -29.49
C PHE E 79 -28.78 -8.93 -29.46
N THR E 80 -28.05 -8.34 -28.51
CA THR E 80 -26.62 -8.60 -28.36
C THR E 80 -26.19 -8.51 -26.91
N MET E 81 -25.30 -9.39 -26.50
CA MET E 81 -24.80 -9.41 -25.13
C MET E 81 -23.42 -8.77 -25.02
N ALA E 82 -22.94 -8.66 -23.79
CA ALA E 82 -21.62 -8.10 -23.51
C ALA E 82 -21.34 -8.16 -22.01
N ASP E 83 -20.15 -8.63 -21.66
CA ASP E 83 -19.76 -8.72 -20.25
C ASP E 83 -19.03 -7.46 -19.82
N ALA E 84 -19.53 -6.81 -18.78
CA ALA E 84 -18.97 -5.54 -18.31
C ALA E 84 -17.54 -5.71 -17.82
N THR E 85 -17.22 -6.90 -17.33
CA THR E 85 -15.88 -7.18 -16.84
C THR E 85 -14.87 -7.06 -17.98
N THR E 86 -15.32 -7.33 -19.20
CA THR E 86 -14.45 -7.25 -20.37
C THR E 86 -14.07 -5.82 -20.67
N LEU E 87 -14.84 -4.87 -20.14
CA LEU E 87 -14.60 -3.45 -20.38
C LEU E 87 -13.57 -2.89 -19.41
N THR E 88 -13.59 -3.37 -18.17
CA THR E 88 -12.68 -2.86 -17.15
C THR E 88 -11.22 -3.18 -17.48
N ALA E 90 -10.09 0.10 -19.02
CA ALA E 90 -9.00 0.35 -19.95
C ALA E 90 -9.24 1.59 -20.78
N GLY E 91 -8.19 2.12 -21.38
CA GLY E 91 -8.31 3.31 -22.23
C GLY E 91 -8.60 2.93 -23.67
N TYR E 92 -8.13 1.75 -24.06
CA TYR E 92 -8.34 1.25 -25.41
C TYR E 92 -9.71 0.56 -25.51
N VAL E 93 -10.26 0.19 -24.36
CA VAL E 93 -11.55 -0.49 -24.32
C VAL E 93 -12.68 0.45 -24.68
N GLY E 94 -12.38 1.75 -24.69
CA GLY E 94 -13.36 2.75 -25.10
C GLY E 94 -13.78 2.53 -26.54
N GLU E 95 -12.83 2.13 -27.37
CA GLU E 95 -13.10 1.80 -28.76
C GLU E 95 -13.59 0.37 -28.87
N ASP E 96 -13.65 -0.31 -27.73
CA ASP E 96 -14.20 -1.66 -27.66
C ASP E 96 -15.62 -1.60 -27.11
N VAL E 97 -15.96 -0.46 -26.50
CA VAL E 97 -17.30 -0.22 -26.03
C VAL E 97 -18.22 -0.03 -27.22
N GLU E 98 -17.67 0.50 -28.31
CA GLU E 98 -18.41 0.69 -29.55
C GLU E 98 -18.50 -0.62 -30.32
N ASN E 99 -17.75 -1.63 -29.86
CA ASN E 99 -17.77 -2.95 -30.48
C ASN E 99 -19.12 -3.63 -30.28
N ILE E 100 -19.74 -3.38 -29.12
CA ILE E 100 -21.06 -3.93 -28.83
C ILE E 100 -22.06 -3.51 -29.89
N ILE E 101 -21.77 -2.41 -30.57
CA ILE E 101 -22.65 -1.88 -31.60
C ILE E 101 -22.46 -2.58 -32.93
N GLN E 102 -21.20 -2.81 -33.32
CA GLN E 102 -20.91 -3.45 -34.60
C GLN E 102 -21.41 -4.90 -34.62
N LYS E 103 -21.49 -5.52 -33.44
CA LYS E 103 -22.07 -6.84 -33.31
C LYS E 103 -23.59 -6.75 -33.43
N LEU E 104 -24.15 -5.72 -32.80
CA LEU E 104 -25.59 -5.47 -32.87
C LEU E 104 -26.01 -5.21 -34.31
N LEU E 105 -25.18 -4.49 -35.05
CA LEU E 105 -25.42 -4.23 -36.47
C LEU E 105 -25.17 -5.49 -37.30
N GLN E 106 -24.19 -6.27 -36.89
CA GLN E 106 -23.88 -7.52 -37.58
C GLN E 106 -25.09 -8.44 -37.61
N LYS E 107 -25.76 -8.55 -36.48
CA LYS E 107 -26.94 -9.40 -36.36
C LYS E 107 -28.20 -8.67 -36.81
N CYS E 108 -28.04 -7.42 -37.24
CA CYS E 108 -29.15 -6.59 -37.67
C CYS E 108 -29.09 -6.32 -39.16
N ASP E 109 -28.18 -7.00 -39.84
CA ASP E 109 -27.99 -6.82 -41.29
C ASP E 109 -27.60 -5.39 -41.65
N TYR E 110 -26.87 -4.73 -40.74
CA TYR E 110 -26.35 -3.40 -40.97
C TYR E 110 -27.45 -2.37 -41.24
N ASP E 111 -28.59 -2.53 -40.56
CA ASP E 111 -29.71 -1.60 -40.71
C ASP E 111 -29.72 -0.60 -39.55
N VAL E 112 -29.39 0.65 -39.86
CA VAL E 112 -29.28 1.70 -38.84
C VAL E 112 -30.57 1.87 -38.03
N GLN E 113 -31.71 1.77 -38.70
CA GLN E 113 -32.99 1.97 -38.04
C GLN E 113 -33.36 0.82 -37.09
N LYS E 114 -33.20 -0.41 -37.55
CA LYS E 114 -33.52 -1.58 -36.74
C LYS E 114 -32.47 -1.81 -35.65
N ALA E 115 -31.28 -1.26 -35.85
CA ALA E 115 -30.20 -1.36 -34.87
C ALA E 115 -30.46 -0.43 -33.69
N GLN E 116 -31.21 0.63 -33.93
CA GLN E 116 -31.56 1.58 -32.87
C GLN E 116 -32.69 1.03 -32.02
N ARG E 117 -33.42 0.07 -32.55
CA ARG E 117 -34.54 -0.55 -31.84
C ARG E 117 -34.05 -1.74 -31.02
N GLY E 118 -32.78 -2.08 -31.20
CA GLY E 118 -32.20 -3.26 -30.59
C GLY E 118 -32.17 -3.25 -29.07
N ILE E 119 -31.92 -4.42 -28.49
CA ILE E 119 -31.77 -4.56 -27.05
C ILE E 119 -30.35 -5.00 -26.71
N VAL E 120 -29.71 -4.30 -25.78
CA VAL E 120 -28.34 -4.61 -25.38
C VAL E 120 -28.26 -5.00 -23.92
N TYR E 121 -27.69 -6.18 -23.64
CA TYR E 121 -27.54 -6.65 -22.27
C TYR E 121 -26.09 -6.61 -21.81
N ILE E 122 -25.86 -6.00 -20.64
CA ILE E 122 -24.52 -5.89 -20.08
C ILE E 122 -24.40 -6.66 -18.77
N ASP E 123 -23.86 -7.86 -18.85
CA ASP E 123 -23.71 -8.72 -17.68
C ASP E 123 -22.58 -8.22 -16.78
N GLU E 124 -22.68 -8.52 -15.49
CA GLU E 124 -21.63 -8.22 -14.52
C GLU E 124 -21.33 -6.72 -14.38
N ILE E 125 -22.37 -5.93 -14.15
CA ILE E 125 -22.19 -4.51 -13.86
C ILE E 125 -21.74 -4.34 -12.41
N ASP E 126 -22.14 -5.27 -11.57
CA ASP E 126 -21.76 -5.26 -10.16
C ASP E 126 -20.28 -5.55 -10.00
N LYS E 127 -19.63 -5.98 -11.07
CA LYS E 127 -18.21 -6.33 -11.03
C LYS E 127 -17.32 -5.10 -11.21
N ILE E 128 -17.82 -4.10 -11.93
CA ILE E 128 -17.05 -2.90 -12.20
C ILE E 128 -17.28 -1.83 -11.13
N SER E 129 -17.99 -2.19 -10.07
CA SER E 129 -18.29 -1.24 -8.99
C SER E 129 -17.06 -0.98 -8.13
N ARG E 130 -16.60 0.27 -8.14
CA ARG E 130 -15.43 0.65 -7.35
C ARG E 130 -15.76 0.78 -5.88
N GLU E 144 -14.13 2.07 -12.40
CA GLU E 144 -14.99 3.25 -12.48
C GLU E 144 -14.96 3.86 -13.88
N GLY E 145 -13.81 3.76 -14.53
CA GLY E 145 -13.64 4.30 -15.88
C GLY E 145 -14.70 3.84 -16.84
N VAL E 146 -15.10 2.58 -16.71
CA VAL E 146 -16.13 2.00 -17.57
C VAL E 146 -17.52 2.51 -17.22
N GLN E 147 -17.73 2.81 -15.94
CA GLN E 147 -19.01 3.34 -15.50
C GLN E 147 -19.30 4.65 -16.20
N GLN E 148 -18.25 5.37 -16.57
CA GLN E 148 -18.38 6.66 -17.23
C GLN E 148 -18.25 6.53 -18.74
N ALA E 149 -17.46 5.54 -19.18
CA ALA E 149 -17.28 5.28 -20.61
C ALA E 149 -18.53 4.64 -21.20
N LEU E 150 -18.99 3.57 -20.57
CA LEU E 150 -20.22 2.90 -20.98
C LEU E 150 -21.41 3.81 -20.75
N LEU E 151 -21.19 4.84 -19.94
CA LEU E 151 -22.21 5.83 -19.66
C LEU E 151 -22.51 6.65 -20.89
N LYS E 152 -21.52 6.77 -21.77
CA LYS E 152 -21.66 7.57 -22.99
C LYS E 152 -22.69 6.97 -23.94
N LEU E 153 -22.83 5.65 -23.92
CA LEU E 153 -23.78 4.96 -24.77
C LEU E 153 -25.22 5.12 -24.26
N ILE E 154 -25.39 4.99 -22.95
CA ILE E 154 -26.70 5.09 -22.33
C ILE E 154 -27.42 6.38 -22.73
N GLU E 155 -26.67 7.48 -22.76
CA GLU E 155 -27.21 8.76 -23.20
C GLU E 155 -27.47 8.72 -24.71
N GLY E 156 -26.44 8.38 -25.47
CA GLY E 156 -26.54 8.30 -26.91
C GLY E 156 -25.61 9.26 -27.62
N THR E 157 -24.76 8.73 -28.50
CA THR E 157 -23.82 9.55 -29.24
C THR E 157 -23.86 9.23 -30.74
N LEU E 175 -20.51 3.91 -37.81
CA LEU E 175 -21.84 3.34 -37.90
C LEU E 175 -22.89 4.44 -37.82
N GLN E 176 -22.53 5.52 -37.13
CA GLN E 176 -23.39 6.70 -36.95
C GLN E 176 -24.65 6.40 -36.15
N VAL E 177 -24.91 5.13 -35.92
CA VAL E 177 -26.11 4.72 -35.18
C VAL E 177 -26.12 5.32 -33.78
N ASP E 178 -27.18 6.07 -33.47
CA ASP E 178 -27.31 6.69 -32.16
C ASP E 178 -27.76 5.68 -31.11
N THR E 179 -27.03 5.61 -30.01
CA THR E 179 -27.34 4.67 -28.93
C THR E 179 -28.43 5.22 -28.01
N SER E 180 -29.01 6.34 -28.38
CA SER E 180 -30.07 6.97 -27.59
C SER E 180 -31.36 6.17 -27.69
N LYS E 181 -31.53 5.46 -28.80
CA LYS E 181 -32.77 4.74 -29.09
C LYS E 181 -32.74 3.32 -28.53
N ILE E 182 -31.57 2.69 -28.52
CA ILE E 182 -31.44 1.31 -28.09
C ILE E 182 -31.66 1.14 -26.59
N LEU E 183 -32.36 0.07 -26.22
CA LEU E 183 -32.64 -0.23 -24.82
C LEU E 183 -31.45 -0.92 -24.16
N PHE E 184 -31.08 -0.45 -22.97
CA PHE E 184 -29.96 -1.02 -22.23
C PHE E 184 -30.42 -1.74 -20.97
N ILE E 185 -30.10 -3.03 -20.89
CA ILE E 185 -30.42 -3.83 -19.71
C ILE E 185 -29.13 -4.31 -19.04
N CYS E 186 -28.87 -3.84 -17.83
CA CYS E 186 -27.66 -4.20 -17.12
C CYS E 186 -27.95 -5.20 -15.99
N GLY E 187 -27.39 -6.39 -16.11
CA GLY E 187 -27.58 -7.44 -15.12
C GLY E 187 -26.46 -7.52 -14.11
N GLY E 188 -26.64 -8.33 -13.08
CA GLY E 188 -25.65 -8.50 -12.04
C GLY E 188 -26.21 -9.20 -10.82
N ALA E 189 -25.35 -9.89 -10.08
CA ALA E 189 -25.77 -10.63 -8.90
C ALA E 189 -25.79 -9.73 -7.66
N PHE E 190 -24.84 -8.80 -7.60
CA PHE E 190 -24.74 -7.88 -6.46
C PHE E 190 -24.77 -8.63 -5.13
N ALA E 191 -23.66 -9.28 -4.78
CA ALA E 191 -23.58 -10.08 -3.57
C ALA E 191 -23.73 -9.21 -2.31
N GLY E 192 -22.92 -8.17 -2.22
CA GLY E 192 -22.91 -7.31 -1.04
C GLY E 192 -24.12 -6.39 -0.93
N LEU E 193 -24.87 -6.27 -2.01
CA LEU E 193 -26.03 -5.39 -2.03
C LEU E 193 -27.06 -5.80 -0.99
N ASP E 194 -27.14 -7.09 -0.72
CA ASP E 194 -28.11 -7.61 0.24
C ASP E 194 -27.75 -7.14 1.66
N LYS E 195 -26.51 -6.73 1.84
CA LYS E 195 -26.02 -6.32 3.15
C LYS E 195 -26.23 -4.82 3.39
N VAL E 196 -25.87 -4.02 2.40
CA VAL E 196 -26.01 -2.57 2.49
C VAL E 196 -27.47 -2.15 2.71
N ILE E 197 -28.39 -2.84 2.03
CA ILE E 197 -29.80 -2.55 2.18
C ILE E 197 -30.27 -2.84 3.61
N SER E 198 -29.71 -3.89 4.20
CA SER E 198 -30.08 -4.29 5.55
C SER E 198 -29.59 -3.28 6.58
N HIS E 199 -28.40 -2.72 6.35
CA HIS E 199 -27.83 -1.75 7.27
C HIS E 199 -28.55 -0.40 7.16
N ARG E 200 -29.53 -0.34 6.27
CA ARG E 200 -30.31 0.88 6.07
C ARG E 200 -31.76 0.68 6.50
N VAL E 201 -32.38 -0.36 5.98
CA VAL E 201 -33.79 -0.64 6.25
C VAL E 201 -34.00 -1.07 7.70
N GLU E 202 -32.92 -1.57 8.33
CA GLU E 202 -33.00 -2.03 9.72
C GLU E 202 -33.65 -0.99 10.63
N GLU E 222 -34.34 -12.58 1.37
CA GLU E 222 -33.58 -11.79 0.40
C GLU E 222 -34.52 -11.08 -0.58
N GLY E 223 -35.57 -11.79 -1.00
CA GLY E 223 -36.55 -11.23 -1.92
C GLY E 223 -37.23 -10.00 -1.36
N GLU E 224 -37.41 -9.97 -0.04
CA GLU E 224 -38.09 -8.86 0.63
C GLU E 224 -37.14 -7.67 0.77
N LEU E 225 -35.85 -7.95 0.93
CA LEU E 225 -34.86 -6.91 1.12
C LEU E 225 -34.50 -6.22 -0.20
N LEU E 226 -34.37 -7.02 -1.26
CA LEU E 226 -34.05 -6.48 -2.58
C LEU E 226 -35.19 -5.62 -3.13
N ALA E 227 -36.37 -5.77 -2.56
CA ALA E 227 -37.52 -4.96 -2.94
C ALA E 227 -37.38 -3.55 -2.38
N GLN E 228 -36.70 -3.45 -1.24
CA GLN E 228 -36.45 -2.16 -0.60
C GLN E 228 -35.23 -1.47 -1.20
N VAL E 229 -34.73 -2.02 -2.30
CA VAL E 229 -33.54 -1.47 -2.94
C VAL E 229 -33.75 -0.01 -3.35
N GLU E 230 -32.72 0.81 -3.17
CA GLU E 230 -32.79 2.22 -3.51
C GLU E 230 -31.52 2.66 -4.23
N PRO E 231 -31.63 3.70 -5.07
CA PRO E 231 -30.48 4.23 -5.82
C PRO E 231 -29.29 4.53 -4.93
N GLU E 232 -29.54 4.92 -3.68
CA GLU E 232 -28.46 5.25 -2.75
C GLU E 232 -27.75 3.98 -2.27
N ASP E 233 -28.46 2.86 -2.28
CA ASP E 233 -27.86 1.58 -1.89
C ASP E 233 -26.82 1.15 -2.91
N LEU E 234 -27.12 1.36 -4.19
CA LEU E 234 -26.19 1.03 -5.26
C LEU E 234 -25.00 2.00 -5.25
N ILE E 235 -25.23 3.19 -4.71
CA ILE E 235 -24.17 4.18 -4.57
C ILE E 235 -23.09 3.69 -3.63
N LYS E 236 -23.51 3.26 -2.44
CA LYS E 236 -22.58 2.74 -1.45
C LYS E 236 -21.94 1.44 -1.90
N PHE E 237 -22.60 0.76 -2.84
CA PHE E 237 -22.10 -0.52 -3.35
C PHE E 237 -20.89 -0.33 -4.26
N GLY E 238 -20.86 0.77 -5.00
CA GLY E 238 -19.74 1.06 -5.88
C GLY E 238 -20.12 1.78 -7.16
N LEU E 239 -21.41 1.77 -7.49
CA LEU E 239 -21.90 2.42 -8.70
C LEU E 239 -21.94 3.94 -8.52
N ILE E 240 -21.51 4.66 -9.56
CA ILE E 240 -21.50 6.12 -9.51
C ILE E 240 -22.91 6.68 -9.73
N PRO E 241 -23.19 7.85 -9.14
CA PRO E 241 -24.50 8.50 -9.23
C PRO E 241 -24.96 8.73 -10.66
N GLU E 242 -24.08 9.28 -11.49
CA GLU E 242 -24.43 9.61 -12.87
C GLU E 242 -24.83 8.38 -13.67
N PHE E 243 -24.35 7.21 -13.26
CA PHE E 243 -24.64 5.97 -13.95
C PHE E 243 -25.98 5.38 -13.53
N ILE E 244 -26.25 5.37 -12.23
CA ILE E 244 -27.50 4.83 -11.70
C ILE E 244 -28.70 5.66 -12.16
N GLY E 245 -28.49 6.97 -12.32
CA GLY E 245 -29.54 7.85 -12.79
C GLY E 245 -29.95 7.54 -14.22
N ARG E 246 -29.12 6.76 -14.90
CA ARG E 246 -29.40 6.35 -16.28
C ARG E 246 -30.17 5.04 -16.31
N LEU E 247 -30.25 4.38 -15.16
CA LEU E 247 -31.03 3.15 -15.02
C LEU E 247 -32.19 3.35 -14.05
N PRO E 248 -33.25 4.03 -14.51
CA PRO E 248 -34.42 4.33 -13.69
C PRO E 248 -35.16 3.06 -13.27
N VAL E 249 -35.43 2.19 -14.23
CA VAL E 249 -36.13 0.93 -13.98
C VAL E 249 -35.19 -0.12 -13.44
N VAL E 250 -35.53 -0.69 -12.29
CA VAL E 250 -34.71 -1.73 -11.67
C VAL E 250 -35.55 -2.94 -11.29
N ALA E 251 -35.22 -4.08 -11.88
CA ALA E 251 -35.94 -5.31 -11.61
C ALA E 251 -35.17 -6.20 -10.65
N THR E 252 -35.89 -7.05 -9.91
CA THR E 252 -35.26 -7.95 -8.95
C THR E 252 -35.73 -9.38 -9.17
N LEU E 253 -34.78 -10.29 -9.28
CA LEU E 253 -35.09 -11.71 -9.51
C LEU E 253 -34.83 -12.56 -8.28
N ASN E 254 -35.82 -13.37 -7.91
CA ASN E 254 -35.69 -14.28 -6.78
C ASN E 254 -35.01 -15.57 -7.19
N GLU E 255 -34.38 -16.24 -6.24
CA GLU E 255 -33.74 -17.52 -6.52
C GLU E 255 -34.76 -18.48 -7.12
N LEU E 256 -34.49 -18.93 -8.35
CA LEU E 256 -35.40 -19.81 -9.06
C LEU E 256 -35.80 -21.05 -8.26
N SER E 257 -36.93 -21.64 -8.62
CA SER E 257 -37.43 -22.84 -7.97
C SER E 257 -37.27 -24.04 -8.89
N GLU E 258 -37.83 -25.18 -8.50
CA GLU E 258 -37.76 -26.39 -9.31
C GLU E 258 -38.60 -26.25 -10.58
N GLU E 259 -39.88 -25.92 -10.39
CA GLU E 259 -40.77 -25.77 -11.53
C GLU E 259 -40.22 -24.72 -12.48
N ALA E 260 -39.46 -23.78 -11.92
CA ALA E 260 -38.79 -22.76 -12.71
C ALA E 260 -37.81 -23.38 -13.69
N LEU E 261 -36.90 -24.19 -13.15
CA LEU E 261 -35.88 -24.85 -13.94
C LEU E 261 -36.49 -25.85 -14.91
N ILE E 262 -37.55 -26.52 -14.49
CA ILE E 262 -38.19 -27.52 -15.33
C ILE E 262 -38.64 -26.93 -16.66
N GLN E 263 -39.35 -25.81 -16.61
CA GLN E 263 -39.84 -25.19 -17.83
C GLN E 263 -38.72 -24.61 -18.68
N ILE E 264 -37.64 -24.18 -18.03
CA ILE E 264 -36.48 -23.68 -18.76
C ILE E 264 -35.82 -24.79 -19.57
N LEU E 265 -36.08 -26.03 -19.18
CA LEU E 265 -35.54 -27.18 -19.90
C LEU E 265 -36.44 -27.59 -21.06
N LYS E 266 -37.66 -27.08 -21.08
CA LYS E 266 -38.64 -27.51 -22.07
C LYS E 266 -39.12 -26.38 -22.98
N GLU E 267 -39.75 -25.38 -22.39
CA GLU E 267 -40.48 -24.35 -23.14
C GLU E 267 -39.62 -23.46 -24.05
N PRO E 268 -38.50 -22.93 -23.53
CA PRO E 268 -37.69 -22.03 -24.36
C PRO E 268 -37.41 -22.64 -25.73
N LYS E 269 -37.41 -21.81 -26.77
CA LYS E 269 -37.21 -22.30 -28.13
C LYS E 269 -35.84 -22.94 -28.30
N ASN E 270 -34.93 -22.67 -27.35
CA ASN E 270 -33.60 -23.24 -27.39
C ASN E 270 -33.31 -24.10 -26.15
N ALA E 271 -34.36 -24.61 -25.54
CA ALA E 271 -34.23 -25.41 -24.34
C ALA E 271 -33.24 -26.55 -24.53
N LEU E 272 -32.62 -26.99 -23.44
CA LEU E 272 -31.65 -28.08 -23.48
C LEU E 272 -32.22 -29.34 -24.11
N THR E 273 -33.42 -29.73 -23.71
CA THR E 273 -34.05 -30.93 -24.26
C THR E 273 -34.25 -30.78 -25.77
N LYS E 274 -34.69 -29.60 -26.18
CA LYS E 274 -34.94 -29.34 -27.59
C LYS E 274 -33.65 -29.49 -28.40
N GLN E 275 -32.52 -29.14 -27.79
CA GLN E 275 -31.23 -29.22 -28.45
C GLN E 275 -30.75 -30.66 -28.60
N TYR E 276 -30.83 -31.43 -27.52
CA TYR E 276 -30.40 -32.83 -27.55
C TYR E 276 -31.37 -33.69 -28.35
N GLN E 277 -32.64 -33.32 -28.35
CA GLN E 277 -33.63 -34.03 -29.16
C GLN E 277 -33.33 -33.82 -30.63
N ALA E 278 -32.67 -32.71 -30.95
CA ALA E 278 -32.29 -32.39 -32.32
C ALA E 278 -30.96 -33.05 -32.68
N LEU E 279 -30.09 -33.20 -31.69
CA LEU E 279 -28.79 -33.85 -31.90
C LEU E 279 -28.98 -35.34 -32.09
N PHE E 280 -29.77 -35.95 -31.22
CA PHE E 280 -30.13 -37.35 -31.37
C PHE E 280 -30.99 -37.54 -32.62
N ASN E 281 -31.73 -36.50 -32.99
CA ASN E 281 -32.60 -36.52 -34.16
C ASN E 281 -31.82 -36.78 -35.44
N LEU E 282 -30.68 -36.11 -35.58
CA LEU E 282 -29.82 -36.33 -36.75
C LEU E 282 -28.97 -37.58 -36.56
N GLU E 283 -29.38 -38.44 -35.63
CA GLU E 283 -28.76 -39.74 -35.48
C GLU E 283 -29.78 -40.83 -35.78
N GLY E 284 -30.97 -40.42 -36.20
CA GLY E 284 -32.04 -41.34 -36.49
C GLY E 284 -32.65 -41.89 -35.21
N VAL E 285 -32.37 -41.21 -34.10
CA VAL E 285 -32.86 -41.63 -32.79
C VAL E 285 -33.69 -40.54 -32.11
N ASP E 286 -34.90 -40.89 -31.69
CA ASP E 286 -35.75 -39.95 -30.98
C ASP E 286 -35.45 -39.92 -29.48
N LEU E 287 -35.10 -38.75 -28.98
CA LEU E 287 -34.75 -38.61 -27.57
C LEU E 287 -35.96 -38.13 -26.77
N GLU E 288 -36.34 -38.92 -25.77
CA GLU E 288 -37.52 -38.63 -24.96
C GLU E 288 -37.15 -38.39 -23.51
N PHE E 289 -37.48 -37.21 -23.01
CA PHE E 289 -37.25 -36.88 -21.61
C PHE E 289 -38.53 -37.04 -20.80
N ARG E 290 -38.50 -37.94 -19.82
CA ARG E 290 -39.64 -38.16 -18.94
C ARG E 290 -39.74 -37.03 -17.92
N ASP E 291 -40.97 -36.70 -17.54
CA ASP E 291 -41.22 -35.61 -16.60
C ASP E 291 -40.49 -35.83 -15.29
N GLU E 292 -40.32 -37.09 -14.90
CA GLU E 292 -39.64 -37.44 -13.66
C GLU E 292 -38.15 -37.16 -13.77
N ALA E 293 -37.64 -37.16 -15.00
CA ALA E 293 -36.23 -36.92 -15.26
C ALA E 293 -35.92 -35.42 -15.21
N LEU E 294 -36.77 -34.63 -15.86
CA LEU E 294 -36.60 -33.19 -15.87
C LEU E 294 -36.62 -32.62 -14.45
N ASP E 295 -37.60 -33.06 -13.66
CA ASP E 295 -37.68 -32.65 -12.26
C ASP E 295 -36.41 -33.10 -11.53
N ALA E 296 -35.97 -34.31 -11.84
CA ALA E 296 -34.76 -34.87 -11.24
C ALA E 296 -33.55 -34.01 -11.58
N ILE E 297 -33.57 -33.40 -12.76
CA ILE E 297 -32.49 -32.53 -13.19
C ILE E 297 -32.54 -31.18 -12.47
N ALA E 298 -33.75 -30.69 -12.24
CA ALA E 298 -33.93 -29.41 -11.55
C ALA E 298 -33.44 -29.49 -10.12
N LYS E 299 -33.72 -30.60 -9.44
CA LYS E 299 -33.28 -30.80 -8.07
C LYS E 299 -31.76 -30.82 -7.98
N LYS E 300 -31.11 -31.54 -8.88
CA LYS E 300 -29.66 -31.61 -8.93
C LYS E 300 -29.04 -30.23 -9.07
N ALA E 301 -29.73 -29.36 -9.81
CA ALA E 301 -29.24 -28.01 -10.06
C ALA E 301 -29.30 -27.13 -8.81
N MET E 302 -30.37 -27.24 -8.04
CA MET E 302 -30.54 -26.44 -6.83
C MET E 302 -29.62 -26.90 -5.72
N ALA E 303 -29.44 -28.21 -5.60
CA ALA E 303 -28.58 -28.79 -4.57
C ALA E 303 -27.15 -28.31 -4.73
N ARG E 304 -26.83 -27.81 -5.92
CA ARG E 304 -25.49 -27.32 -6.21
C ARG E 304 -25.48 -25.79 -6.29
N LYS E 305 -26.66 -25.19 -6.22
CA LYS E 305 -26.79 -23.73 -6.20
C LYS E 305 -26.26 -23.06 -7.45
N THR E 306 -26.08 -23.84 -8.52
CA THR E 306 -25.59 -23.30 -9.78
C THR E 306 -26.70 -22.64 -10.58
N GLY E 307 -27.92 -22.82 -10.13
CA GLY E 307 -29.08 -22.24 -10.80
C GLY E 307 -29.30 -22.83 -12.18
N ALA E 308 -29.66 -21.96 -13.13
CA ALA E 308 -29.93 -22.40 -14.49
C ALA E 308 -28.64 -22.62 -15.27
N ARG E 309 -27.56 -21.98 -14.83
CA ARG E 309 -26.27 -22.09 -15.50
C ARG E 309 -25.69 -23.49 -15.33
N GLY E 310 -26.16 -24.21 -14.31
CA GLY E 310 -25.65 -25.53 -14.01
C GLY E 310 -26.53 -26.65 -14.54
N LEU E 311 -27.45 -26.30 -15.43
CA LEU E 311 -28.33 -27.29 -16.04
C LEU E 311 -27.62 -28.09 -17.14
N ARG E 312 -26.96 -27.38 -18.05
CA ARG E 312 -26.22 -28.03 -19.11
C ARG E 312 -25.23 -29.05 -18.58
N SER E 313 -24.41 -28.64 -17.61
CA SER E 313 -23.40 -29.52 -17.06
C SER E 313 -24.00 -30.82 -16.53
N ILE E 314 -25.26 -30.77 -16.11
CA ILE E 314 -25.94 -31.96 -15.60
C ILE E 314 -26.41 -32.86 -16.74
N VAL E 315 -27.01 -32.24 -17.75
CA VAL E 315 -27.54 -32.98 -18.89
C VAL E 315 -26.44 -33.66 -19.68
N GLU E 316 -25.30 -32.96 -19.83
CA GLU E 316 -24.19 -33.49 -20.60
C GLU E 316 -23.65 -34.78 -19.99
N ALA E 317 -23.49 -34.80 -18.67
CA ALA E 317 -22.98 -35.97 -17.98
C ALA E 317 -23.94 -37.15 -18.07
N ALA E 318 -25.24 -36.85 -18.09
CA ALA E 318 -26.26 -37.90 -18.14
C ALA E 318 -26.40 -38.53 -19.53
N LEU E 319 -26.12 -37.75 -20.56
CA LEU E 319 -26.21 -38.25 -21.94
C LEU E 319 -24.84 -38.50 -22.55
N LEU E 320 -23.81 -38.43 -21.72
CA LEU E 320 -22.44 -38.59 -22.21
C LEU E 320 -22.19 -40.00 -22.74
N ASP E 321 -22.43 -40.99 -21.89
CA ASP E 321 -22.22 -42.38 -22.28
C ASP E 321 -23.07 -42.76 -23.49
N THR E 322 -24.28 -42.22 -23.54
CA THR E 322 -25.21 -42.54 -24.63
C THR E 322 -24.71 -41.98 -25.96
N MET E 323 -24.29 -40.72 -25.96
CA MET E 323 -23.81 -40.07 -27.18
C MET E 323 -22.49 -40.67 -27.64
N TYR E 324 -21.83 -41.40 -26.75
CA TYR E 324 -20.55 -42.03 -27.06
C TYR E 324 -20.69 -43.28 -27.91
N ASP E 325 -21.49 -44.23 -27.44
CA ASP E 325 -21.73 -45.46 -28.18
C ASP E 325 -23.09 -45.49 -28.86
N LEU E 326 -23.56 -44.32 -29.29
CA LEU E 326 -24.81 -44.22 -30.02
C LEU E 326 -24.63 -44.46 -31.51
N PRO E 327 -23.66 -43.77 -32.14
CA PRO E 327 -23.41 -43.98 -33.56
C PRO E 327 -22.94 -45.40 -33.87
N SER E 328 -22.72 -46.19 -32.82
CA SER E 328 -22.30 -47.59 -32.98
C SER E 328 -23.46 -48.54 -32.75
N MET E 329 -24.68 -48.06 -32.96
CA MET E 329 -25.87 -48.89 -32.76
C MET E 329 -26.90 -48.66 -33.87
N GLU E 330 -28.07 -49.28 -33.73
CA GLU E 330 -29.14 -49.15 -34.72
C GLU E 330 -30.52 -49.28 -34.08
N ASP E 331 -30.80 -48.40 -33.12
CA ASP E 331 -32.09 -48.43 -32.43
C ASP E 331 -33.04 -47.33 -32.90
N VAL E 332 -34.23 -47.29 -32.32
CA VAL E 332 -35.26 -46.34 -32.71
C VAL E 332 -35.27 -45.08 -31.85
N GLU E 333 -35.30 -45.26 -30.54
CA GLU E 333 -35.32 -44.11 -29.62
C GLU E 333 -34.75 -44.45 -28.25
N LYS E 334 -34.23 -43.43 -27.58
CA LYS E 334 -33.68 -43.60 -26.24
C LYS E 334 -34.47 -42.79 -25.22
N VAL E 335 -35.00 -43.47 -24.22
CA VAL E 335 -35.82 -42.81 -23.19
C VAL E 335 -35.01 -42.50 -21.95
N VAL E 336 -34.96 -41.23 -21.58
CA VAL E 336 -34.25 -40.80 -20.38
C VAL E 336 -35.20 -40.71 -19.20
N ILE E 337 -34.95 -41.54 -18.18
CA ILE E 337 -35.81 -41.56 -17.01
C ILE E 337 -35.12 -40.86 -15.85
N ASP E 338 -35.74 -40.94 -14.68
CA ASP E 338 -35.19 -40.32 -13.48
C ASP E 338 -33.97 -41.08 -12.95
N GLU E 339 -34.05 -42.41 -12.98
CA GLU E 339 -32.96 -43.24 -12.45
C GLU E 339 -31.66 -43.04 -13.23
N SER E 340 -31.75 -42.40 -14.39
CA SER E 340 -30.58 -42.14 -15.22
C SER E 340 -29.91 -40.83 -14.83
N VAL E 341 -30.66 -39.95 -14.19
CA VAL E 341 -30.17 -38.64 -13.78
C VAL E 341 -29.75 -38.62 -12.31
N ILE E 342 -30.72 -38.84 -11.42
CA ILE E 342 -30.44 -38.82 -9.97
C ILE E 342 -29.45 -39.89 -9.56
N ASP E 343 -29.82 -41.15 -9.73
CA ASP E 343 -28.96 -42.27 -9.38
C ASP E 343 -27.75 -42.32 -10.29
N GLY E 344 -27.95 -41.98 -11.56
CA GLY E 344 -26.87 -42.03 -12.53
C GLY E 344 -26.29 -43.43 -12.64
N GLN E 345 -27.02 -44.40 -12.11
CA GLN E 345 -26.58 -45.78 -12.13
C GLN E 345 -27.12 -46.50 -13.36
N SER E 346 -28.45 -46.49 -13.51
CA SER E 346 -29.09 -47.16 -14.64
C SER E 346 -28.86 -46.40 -15.95
N GLU E 347 -28.67 -47.15 -17.03
CA GLU E 347 -28.49 -46.55 -18.35
C GLU E 347 -29.84 -46.20 -18.96
N PRO E 348 -29.87 -45.18 -19.82
CA PRO E 348 -31.11 -44.77 -20.49
C PRO E 348 -31.73 -45.92 -21.27
N LEU E 349 -33.05 -46.02 -21.22
CA LEU E 349 -33.75 -47.08 -21.93
C LEU E 349 -33.51 -46.99 -23.43
N LEU E 350 -33.26 -48.14 -24.05
CA LEU E 350 -33.05 -48.19 -25.48
C LEU E 350 -34.15 -49.02 -26.16
N ILE E 351 -34.76 -48.46 -27.18
CA ILE E 351 -35.83 -49.14 -27.91
C ILE E 351 -35.42 -49.41 -29.34
N TYR E 352 -35.30 -50.69 -29.70
CA TYR E 352 -34.91 -51.07 -31.04
C TYR E 352 -36.13 -51.37 -31.90
N ALA F 2 -16.34 -39.59 -44.29
CA ALA F 2 -16.98 -40.33 -43.22
C ALA F 2 -16.45 -39.93 -41.85
N LEU F 3 -17.35 -39.50 -40.98
CA LEU F 3 -17.00 -39.12 -39.62
C LEU F 3 -16.87 -40.34 -38.71
N PRO F 4 -15.73 -40.44 -38.00
CA PRO F 4 -15.47 -41.54 -37.08
C PRO F 4 -16.40 -41.49 -35.87
N THR F 5 -16.99 -42.63 -35.50
CA THR F 5 -17.84 -42.70 -34.33
C THR F 5 -17.01 -42.47 -33.07
N PRO F 6 -17.63 -41.89 -32.04
CA PRO F 6 -16.91 -41.58 -30.79
C PRO F 6 -16.14 -42.80 -30.27
N HIS F 7 -16.64 -43.99 -30.55
CA HIS F 7 -15.95 -45.22 -30.18
C HIS F 7 -14.59 -45.31 -30.87
N GLU F 8 -14.59 -45.07 -32.18
CA GLU F 8 -13.38 -45.13 -32.97
C GLU F 8 -12.42 -44.01 -32.59
N ILE F 9 -12.96 -42.82 -32.34
CA ILE F 9 -12.15 -41.68 -31.95
C ILE F 9 -11.40 -41.94 -30.66
N ARG F 10 -12.12 -42.39 -29.64
CA ARG F 10 -11.50 -42.71 -28.36
C ARG F 10 -10.51 -43.85 -28.50
N ASN F 11 -10.81 -44.81 -29.36
CA ASN F 11 -9.95 -45.95 -29.59
C ASN F 11 -8.57 -45.54 -30.12
N HIS F 12 -8.56 -44.63 -31.09
CA HIS F 12 -7.31 -44.16 -31.68
C HIS F 12 -6.56 -43.24 -30.73
N LEU F 13 -7.27 -42.66 -29.77
CA LEU F 13 -6.65 -41.81 -28.76
C LEU F 13 -5.90 -42.65 -27.73
N ASP F 14 -6.30 -43.92 -27.61
CA ASP F 14 -5.64 -44.85 -26.70
C ASP F 14 -4.26 -45.23 -27.21
N ASP F 15 -4.02 -44.98 -28.50
CA ASP F 15 -2.75 -45.33 -29.12
C ASP F 15 -1.69 -44.24 -28.88
N TYR F 16 -2.15 -43.00 -28.75
CA TYR F 16 -1.23 -41.88 -28.57
C TYR F 16 -1.15 -41.41 -27.12
N VAL F 17 -2.25 -41.55 -26.39
CA VAL F 17 -2.30 -41.10 -25.01
C VAL F 17 -2.74 -42.23 -24.07
N ILE F 18 -2.08 -42.31 -22.92
CA ILE F 18 -2.40 -43.33 -21.93
C ILE F 18 -3.29 -42.75 -20.82
N GLY F 19 -4.22 -43.56 -20.33
CA GLY F 19 -5.12 -43.12 -19.28
C GLY F 19 -6.06 -42.03 -19.75
N GLN F 20 -6.59 -41.26 -18.80
CA GLN F 20 -7.49 -40.16 -19.12
C GLN F 20 -8.70 -40.65 -19.91
N GLU F 21 -9.14 -41.87 -19.59
CA GLU F 21 -10.23 -42.51 -20.32
C GLU F 21 -11.52 -41.68 -20.32
N GLN F 22 -11.79 -41.00 -19.21
CA GLN F 22 -12.98 -40.16 -19.12
C GLN F 22 -12.85 -38.90 -19.96
N ALA F 23 -11.68 -38.25 -19.88
CA ALA F 23 -11.43 -37.04 -20.66
C ALA F 23 -11.50 -37.32 -22.16
N LYS F 24 -11.02 -38.49 -22.56
CA LYS F 24 -11.04 -38.90 -23.96
C LYS F 24 -12.46 -39.27 -24.40
N LYS F 25 -13.23 -39.81 -23.47
CA LYS F 25 -14.62 -40.14 -23.74
C LYS F 25 -15.41 -38.86 -23.98
N VAL F 26 -15.02 -37.80 -23.28
CA VAL F 26 -15.67 -36.50 -23.42
C VAL F 26 -15.27 -35.81 -24.71
N LEU F 27 -13.97 -35.85 -25.02
CA LEU F 27 -13.47 -35.24 -26.25
C LEU F 27 -14.02 -35.94 -27.48
N ALA F 28 -14.12 -37.27 -27.41
CA ALA F 28 -14.64 -38.04 -28.52
C ALA F 28 -16.05 -37.59 -28.90
N VAL F 29 -16.90 -37.43 -27.89
CA VAL F 29 -18.28 -36.99 -28.12
C VAL F 29 -18.33 -35.54 -28.58
N ALA F 30 -17.57 -34.68 -27.91
CA ALA F 30 -17.54 -33.27 -28.25
C ALA F 30 -17.08 -33.06 -29.69
N VAL F 31 -15.99 -33.71 -30.06
CA VAL F 31 -15.46 -33.61 -31.42
C VAL F 31 -16.43 -34.18 -32.44
N TYR F 32 -16.98 -35.35 -32.15
CA TYR F 32 -17.94 -35.99 -33.05
C TYR F 32 -19.14 -35.08 -33.32
N ASN F 33 -19.72 -34.56 -32.25
CA ASN F 33 -20.87 -33.68 -32.37
C ASN F 33 -20.55 -32.39 -33.11
N HIS F 34 -19.31 -31.92 -32.97
CA HIS F 34 -18.88 -30.70 -33.63
C HIS F 34 -18.91 -30.84 -35.15
N TYR F 35 -18.29 -31.90 -35.66
CA TYR F 35 -18.24 -32.13 -37.10
C TYR F 35 -19.54 -32.75 -37.62
N LYS F 36 -20.28 -33.42 -36.74
CA LYS F 36 -21.58 -33.96 -37.11
C LYS F 36 -22.54 -32.79 -37.30
N ARG F 37 -22.14 -31.63 -36.77
CA ARG F 37 -22.90 -30.40 -36.93
C ARG F 37 -22.37 -29.58 -38.09
N LEU F 38 -21.04 -29.56 -38.24
CA LEU F 38 -20.42 -28.80 -39.32
C LEU F 38 -20.81 -29.36 -40.69
N ARG F 39 -20.77 -30.67 -40.84
CA ARG F 39 -21.15 -31.30 -42.11
C ARG F 39 -22.67 -31.29 -42.26
N ASN F 40 -23.33 -30.49 -41.43
CA ASN F 40 -24.78 -30.33 -41.48
C ASN F 40 -25.16 -28.87 -41.70
N GLY F 41 -24.16 -27.99 -41.62
CA GLY F 41 -24.41 -26.56 -41.71
C GLY F 41 -25.43 -26.13 -40.67
N ASP F 42 -25.23 -26.57 -39.44
CA ASP F 42 -26.17 -26.30 -38.36
C ASP F 42 -27.54 -26.89 -38.73
N THR F 43 -28.57 -26.05 -38.71
CA THR F 43 -29.92 -26.48 -39.06
C THR F 43 -30.56 -25.57 -40.10
N SER F 44 -31.32 -26.16 -41.01
CA SER F 44 -31.98 -25.40 -42.08
C SER F 44 -33.13 -24.55 -41.53
N VAL F 47 -33.69 -23.86 -36.01
CA VAL F 47 -33.31 -24.77 -34.93
C VAL F 47 -31.92 -24.42 -34.41
N GLU F 48 -31.62 -24.82 -33.17
CA GLU F 48 -30.33 -24.51 -32.56
C GLU F 48 -29.36 -25.69 -32.57
N LEU F 49 -28.23 -25.51 -31.91
CA LEU F 49 -27.20 -26.55 -31.83
C LEU F 49 -26.07 -26.10 -30.91
N GLY F 50 -25.57 -27.02 -30.10
CA GLY F 50 -24.51 -26.71 -29.15
C GLY F 50 -23.16 -26.51 -29.83
N LYS F 51 -22.53 -25.37 -29.57
CA LYS F 51 -21.23 -25.05 -30.15
C LYS F 51 -20.27 -26.23 -29.98
N SER F 52 -20.32 -26.83 -28.80
CA SER F 52 -19.56 -28.06 -28.52
C SER F 52 -18.07 -27.80 -28.28
N ASN F 53 -17.70 -26.54 -28.08
CA ASN F 53 -16.32 -26.21 -27.77
C ASN F 53 -15.84 -26.91 -26.50
N ILE F 54 -14.54 -26.92 -26.26
CA ILE F 54 -13.97 -27.70 -25.16
C ILE F 54 -13.04 -26.89 -24.27
N LEU F 55 -13.00 -27.25 -22.99
CA LEU F 55 -12.08 -26.65 -22.03
C LEU F 55 -11.31 -27.74 -21.29
N LEU F 56 -10.02 -27.86 -21.59
CA LEU F 56 -9.17 -28.85 -20.95
C LEU F 56 -8.59 -28.34 -19.63
N ILE F 57 -8.71 -29.15 -18.59
CA ILE F 57 -8.18 -28.80 -17.28
C ILE F 57 -7.34 -29.95 -16.72
N GLY F 58 -6.03 -29.78 -16.72
CA GLY F 58 -5.14 -30.82 -16.22
C GLY F 58 -3.75 -30.28 -15.89
N PRO F 59 -3.03 -30.99 -15.02
CA PRO F 59 -1.68 -30.61 -14.60
C PRO F 59 -0.75 -30.45 -15.79
N THR F 60 0.38 -29.77 -15.60
CA THR F 60 1.35 -29.56 -16.67
C THR F 60 2.04 -30.87 -17.05
N GLY F 61 1.87 -31.28 -18.31
CA GLY F 61 2.45 -32.51 -18.79
C GLY F 61 1.52 -33.69 -18.61
N SER F 62 0.21 -33.40 -18.55
CA SER F 62 -0.79 -34.44 -18.42
C SER F 62 -1.25 -34.94 -19.78
N GLY F 63 -0.94 -34.17 -20.82
CA GLY F 63 -1.25 -34.56 -22.17
C GLY F 63 -2.32 -33.71 -22.83
N LYS F 64 -2.55 -32.50 -22.29
CA LYS F 64 -3.55 -31.59 -22.84
C LYS F 64 -3.24 -31.26 -24.29
N THR F 65 -2.00 -30.83 -24.55
CA THR F 65 -1.59 -30.46 -25.90
C THR F 65 -1.56 -31.66 -26.82
N LEU F 66 -1.07 -32.79 -26.30
CA LEU F 66 -0.96 -34.00 -27.09
C LEU F 66 -2.33 -34.46 -27.59
N LEU F 67 -3.32 -34.39 -26.71
CA LEU F 67 -4.69 -34.79 -27.07
C LEU F 67 -5.24 -33.92 -28.19
N ALA F 68 -4.97 -32.62 -28.11
CA ALA F 68 -5.45 -31.67 -29.12
C ALA F 68 -4.90 -31.98 -30.51
N GLU F 69 -3.58 -32.19 -30.58
CA GLU F 69 -2.92 -32.50 -31.84
C GLU F 69 -3.46 -33.80 -32.44
N THR F 70 -3.60 -34.82 -31.60
CA THR F 70 -4.05 -36.12 -32.05
C THR F 70 -5.44 -36.06 -32.69
N LEU F 71 -6.35 -35.33 -32.04
CA LEU F 71 -7.70 -35.18 -32.55
C LEU F 71 -7.72 -34.58 -33.96
N ALA F 72 -6.71 -33.78 -34.27
CA ALA F 72 -6.60 -33.19 -35.59
C ALA F 72 -6.09 -34.19 -36.62
N ARG F 73 -5.06 -34.94 -36.24
CA ARG F 73 -4.48 -35.94 -37.13
C ARG F 73 -5.46 -37.07 -37.43
N LEU F 74 -6.28 -37.41 -36.44
CA LEU F 74 -7.26 -38.49 -36.60
C LEU F 74 -8.39 -38.08 -37.54
N LEU F 75 -8.49 -36.77 -37.81
CA LEU F 75 -9.53 -36.25 -38.69
C LEU F 75 -8.93 -35.48 -39.85
N ASP F 76 -7.65 -35.72 -40.14
CA ASP F 76 -6.94 -35.01 -41.20
C ASP F 76 -7.37 -33.54 -41.29
N VAL F 77 -7.42 -32.88 -40.14
CA VAL F 77 -7.88 -31.50 -40.05
C VAL F 77 -6.77 -30.56 -39.63
N PRO F 78 -6.66 -29.40 -40.29
CA PRO F 78 -5.65 -28.39 -39.99
C PRO F 78 -5.65 -28.00 -38.51
N PHE F 79 -4.50 -28.09 -37.86
CA PHE F 79 -4.39 -27.78 -36.45
C PHE F 79 -3.38 -26.66 -36.20
N THR F 80 -3.69 -25.82 -35.22
CA THR F 80 -2.78 -24.73 -34.87
C THR F 80 -2.89 -24.39 -33.39
N MET F 81 -1.75 -24.07 -32.78
CA MET F 81 -1.70 -23.73 -31.37
C MET F 81 -1.60 -22.23 -31.13
N ALA F 82 -1.64 -21.85 -29.87
CA ALA F 82 -1.53 -20.44 -29.48
C ALA F 82 -1.56 -20.33 -27.96
N ASP F 83 -0.64 -19.54 -27.42
CA ASP F 83 -0.56 -19.35 -25.98
C ASP F 83 -1.33 -18.12 -25.54
N ALA F 84 -2.17 -18.27 -24.51
CA ALA F 84 -2.93 -17.15 -23.99
C ALA F 84 -2.02 -16.13 -23.32
N THR F 85 -0.76 -16.51 -23.12
CA THR F 85 0.21 -15.62 -22.48
C THR F 85 0.72 -14.57 -23.47
N THR F 86 1.02 -15.00 -24.69
CA THR F 86 1.53 -14.10 -25.72
C THR F 86 0.41 -13.26 -26.33
N LEU F 87 -0.76 -13.26 -25.68
CA LEU F 87 -1.91 -12.51 -26.16
C LEU F 87 -2.29 -11.41 -25.18
N TYR F 92 -3.29 -3.68 -29.43
CA TYR F 92 -2.67 -4.20 -30.63
C TYR F 92 -2.80 -5.72 -30.72
N VAL F 93 -2.89 -6.36 -29.56
CA VAL F 93 -3.01 -7.82 -29.51
C VAL F 93 -4.37 -8.27 -30.03
N GLY F 94 -5.27 -7.32 -30.23
CA GLY F 94 -6.56 -7.59 -30.85
C GLY F 94 -6.37 -7.96 -32.32
N GLU F 95 -5.25 -7.51 -32.87
CA GLU F 95 -4.89 -7.86 -34.24
C GLU F 95 -3.87 -9.01 -34.25
N ASP F 96 -3.45 -9.42 -33.07
CA ASP F 96 -2.54 -10.56 -32.91
C ASP F 96 -3.34 -11.83 -32.66
N VAL F 97 -4.60 -11.66 -32.24
CA VAL F 97 -5.50 -12.79 -32.04
C VAL F 97 -5.99 -13.32 -33.37
N GLU F 98 -6.22 -12.41 -34.31
CA GLU F 98 -6.64 -12.79 -35.66
C GLU F 98 -5.51 -13.50 -36.39
N ASN F 99 -4.29 -13.36 -35.86
CA ASN F 99 -3.13 -14.03 -36.43
C ASN F 99 -3.25 -15.55 -36.33
N ILE F 100 -3.93 -16.01 -35.29
CA ILE F 100 -4.17 -17.43 -35.09
C ILE F 100 -4.92 -18.02 -36.29
N ILE F 101 -5.63 -17.16 -37.01
CA ILE F 101 -6.41 -17.60 -38.16
C ILE F 101 -5.54 -17.73 -39.42
N GLN F 102 -4.69 -16.74 -39.65
CA GLN F 102 -3.82 -16.77 -40.82
C GLN F 102 -2.83 -17.93 -40.74
N LYS F 103 -2.48 -18.32 -39.52
CA LYS F 103 -1.61 -19.47 -39.31
C LYS F 103 -2.38 -20.76 -39.57
N LEU F 104 -3.66 -20.76 -39.24
CA LEU F 104 -4.52 -21.90 -39.49
C LEU F 104 -4.70 -22.10 -41.00
N LEU F 105 -4.73 -21.00 -41.74
CA LEU F 105 -4.82 -21.04 -43.19
C LEU F 105 -3.50 -21.50 -43.80
N GLN F 106 -2.40 -21.06 -43.20
CA GLN F 106 -1.07 -21.43 -43.67
C GLN F 106 -0.93 -22.95 -43.75
N LYS F 107 -1.28 -23.62 -42.66
CA LYS F 107 -1.20 -25.07 -42.62
C LYS F 107 -2.41 -25.72 -43.28
N CYS F 108 -3.24 -24.90 -43.91
CA CYS F 108 -4.44 -25.38 -44.58
C CYS F 108 -4.38 -25.07 -46.08
N ASP F 109 -3.25 -24.51 -46.50
CA ASP F 109 -3.06 -24.12 -47.90
C ASP F 109 -4.08 -23.06 -48.33
N TYR F 110 -4.49 -22.23 -47.38
CA TYR F 110 -5.39 -21.12 -47.64
C TYR F 110 -6.72 -21.56 -48.24
N ASP F 111 -7.19 -22.74 -47.82
CA ASP F 111 -8.50 -23.23 -48.24
C ASP F 111 -9.55 -22.86 -47.20
N VAL F 112 -10.43 -21.93 -47.56
CA VAL F 112 -11.43 -21.40 -46.64
C VAL F 112 -12.29 -22.50 -46.01
N GLN F 113 -12.73 -23.45 -46.82
CA GLN F 113 -13.61 -24.51 -46.32
C GLN F 113 -12.90 -25.43 -45.33
N LYS F 114 -11.71 -25.91 -45.69
CA LYS F 114 -10.95 -26.79 -44.82
C LYS F 114 -10.47 -26.05 -43.57
N ALA F 115 -10.27 -24.74 -43.70
CA ALA F 115 -9.85 -23.92 -42.57
C ALA F 115 -10.96 -23.82 -41.54
N GLN F 116 -12.20 -23.76 -42.02
CA GLN F 116 -13.36 -23.69 -41.15
C GLN F 116 -13.57 -25.01 -40.41
N ARG F 117 -12.97 -26.08 -40.93
CA ARG F 117 -13.09 -27.39 -40.31
C ARG F 117 -11.93 -27.62 -39.34
N GLY F 118 -11.09 -26.60 -39.19
CA GLY F 118 -9.89 -26.71 -38.38
C GLY F 118 -10.12 -26.70 -36.88
N ILE F 119 -9.06 -26.98 -36.14
CA ILE F 119 -9.09 -26.99 -34.68
C ILE F 119 -8.03 -26.06 -34.11
N VAL F 120 -8.41 -25.24 -33.14
CA VAL F 120 -7.48 -24.30 -32.51
C VAL F 120 -7.34 -24.57 -31.03
N TYR F 121 -6.11 -24.71 -30.56
CA TYR F 121 -5.85 -24.97 -29.16
C TYR F 121 -5.15 -23.80 -28.49
N ILE F 122 -5.78 -23.25 -27.46
CA ILE F 122 -5.20 -22.15 -26.69
C ILE F 122 -4.71 -22.65 -25.34
N ASP F 123 -3.41 -22.63 -25.14
CA ASP F 123 -2.81 -23.12 -23.91
C ASP F 123 -2.73 -22.03 -22.85
N GLU F 124 -2.71 -22.43 -21.59
CA GLU F 124 -2.56 -21.51 -20.47
C GLU F 124 -3.66 -20.45 -20.42
N ILE F 125 -4.91 -20.91 -20.50
CA ILE F 125 -6.06 -20.02 -20.34
C ILE F 125 -6.18 -19.57 -18.90
N ASP F 126 -5.76 -20.44 -17.98
CA ASP F 126 -5.81 -20.16 -16.55
C ASP F 126 -4.89 -19.00 -16.16
N LYS F 127 -4.08 -18.53 -17.11
CA LYS F 127 -3.12 -17.46 -16.82
C LYS F 127 -3.71 -16.07 -17.08
N ILE F 128 -4.76 -16.01 -17.88
CA ILE F 128 -5.36 -14.73 -18.23
C ILE F 128 -6.58 -14.39 -17.36
N SER F 129 -6.78 -15.16 -16.29
CA SER F 129 -7.90 -14.94 -15.39
C SER F 129 -7.64 -13.75 -14.46
N ARG F 130 -8.42 -12.69 -14.63
CA ARG F 130 -8.28 -11.49 -13.81
C ARG F 130 -8.67 -11.76 -12.37
N LYS F 131 -7.73 -12.21 -11.57
CA LYS F 131 -7.98 -12.51 -10.16
C LYS F 131 -6.75 -12.21 -9.31
N SER F 142 -5.43 -6.32 -18.49
CA SER F 142 -5.10 -6.57 -19.89
C SER F 142 -5.41 -8.02 -20.27
N GLY F 143 -4.96 -8.94 -19.44
CA GLY F 143 -5.20 -10.36 -19.69
C GLY F 143 -6.69 -10.66 -19.69
N GLU F 144 -7.43 -9.87 -18.94
CA GLU F 144 -8.88 -10.02 -18.90
C GLU F 144 -9.49 -9.67 -20.25
N GLY F 145 -9.01 -8.59 -20.86
CA GLY F 145 -9.49 -8.16 -22.16
C GLY F 145 -9.24 -9.18 -23.26
N VAL F 146 -8.25 -10.05 -23.05
CA VAL F 146 -7.95 -11.12 -24.00
C VAL F 146 -9.09 -12.12 -24.05
N GLN F 147 -9.68 -12.39 -22.89
CA GLN F 147 -10.83 -13.29 -22.82
C GLN F 147 -11.94 -12.81 -23.75
N GLN F 148 -12.00 -11.50 -23.96
CA GLN F 148 -13.02 -10.90 -24.83
C GLN F 148 -12.59 -10.92 -26.30
N ALA F 149 -11.34 -10.56 -26.56
CA ALA F 149 -10.82 -10.58 -27.92
C ALA F 149 -10.84 -12.00 -28.48
N LEU F 150 -10.48 -12.95 -27.63
CA LEU F 150 -10.48 -14.36 -28.00
C LEU F 150 -11.91 -14.88 -28.04
N LEU F 151 -12.81 -14.16 -27.38
CA LEU F 151 -14.22 -14.53 -27.36
C LEU F 151 -14.87 -14.15 -28.68
N LYS F 152 -14.31 -13.15 -29.35
CA LYS F 152 -14.85 -12.67 -30.62
C LYS F 152 -14.73 -13.73 -31.69
N LEU F 153 -13.74 -14.62 -31.55
CA LEU F 153 -13.54 -15.71 -32.49
C LEU F 153 -14.52 -16.84 -32.24
N ILE F 154 -14.65 -17.23 -30.98
CA ILE F 154 -15.53 -18.32 -30.60
C ILE F 154 -16.94 -18.12 -31.13
N GLU F 155 -17.43 -16.88 -31.06
CA GLU F 155 -18.74 -16.53 -31.59
C GLU F 155 -18.73 -16.62 -33.12
N GLY F 156 -17.86 -15.84 -33.74
CA GLY F 156 -17.74 -15.84 -35.19
C GLY F 156 -18.03 -14.50 -35.81
N THR F 157 -17.12 -14.03 -36.67
CA THR F 157 -17.30 -12.75 -37.34
C THR F 157 -16.88 -12.84 -38.81
N PHE F 174 -7.87 -9.81 -44.48
CA PHE F 174 -9.07 -10.04 -45.27
C PHE F 174 -9.25 -11.53 -45.58
N LEU F 175 -9.40 -12.32 -44.53
CA LEU F 175 -9.51 -13.76 -44.67
C LEU F 175 -10.90 -14.20 -45.14
N GLN F 176 -11.92 -13.46 -44.72
CA GLN F 176 -13.31 -13.75 -45.08
C GLN F 176 -13.81 -15.06 -44.45
N VAL F 177 -12.93 -15.73 -43.71
CA VAL F 177 -13.29 -16.98 -43.04
C VAL F 177 -14.03 -16.71 -41.74
N ASP F 178 -15.08 -17.49 -41.47
CA ASP F 178 -15.87 -17.33 -40.24
C ASP F 178 -15.32 -18.20 -39.12
N THR F 179 -15.03 -17.57 -37.98
CA THR F 179 -14.44 -18.27 -36.85
C THR F 179 -15.48 -19.02 -36.03
N SER F 180 -16.63 -19.29 -36.64
CA SER F 180 -17.69 -20.01 -35.96
C SER F 180 -17.47 -21.52 -36.09
N LYS F 181 -17.24 -21.96 -37.33
CA LYS F 181 -17.16 -23.38 -37.68
C LYS F 181 -16.00 -24.10 -36.98
N ILE F 182 -14.90 -23.39 -36.77
CA ILE F 182 -13.71 -24.00 -36.19
C ILE F 182 -13.89 -24.37 -34.71
N LEU F 183 -13.37 -25.52 -34.35
CA LEU F 183 -13.45 -26.00 -32.97
C LEU F 183 -12.38 -25.37 -32.10
N PHE F 184 -12.78 -24.90 -30.92
CA PHE F 184 -11.85 -24.26 -29.99
C PHE F 184 -11.64 -25.08 -28.74
N ILE F 185 -10.39 -25.45 -28.49
CA ILE F 185 -10.03 -26.19 -27.29
C ILE F 185 -9.09 -25.37 -26.42
N CYS F 186 -9.55 -24.99 -25.23
CA CYS F 186 -8.75 -24.17 -24.33
C CYS F 186 -8.21 -24.98 -23.16
N GLY F 187 -6.88 -25.08 -23.09
CA GLY F 187 -6.23 -25.83 -22.03
C GLY F 187 -5.76 -24.95 -20.89
N GLY F 188 -5.31 -25.59 -19.82
CA GLY F 188 -4.84 -24.88 -18.64
C GLY F 188 -4.68 -25.79 -17.44
N ALA F 189 -3.78 -25.43 -16.53
CA ALA F 189 -3.52 -26.23 -15.34
C ALA F 189 -4.50 -25.89 -14.22
N PHE F 190 -4.85 -24.61 -14.12
CA PHE F 190 -5.77 -24.14 -13.08
C PHE F 190 -5.34 -24.62 -11.70
N ALA F 191 -4.29 -24.00 -11.16
CA ALA F 191 -3.75 -24.40 -9.86
C ALA F 191 -4.74 -24.19 -8.73
N GLY F 192 -5.27 -22.97 -8.64
CA GLY F 192 -6.17 -22.62 -7.55
C GLY F 192 -7.57 -23.21 -7.69
N LEU F 193 -7.88 -23.74 -8.87
CA LEU F 193 -9.20 -24.31 -9.13
C LEU F 193 -9.50 -25.47 -8.19
N ASP F 194 -8.46 -26.20 -7.81
CA ASP F 194 -8.62 -27.35 -6.92
C ASP F 194 -9.06 -26.90 -5.53
N LYS F 195 -8.84 -25.63 -5.23
CA LYS F 195 -9.16 -25.08 -3.92
C LYS F 195 -10.59 -24.55 -3.86
N VAL F 196 -10.97 -23.78 -4.87
CA VAL F 196 -12.30 -23.18 -4.92
C VAL F 196 -13.39 -24.24 -4.94
N ILE F 197 -13.15 -25.33 -5.67
CA ILE F 197 -14.09 -26.43 -5.73
C ILE F 197 -14.29 -27.06 -4.36
N SER F 198 -13.20 -27.15 -3.60
CA SER F 198 -13.24 -27.75 -2.27
C SER F 198 -14.02 -26.90 -1.29
N HIS F 199 -13.90 -25.58 -1.42
CA HIS F 199 -14.60 -24.64 -0.54
C HIS F 199 -16.09 -24.58 -0.87
N ARG F 200 -16.50 -25.30 -1.91
CA ARG F 200 -17.90 -25.28 -2.35
C ARG F 200 -18.61 -26.61 -2.09
N VAL F 201 -17.99 -27.69 -2.56
CA VAL F 201 -18.58 -29.02 -2.43
C VAL F 201 -18.55 -29.50 -0.98
N GLU F 202 -17.68 -28.88 -0.17
CA GLU F 202 -17.55 -29.25 1.23
C GLU F 202 -18.90 -29.28 1.96
N ALA F 220 -11.72 -36.01 -1.23
CA ALA F 220 -10.95 -37.06 -1.88
C ALA F 220 -9.73 -36.47 -2.59
N SER F 221 -9.31 -37.13 -3.67
CA SER F 221 -8.15 -36.68 -4.44
C SER F 221 -8.54 -35.58 -5.42
N GLU F 222 -7.53 -34.92 -5.99
CA GLU F 222 -7.76 -33.83 -6.93
C GLU F 222 -8.65 -34.27 -8.10
N GLY F 223 -8.45 -35.50 -8.57
CA GLY F 223 -9.23 -36.01 -9.68
C GLY F 223 -10.72 -36.08 -9.36
N GLU F 224 -11.03 -36.55 -8.16
CA GLU F 224 -12.42 -36.63 -7.72
C GLU F 224 -13.01 -35.24 -7.56
N LEU F 225 -12.17 -34.27 -7.20
CA LEU F 225 -12.61 -32.89 -7.00
C LEU F 225 -12.84 -32.17 -8.33
N LEU F 226 -11.95 -32.38 -9.28
CA LEU F 226 -12.05 -31.74 -10.59
C LEU F 226 -13.25 -32.28 -11.36
N ALA F 227 -13.78 -33.42 -10.93
CA ALA F 227 -14.97 -33.99 -11.55
C ALA F 227 -16.21 -33.20 -11.12
N GLN F 228 -16.14 -32.64 -9.91
CA GLN F 228 -17.23 -31.83 -9.38
C GLN F 228 -17.15 -30.39 -9.88
N VAL F 229 -16.27 -30.14 -10.84
CA VAL F 229 -16.07 -28.81 -11.38
C VAL F 229 -17.37 -28.25 -11.95
N GLU F 230 -17.60 -26.95 -11.72
CA GLU F 230 -18.80 -26.29 -12.20
C GLU F 230 -18.47 -24.93 -12.79
N PRO F 231 -19.30 -24.44 -13.73
CA PRO F 231 -19.09 -23.15 -14.39
C PRO F 231 -18.91 -22.02 -13.38
N GLU F 232 -19.54 -22.13 -12.22
CA GLU F 232 -19.44 -21.09 -11.20
C GLU F 232 -18.08 -21.12 -10.51
N ASP F 233 -17.45 -22.30 -10.50
CA ASP F 233 -16.13 -22.44 -9.91
C ASP F 233 -15.09 -21.69 -10.74
N LEU F 234 -15.22 -21.77 -12.06
CA LEU F 234 -14.34 -21.05 -12.96
C LEU F 234 -14.60 -19.55 -12.89
N ILE F 235 -15.81 -19.18 -12.51
CA ILE F 235 -16.18 -17.78 -12.33
C ILE F 235 -15.36 -17.15 -11.21
N LYS F 236 -15.38 -17.80 -10.05
CA LYS F 236 -14.63 -17.31 -8.90
C LYS F 236 -13.13 -17.38 -9.15
N PHE F 237 -12.73 -18.23 -10.09
CA PHE F 237 -11.31 -18.40 -10.41
C PHE F 237 -10.75 -17.21 -11.16
N GLY F 238 -11.57 -16.58 -11.99
CA GLY F 238 -11.15 -15.41 -12.74
C GLY F 238 -11.76 -15.31 -14.12
N LEU F 239 -12.32 -16.40 -14.61
CA LEU F 239 -12.95 -16.42 -15.93
C LEU F 239 -14.31 -15.73 -15.91
N ILE F 240 -14.57 -14.93 -16.94
CA ILE F 240 -15.82 -14.19 -17.06
C ILE F 240 -16.95 -15.11 -17.50
N PRO F 241 -18.19 -14.81 -17.08
CA PRO F 241 -19.37 -15.63 -17.39
C PRO F 241 -19.58 -15.82 -18.89
N GLU F 242 -19.50 -14.73 -19.64
CA GLU F 242 -19.75 -14.78 -21.08
C GLU F 242 -18.76 -15.69 -21.81
N PHE F 243 -17.59 -15.88 -21.21
CA PHE F 243 -16.55 -16.70 -21.82
C PHE F 243 -16.75 -18.19 -21.53
N ILE F 244 -17.08 -18.51 -20.28
CA ILE F 244 -17.28 -19.89 -19.86
C ILE F 244 -18.51 -20.49 -20.55
N GLY F 245 -19.51 -19.65 -20.80
CA GLY F 245 -20.71 -20.09 -21.49
C GLY F 245 -20.43 -20.50 -22.92
N ARG F 246 -19.25 -20.13 -23.42
CA ARG F 246 -18.84 -20.49 -24.77
C ARG F 246 -18.07 -21.81 -24.77
N LEU F 247 -17.70 -22.29 -23.58
CA LEU F 247 -17.03 -23.57 -23.43
C LEU F 247 -17.90 -24.56 -22.67
N PRO F 248 -18.86 -25.18 -23.37
CA PRO F 248 -19.83 -26.12 -22.78
C PRO F 248 -19.16 -27.38 -22.25
N VAL F 249 -18.52 -28.11 -23.16
CA VAL F 249 -17.85 -29.35 -22.80
C VAL F 249 -16.66 -29.06 -21.89
N VAL F 250 -16.51 -29.87 -20.85
CA VAL F 250 -15.38 -29.73 -19.94
C VAL F 250 -14.82 -31.09 -19.52
N ALA F 251 -13.59 -31.38 -19.94
CA ALA F 251 -12.93 -32.63 -19.61
C ALA F 251 -11.73 -32.37 -18.71
N THR F 252 -11.59 -33.19 -17.67
CA THR F 252 -10.49 -33.04 -16.72
C THR F 252 -9.49 -34.18 -16.84
N LEU F 253 -8.21 -33.84 -16.68
CA LEU F 253 -7.14 -34.83 -16.69
C LEU F 253 -6.61 -35.01 -15.27
N ASN F 254 -6.46 -36.26 -14.85
CA ASN F 254 -5.99 -36.55 -13.49
C ASN F 254 -4.60 -37.17 -13.46
N GLU F 255 -4.28 -37.97 -14.47
CA GLU F 255 -2.98 -38.63 -14.53
C GLU F 255 -1.99 -37.86 -15.42
N LEU F 256 -0.71 -37.97 -15.11
CA LEU F 256 0.33 -37.37 -15.92
C LEU F 256 0.73 -38.32 -17.04
N SER F 257 1.19 -37.76 -18.16
CA SER F 257 1.57 -38.57 -19.30
C SER F 257 3.09 -38.72 -19.42
N GLU F 258 3.57 -39.95 -19.35
CA GLU F 258 4.99 -40.23 -19.47
C GLU F 258 5.55 -39.64 -20.75
N GLU F 259 4.86 -39.89 -21.86
CA GLU F 259 5.29 -39.39 -23.17
C GLU F 259 5.23 -37.87 -23.23
N ALA F 260 4.32 -37.28 -22.46
CA ALA F 260 4.20 -35.82 -22.43
C ALA F 260 5.44 -35.21 -21.77
N LEU F 261 5.85 -35.80 -20.65
CA LEU F 261 7.04 -35.32 -19.94
C LEU F 261 8.31 -35.59 -20.74
N ILE F 262 8.37 -36.75 -21.37
CA ILE F 262 9.53 -37.11 -22.19
C ILE F 262 9.80 -36.05 -23.24
N GLN F 263 8.74 -35.54 -23.86
CA GLN F 263 8.87 -34.51 -24.88
C GLN F 263 9.32 -33.19 -24.29
N ILE F 264 8.79 -32.84 -23.12
CA ILE F 264 9.16 -31.60 -22.45
C ILE F 264 10.65 -31.58 -22.11
N LEU F 265 11.27 -32.75 -22.09
CA LEU F 265 12.69 -32.86 -21.81
C LEU F 265 13.52 -32.71 -23.08
N LYS F 266 12.87 -32.87 -24.23
CA LYS F 266 13.58 -32.89 -25.51
C LYS F 266 13.17 -31.75 -26.43
N GLU F 267 11.91 -31.79 -26.86
CA GLU F 267 11.42 -30.90 -27.92
C GLU F 267 11.58 -29.40 -27.66
N PRO F 268 11.12 -28.91 -26.50
CA PRO F 268 11.16 -27.47 -26.25
C PRO F 268 12.53 -26.87 -26.53
N LYS F 269 12.54 -25.67 -27.09
CA LYS F 269 13.79 -24.99 -27.44
C LYS F 269 14.68 -24.81 -26.21
N ASN F 270 14.07 -24.86 -25.03
CA ASN F 270 14.78 -24.68 -23.78
C ASN F 270 14.63 -25.90 -22.87
N ALA F 271 14.57 -27.09 -23.46
CA ALA F 271 14.40 -28.33 -22.72
C ALA F 271 15.62 -28.62 -21.85
N LEU F 272 15.41 -29.37 -20.76
CA LEU F 272 16.48 -29.66 -19.82
C LEU F 272 17.71 -30.27 -20.49
N THR F 273 17.49 -31.26 -21.34
CA THR F 273 18.58 -31.92 -22.03
C THR F 273 19.39 -30.91 -22.86
N LYS F 274 18.69 -30.02 -23.55
CA LYS F 274 19.34 -29.00 -24.37
C LYS F 274 20.20 -28.05 -23.54
N GLN F 275 19.82 -27.84 -22.29
CA GLN F 275 20.55 -26.94 -21.41
C GLN F 275 21.81 -27.60 -20.88
N TYR F 276 21.68 -28.83 -20.40
CA TYR F 276 22.83 -29.56 -19.88
C TYR F 276 23.82 -29.92 -20.99
N GLN F 277 23.30 -30.19 -22.18
CA GLN F 277 24.15 -30.50 -23.34
C GLN F 277 24.96 -29.28 -23.75
N ALA F 278 24.41 -28.10 -23.47
CA ALA F 278 25.10 -26.84 -23.78
C ALA F 278 26.12 -26.53 -22.69
N LEU F 279 25.80 -26.88 -21.45
CA LEU F 279 26.71 -26.67 -20.33
C LEU F 279 27.92 -27.59 -20.46
N PHE F 280 27.65 -28.87 -20.72
CA PHE F 280 28.72 -29.84 -20.97
C PHE F 280 29.46 -29.48 -22.26
N ASN F 281 28.75 -28.87 -23.19
CA ASN F 281 29.34 -28.48 -24.47
C ASN F 281 30.51 -27.52 -24.28
N LEU F 282 30.31 -26.50 -23.45
CA LEU F 282 31.38 -25.54 -23.17
C LEU F 282 32.43 -26.13 -22.23
N GLU F 283 32.31 -27.44 -21.99
CA GLU F 283 33.31 -28.18 -21.24
C GLU F 283 34.12 -29.05 -22.19
N GLY F 284 33.76 -29.01 -23.47
CA GLY F 284 34.40 -29.84 -24.48
C GLY F 284 33.92 -31.27 -24.41
N VAL F 285 32.85 -31.49 -23.65
CA VAL F 285 32.30 -32.83 -23.48
C VAL F 285 30.87 -32.90 -23.99
N ASP F 286 30.59 -33.88 -24.84
CA ASP F 286 29.25 -34.04 -25.39
C ASP F 286 28.36 -34.85 -24.45
N LEU F 287 27.21 -34.31 -24.11
CA LEU F 287 26.28 -35.01 -23.21
C LEU F 287 25.16 -35.68 -23.99
N GLU F 288 25.01 -36.99 -23.80
CA GLU F 288 24.03 -37.78 -24.53
C GLU F 288 23.01 -38.41 -23.59
N PHE F 289 21.73 -38.09 -23.80
CA PHE F 289 20.66 -38.69 -23.03
C PHE F 289 20.02 -39.83 -23.80
N ARG F 290 20.18 -41.05 -23.31
CA ARG F 290 19.53 -42.19 -23.94
C ARG F 290 18.03 -42.19 -23.67
N ASP F 291 17.27 -42.72 -24.62
CA ASP F 291 15.82 -42.74 -24.51
C ASP F 291 15.34 -43.45 -23.26
N GLU F 292 16.05 -44.49 -22.85
CA GLU F 292 15.70 -45.22 -21.65
C GLU F 292 15.88 -44.33 -20.41
N ALA F 293 16.77 -43.35 -20.52
CA ALA F 293 17.03 -42.44 -19.42
C ALA F 293 15.93 -41.38 -19.29
N LEU F 294 15.54 -40.80 -20.43
CA LEU F 294 14.49 -39.79 -20.45
C LEU F 294 13.19 -40.32 -19.90
N ASP F 295 12.83 -41.54 -20.31
CA ASP F 295 11.63 -42.20 -19.82
C ASP F 295 11.77 -42.47 -18.33
N ALA F 296 12.95 -42.88 -17.91
CA ALA F 296 13.21 -43.15 -16.50
C ALA F 296 13.03 -41.87 -15.68
N ILE F 297 13.35 -40.73 -16.28
CA ILE F 297 13.19 -39.44 -15.62
C ILE F 297 11.72 -39.09 -15.47
N ALA F 298 10.93 -39.41 -16.49
CA ALA F 298 9.50 -39.12 -16.47
C ALA F 298 8.78 -39.90 -15.38
N LYS F 299 9.19 -41.16 -15.20
CA LYS F 299 8.58 -42.01 -14.18
C LYS F 299 8.87 -41.50 -12.77
N LYS F 300 10.11 -41.08 -12.54
CA LYS F 300 10.50 -40.55 -11.25
C LYS F 300 9.74 -39.28 -10.91
N ALA F 301 9.30 -38.56 -11.94
CA ALA F 301 8.54 -37.32 -11.76
C ALA F 301 7.10 -37.60 -11.37
N MET F 302 6.51 -38.61 -11.99
CA MET F 302 5.12 -38.97 -11.72
C MET F 302 4.97 -39.60 -10.34
N ALA F 303 5.91 -40.46 -9.98
CA ALA F 303 5.88 -41.14 -8.69
C ALA F 303 5.94 -40.13 -7.54
N ARG F 304 6.42 -38.93 -7.85
CA ARG F 304 6.52 -37.89 -6.83
C ARG F 304 5.44 -36.83 -6.99
N LYS F 305 4.62 -36.99 -8.03
CA LYS F 305 3.49 -36.09 -8.27
C LYS F 305 3.94 -34.63 -8.41
N THR F 306 5.22 -34.43 -8.69
CA THR F 306 5.78 -33.08 -8.82
C THR F 306 5.57 -32.52 -10.23
N GLY F 307 5.04 -33.35 -11.12
CA GLY F 307 4.79 -32.93 -12.48
C GLY F 307 6.05 -32.57 -13.25
N ALA F 308 5.95 -31.56 -14.10
CA ALA F 308 7.08 -31.10 -14.89
C ALA F 308 8.01 -30.20 -14.08
N ARG F 309 7.48 -29.66 -12.98
CA ARG F 309 8.26 -28.79 -12.11
C ARG F 309 9.31 -29.58 -11.35
N GLY F 310 9.09 -30.90 -11.25
CA GLY F 310 10.01 -31.75 -10.52
C GLY F 310 10.96 -32.52 -11.41
N LEU F 311 11.07 -32.08 -12.67
CA LEU F 311 11.98 -32.71 -13.61
C LEU F 311 13.41 -32.22 -13.43
N ARG F 312 13.56 -30.92 -13.25
CA ARG F 312 14.87 -30.31 -13.07
C ARG F 312 15.58 -30.89 -11.84
N SER F 313 14.85 -31.02 -10.74
CA SER F 313 15.42 -31.53 -9.50
C SER F 313 15.95 -32.96 -9.67
N ILE F 314 15.37 -33.70 -10.60
CA ILE F 314 15.77 -35.07 -10.87
C ILE F 314 17.03 -35.14 -11.73
N VAL F 315 17.10 -34.25 -12.72
CA VAL F 315 18.25 -34.19 -13.61
C VAL F 315 19.48 -33.66 -12.87
N GLU F 316 19.27 -32.64 -12.04
CA GLU F 316 20.37 -32.04 -11.28
C GLU F 316 21.04 -33.06 -10.36
N ALA F 317 20.24 -33.87 -9.70
CA ALA F 317 20.76 -34.89 -8.79
C ALA F 317 21.52 -35.96 -9.55
N ALA F 318 21.17 -36.16 -10.81
CA ALA F 318 21.79 -37.20 -11.63
C ALA F 318 23.12 -36.77 -12.25
N LEU F 319 23.24 -35.47 -12.53
CA LEU F 319 24.45 -34.95 -13.18
C LEU F 319 25.30 -34.10 -12.24
N LEU F 320 24.93 -34.06 -10.96
CA LEU F 320 25.68 -33.27 -10.00
C LEU F 320 27.09 -33.81 -9.85
N ASP F 321 27.20 -35.07 -9.48
CA ASP F 321 28.50 -35.70 -9.26
C ASP F 321 29.39 -35.61 -10.51
N THR F 322 28.76 -35.62 -11.67
CA THR F 322 29.51 -35.53 -12.92
C THR F 322 30.04 -34.13 -13.18
N MET F 323 29.21 -33.12 -12.94
CA MET F 323 29.61 -31.73 -13.15
C MET F 323 30.63 -31.29 -12.11
N TYR F 324 30.71 -32.02 -11.00
CA TYR F 324 31.65 -31.68 -9.94
C TYR F 324 33.07 -32.04 -10.34
N ASP F 325 33.29 -33.28 -10.74
CA ASP F 325 34.62 -33.74 -11.13
C ASP F 325 34.79 -33.85 -12.64
N LEU F 326 34.06 -33.02 -13.38
CA LEU F 326 34.18 -32.98 -14.83
C LEU F 326 35.35 -32.10 -15.30
N PRO F 327 35.44 -30.87 -14.76
CA PRO F 327 36.54 -29.98 -15.13
C PRO F 327 37.89 -30.54 -14.68
N SER F 328 37.87 -31.66 -13.96
CA SER F 328 39.10 -32.27 -13.49
C SER F 328 39.43 -33.54 -14.28
N MET F 329 38.92 -33.61 -15.50
CA MET F 329 39.18 -34.76 -16.37
C MET F 329 39.45 -34.34 -17.82
N GLU F 330 39.61 -35.31 -18.70
CA GLU F 330 39.93 -35.04 -20.10
C GLU F 330 39.33 -36.09 -21.03
N ASP F 331 38.01 -36.21 -21.02
CA ASP F 331 37.33 -37.20 -21.85
C ASP F 331 36.57 -36.55 -23.01
N VAL F 332 35.91 -37.39 -23.81
CA VAL F 332 35.21 -36.93 -25.00
C VAL F 332 33.73 -36.64 -24.75
N GLU F 333 33.02 -37.63 -24.25
CA GLU F 333 31.59 -37.48 -23.99
C GLU F 333 31.11 -38.30 -22.79
N LYS F 334 30.01 -37.88 -22.19
CA LYS F 334 29.43 -38.58 -21.05
C LYS F 334 28.02 -39.04 -21.37
N VAL F 335 27.83 -40.36 -21.47
CA VAL F 335 26.53 -40.93 -21.81
C VAL F 335 25.67 -41.18 -20.57
N VAL F 336 24.45 -40.69 -20.60
CA VAL F 336 23.54 -40.88 -19.48
C VAL F 336 22.55 -42.02 -19.75
N ILE F 337 22.74 -43.11 -19.01
CA ILE F 337 21.90 -44.29 -19.14
C ILE F 337 20.75 -44.25 -18.14
N ASP F 338 19.89 -45.27 -18.19
CA ASP F 338 18.78 -45.36 -17.25
C ASP F 338 19.25 -45.77 -15.86
N GLU F 339 20.25 -46.64 -15.80
CA GLU F 339 20.78 -47.10 -14.53
C GLU F 339 21.31 -45.94 -13.70
N SER F 340 21.61 -44.83 -14.36
CA SER F 340 22.11 -43.63 -13.69
C SER F 340 20.99 -42.82 -13.07
N VAL F 341 19.79 -43.00 -13.61
CA VAL F 341 18.61 -42.27 -13.14
C VAL F 341 17.85 -43.06 -12.07
N ILE F 342 17.22 -44.14 -12.50
CA ILE F 342 16.42 -44.96 -11.60
C ILE F 342 17.22 -45.48 -10.42
N ASP F 343 18.21 -46.33 -10.71
CA ASP F 343 19.03 -46.92 -9.66
C ASP F 343 19.87 -45.87 -8.96
N GLY F 344 20.37 -44.90 -9.73
CA GLY F 344 21.22 -43.87 -9.19
C GLY F 344 22.48 -44.46 -8.56
N GLN F 345 22.70 -45.75 -8.83
CA GLN F 345 23.85 -46.44 -8.29
C GLN F 345 25.05 -46.30 -9.23
N SER F 346 24.84 -46.63 -10.50
CA SER F 346 25.91 -46.54 -11.49
C SER F 346 26.15 -45.10 -11.92
N GLU F 347 27.41 -44.78 -12.22
CA GLU F 347 27.78 -43.44 -12.67
C GLU F 347 27.61 -43.35 -14.19
N PRO F 348 27.38 -42.13 -14.72
CA PRO F 348 27.23 -41.92 -16.16
C PRO F 348 28.44 -42.41 -16.94
N LEU F 349 28.20 -43.10 -18.05
CA LEU F 349 29.29 -43.63 -18.85
C LEU F 349 30.18 -42.50 -19.36
N LEU F 350 31.47 -42.76 -19.41
CA LEU F 350 32.45 -41.78 -19.82
C LEU F 350 33.32 -42.37 -20.93
N ILE F 351 33.43 -41.65 -22.04
CA ILE F 351 34.22 -42.11 -23.16
C ILE F 351 35.49 -41.28 -23.30
N TYR F 352 36.63 -41.94 -23.25
CA TYR F 352 37.91 -41.23 -23.32
C TYR F 352 38.48 -41.27 -24.73
PB ADP G . 23.93 -17.56 8.54
O1B ADP G . 23.14 -16.53 9.33
O2B ADP G . 24.18 -17.15 7.11
O3B ADP G . 23.44 -18.98 8.69
PA ADP G . 26.26 -16.23 9.45
O1A ADP G . 27.10 -15.97 8.24
O2A ADP G . 25.37 -15.14 10.02
O3A ADP G . 25.40 -17.57 9.21
O5' ADP G . 27.26 -16.61 10.65
C5' ADP G . 27.80 -15.52 11.41
C4' ADP G . 29.14 -15.92 11.99
O4' ADP G . 29.18 -17.33 12.22
C3' ADP G . 30.28 -15.59 11.04
O3' ADP G . 31.02 -14.46 11.51
C2' ADP G . 31.17 -16.81 11.02
O2' ADP G . 32.45 -16.51 11.57
C1' ADP G . 30.47 -17.84 11.89
N9 ADP G . 30.30 -19.08 11.11
C8 ADP G . 29.14 -19.44 10.52
N7 ADP G . 29.29 -20.63 9.87
C5 ADP G . 30.55 -21.02 10.05
C6 ADP G . 31.36 -22.18 9.63
N6 ADP G . 30.81 -23.16 8.87
N1 ADP G . 32.65 -22.23 10.02
C2 ADP G . 33.20 -21.25 10.77
N3 ADP G . 32.53 -20.17 11.19
C4 ADP G . 31.22 -20.00 10.86
S SO4 H . 18.14 8.63 27.85
O1 SO4 H . 19.16 9.00 28.83
O2 SO4 H . 18.79 8.24 26.60
O3 SO4 H . 17.26 9.76 27.61
O4 SO4 H . 17.36 7.50 28.37
S SO4 I . 2.01 34.46 15.70
O1 SO4 I . 2.20 35.82 16.18
O2 SO4 I . 3.27 33.73 15.76
O3 SO4 I . 1.55 34.49 14.30
O4 SO4 I . 1.01 33.78 16.52
S SO4 J . -3.74 35.71 30.87
O1 SO4 J . -4.60 36.11 31.99
O2 SO4 J . -3.00 36.83 30.30
O3 SO4 J . -2.74 34.75 31.37
O4 SO4 J . -4.63 35.20 29.83
S SO4 K . -22.69 14.17 -6.86
O1 SO4 K . -23.19 14.87 -8.04
O2 SO4 K . -21.24 14.30 -6.80
O3 SO4 K . -23.05 12.76 -6.95
O4 SO4 K . -23.28 14.75 -5.66
S SO4 L . -28.51 -15.78 -15.07
O1 SO4 L . -29.57 -16.52 -15.76
O2 SO4 L . -28.20 -14.57 -15.83
O3 SO4 L . -27.31 -16.61 -14.98
O4 SO4 L . -28.97 -15.42 -13.73
S SO4 M . 0.45 -30.39 -21.46
O1 SO4 M . -0.15 -29.08 -21.71
O2 SO4 M . 0.17 -31.27 -22.58
O3 SO4 M . 1.89 -30.23 -21.30
O4 SO4 M . -0.12 -30.96 -20.24
#